data_2CKC
#
_entry.id   2CKC
#
_cell.length_a   1.000
_cell.length_b   1.000
_cell.length_c   1.000
_cell.angle_alpha   90.00
_cell.angle_beta   90.00
_cell.angle_gamma   90.00
#
_symmetry.space_group_name_H-M   'P 1'
#
_entity_poly.entity_id   1
_entity_poly.type   'polypeptide(L)'
_entity_poly.pdbx_seq_one_letter_code
;MGSSHHHHHHSSHMLVPRGSLDPDTRIPVINLEDGTRLVGEDAPKNKDLVEWLKLHPTYTVDMPSYVPKNADVLFSSFQK
;
_entity_poly.pdbx_strand_id   A
#
# COMPACT_ATOMS: atom_id res chain seq x y z
N LEU A 21 -7.79 4.36 7.72
CA LEU A 21 -6.39 4.75 7.61
C LEU A 21 -6.26 6.21 7.24
N ASP A 22 -5.11 6.79 7.52
CA ASP A 22 -4.83 8.18 7.19
C ASP A 22 -4.61 8.24 5.69
N PRO A 23 -4.94 9.34 5.03
CA PRO A 23 -4.60 9.52 3.61
C PRO A 23 -3.08 9.59 3.43
N ASP A 24 -2.40 9.82 4.54
CA ASP A 24 -0.95 9.90 4.59
C ASP A 24 -0.33 8.52 4.92
N THR A 25 -1.18 7.57 5.32
CA THR A 25 -0.70 6.23 5.64
C THR A 25 -0.02 5.62 4.43
N ARG A 26 1.18 5.14 4.63
CA ARG A 26 1.94 4.57 3.54
C ARG A 26 1.43 3.16 3.28
N ILE A 27 1.34 2.81 2.03
CA ILE A 27 0.80 1.54 1.62
C ILE A 27 1.91 0.72 0.94
N PRO A 28 2.43 -0.31 1.62
CA PRO A 28 3.51 -1.15 1.10
C PRO A 28 3.08 -2.00 -0.12
N VAL A 29 3.60 -1.63 -1.27
CA VAL A 29 3.27 -2.28 -2.52
C VAL A 29 4.54 -2.65 -3.29
N ILE A 30 4.38 -3.47 -4.29
CA ILE A 30 5.49 -3.90 -5.12
C ILE A 30 5.03 -4.05 -6.59
N ASN A 31 5.87 -3.63 -7.51
CA ASN A 31 5.60 -3.81 -8.94
C ASN A 31 6.34 -5.06 -9.33
N LEU A 32 5.65 -6.09 -9.73
CA LEU A 32 6.31 -7.39 -9.90
C LEU A 32 7.15 -7.43 -11.14
N GLU A 33 6.72 -6.73 -12.14
CA GLU A 33 7.41 -6.68 -13.39
C GLU A 33 8.76 -5.97 -13.29
N ASP A 34 8.77 -4.78 -12.73
CA ASP A 34 10.03 -4.03 -12.56
C ASP A 34 10.80 -4.53 -11.36
N GLY A 35 10.08 -5.10 -10.42
CA GLY A 35 10.68 -5.60 -9.22
C GLY A 35 10.91 -4.51 -8.21
N THR A 36 10.22 -3.40 -8.37
CA THR A 36 10.39 -2.31 -7.47
C THR A 36 9.47 -2.52 -6.28
N ARG A 37 9.97 -2.34 -5.11
CA ARG A 37 9.22 -2.56 -3.92
C ARG A 37 9.28 -1.35 -3.07
N LEU A 38 8.16 -0.94 -2.61
CA LEU A 38 8.04 0.27 -1.87
C LEU A 38 7.32 -0.01 -0.58
N VAL A 39 8.08 -0.11 0.48
CA VAL A 39 7.52 -0.38 1.79
C VAL A 39 7.99 0.69 2.75
N GLY A 40 7.30 0.82 3.87
CA GLY A 40 7.70 1.77 4.88
C GLY A 40 7.48 3.18 4.42
N GLU A 41 8.51 3.95 4.44
CA GLU A 41 8.43 5.34 4.07
C GLU A 41 8.56 5.53 2.56
N ASP A 42 9.06 4.52 1.88
CA ASP A 42 9.18 4.59 0.41
C ASP A 42 7.89 4.18 -0.25
N ALA A 43 7.00 3.65 0.55
CA ALA A 43 5.70 3.26 0.09
C ALA A 43 4.86 4.51 -0.21
N PRO A 44 4.00 4.44 -1.24
CA PRO A 44 3.14 5.57 -1.62
C PRO A 44 2.11 5.89 -0.53
N LYS A 45 1.62 7.09 -0.56
CA LYS A 45 0.64 7.56 0.40
C LYS A 45 -0.72 7.02 0.01
N ASN A 46 -1.58 6.82 0.97
CA ASN A 46 -2.91 6.27 0.76
C ASN A 46 -3.76 7.14 -0.18
N LYS A 47 -3.50 8.43 -0.17
CA LYS A 47 -4.19 9.33 -1.05
C LYS A 47 -3.73 9.11 -2.52
N ASP A 48 -2.43 8.93 -2.71
CA ASP A 48 -1.83 8.76 -4.05
C ASP A 48 -1.95 7.33 -4.52
N LEU A 49 -2.26 6.45 -3.58
CA LEU A 49 -2.38 5.01 -3.78
C LEU A 49 -3.21 4.68 -5.00
N VAL A 50 -4.39 5.24 -5.08
CA VAL A 50 -5.29 4.95 -6.20
C VAL A 50 -4.72 5.41 -7.55
N GLU A 51 -3.99 6.50 -7.53
CA GLU A 51 -3.40 7.05 -8.72
C GLU A 51 -2.22 6.22 -9.16
N TRP A 52 -1.41 5.83 -8.21
CA TRP A 52 -0.23 4.99 -8.45
C TRP A 52 -0.67 3.66 -9.07
N LEU A 53 -1.80 3.17 -8.58
CA LEU A 53 -2.40 1.90 -9.04
C LEU A 53 -2.80 1.95 -10.49
N LYS A 54 -3.27 3.09 -10.92
CA LYS A 54 -3.65 3.25 -12.30
C LYS A 54 -2.43 3.34 -13.20
N LEU A 55 -1.33 3.82 -12.65
CA LEU A 55 -0.10 3.87 -13.38
C LEU A 55 0.60 2.51 -13.39
N HIS A 56 0.28 1.67 -12.43
CA HIS A 56 0.87 0.34 -12.34
C HIS A 56 -0.18 -0.75 -12.23
N PRO A 57 -0.74 -1.20 -13.36
CA PRO A 57 -1.71 -2.31 -13.37
C PRO A 57 -1.01 -3.67 -13.15
N THR A 58 0.29 -3.62 -13.12
CA THR A 58 1.13 -4.79 -12.94
C THR A 58 1.66 -4.84 -11.50
N TYR A 59 1.07 -4.06 -10.62
CA TYR A 59 1.53 -4.00 -9.27
C TYR A 59 0.82 -5.06 -8.42
N THR A 60 1.30 -5.26 -7.23
CA THR A 60 0.71 -6.11 -6.27
C THR A 60 0.96 -5.48 -4.88
N VAL A 61 0.00 -5.60 -3.98
CA VAL A 61 0.20 -5.10 -2.63
C VAL A 61 1.13 -6.07 -1.91
N ASP A 62 2.15 -5.54 -1.25
CA ASP A 62 3.15 -6.38 -0.62
C ASP A 62 2.62 -6.91 0.70
N MET A 63 2.03 -6.04 1.47
CA MET A 63 1.42 -6.42 2.72
C MET A 63 -0.05 -6.02 2.71
N PRO A 64 -0.97 -6.99 2.50
CA PRO A 64 -2.42 -6.71 2.37
C PRO A 64 -3.13 -6.46 3.71
N SER A 65 -2.43 -6.61 4.78
CA SER A 65 -3.00 -6.42 6.09
C SER A 65 -2.35 -5.22 6.74
N TYR A 66 -3.14 -4.20 7.02
CA TYR A 66 -2.63 -3.00 7.64
C TYR A 66 -2.61 -3.13 9.17
N VAL A 67 -3.69 -2.82 9.81
CA VAL A 67 -3.82 -2.95 11.23
C VAL A 67 -5.23 -3.41 11.56
N PRO A 68 -5.38 -4.66 12.01
CA PRO A 68 -6.67 -5.21 12.42
C PRO A 68 -7.21 -4.41 13.61
N LYS A 69 -8.29 -3.70 13.42
CA LYS A 69 -8.80 -2.83 14.45
C LYS A 69 -10.31 -2.93 14.64
N ASN A 70 -10.76 -2.30 15.73
CA ASN A 70 -12.17 -2.07 16.10
C ASN A 70 -13.12 -3.25 15.86
N ALA A 71 -13.84 -3.24 14.76
CA ALA A 71 -14.78 -4.29 14.47
C ALA A 71 -14.57 -4.80 13.08
N ASP A 72 -13.45 -4.41 12.50
CA ASP A 72 -13.11 -4.78 11.12
C ASP A 72 -12.66 -6.23 11.09
N VAL A 73 -12.37 -6.74 12.26
CA VAL A 73 -11.93 -8.09 12.44
C VAL A 73 -13.10 -9.06 12.58
N LEU A 74 -14.30 -8.54 12.73
CA LEU A 74 -15.47 -9.39 12.78
C LEU A 74 -16.06 -9.46 11.40
N PHE A 75 -16.28 -10.66 10.90
CA PHE A 75 -16.79 -10.91 9.55
C PHE A 75 -15.81 -10.38 8.51
N SER A 76 -16.22 -10.37 7.28
CA SER A 76 -15.43 -9.82 6.22
C SER A 76 -16.36 -9.10 5.24
N SER A 77 -17.48 -8.67 5.77
CA SER A 77 -18.46 -7.98 4.99
C SER A 77 -18.15 -6.49 5.00
N PHE A 78 -17.38 -6.07 4.04
CA PHE A 78 -17.00 -4.69 3.94
C PHE A 78 -18.03 -3.90 3.18
N GLN A 79 -19.04 -3.50 3.92
CA GLN A 79 -20.11 -2.67 3.40
C GLN A 79 -19.62 -1.25 3.49
N LYS A 80 -19.04 -0.94 4.61
CA LYS A 80 -18.42 0.33 4.89
C LYS A 80 -16.98 0.05 5.22
N LEU A 21 -8.51 4.10 6.11
CA LEU A 21 -7.18 4.47 5.68
C LEU A 21 -7.08 5.96 5.76
N ASP A 22 -6.00 6.46 6.29
CA ASP A 22 -5.79 7.90 6.35
C ASP A 22 -5.00 8.26 5.12
N PRO A 23 -5.11 9.48 4.58
CA PRO A 23 -4.32 9.90 3.41
C PRO A 23 -2.80 9.77 3.66
N ASP A 24 -2.42 9.92 4.93
CA ASP A 24 -1.02 9.86 5.35
C ASP A 24 -0.55 8.43 5.57
N THR A 25 -1.48 7.48 5.60
CA THR A 25 -1.15 6.09 5.80
C THR A 25 -0.35 5.58 4.61
N ARG A 26 0.70 4.84 4.86
CA ARG A 26 1.50 4.29 3.80
C ARG A 26 0.95 2.97 3.38
N ILE A 27 1.02 2.69 2.12
CA ILE A 27 0.57 1.45 1.61
C ILE A 27 1.76 0.76 0.94
N PRO A 28 2.39 -0.19 1.64
CA PRO A 28 3.51 -0.94 1.11
C PRO A 28 3.08 -1.87 -0.03
N VAL A 29 3.58 -1.59 -1.20
CA VAL A 29 3.24 -2.30 -2.41
C VAL A 29 4.50 -2.66 -3.17
N ILE A 30 4.38 -3.61 -4.06
CA ILE A 30 5.48 -4.02 -4.84
C ILE A 30 5.09 -4.15 -6.33
N ASN A 31 6.00 -3.76 -7.14
CA ASN A 31 5.91 -3.75 -8.58
C ASN A 31 6.59 -4.97 -9.13
N LEU A 32 5.86 -5.74 -9.84
CA LEU A 32 6.38 -6.96 -10.40
C LEU A 32 7.05 -6.73 -11.76
N GLU A 33 6.59 -5.71 -12.48
CA GLU A 33 7.10 -5.39 -13.83
C GLU A 33 8.60 -5.14 -13.82
N ASP A 34 9.05 -4.37 -12.87
CA ASP A 34 10.47 -4.03 -12.73
C ASP A 34 11.10 -4.80 -11.60
N GLY A 35 10.36 -4.89 -10.52
CA GLY A 35 10.87 -5.53 -9.34
C GLY A 35 11.04 -4.52 -8.24
N THR A 36 10.48 -3.34 -8.44
CA THR A 36 10.50 -2.29 -7.50
C THR A 36 9.64 -2.68 -6.27
N ARG A 37 10.00 -2.22 -5.09
CA ARG A 37 9.30 -2.58 -3.87
C ARG A 37 9.32 -1.38 -3.01
N LEU A 38 8.18 -0.97 -2.56
CA LEU A 38 8.07 0.25 -1.81
C LEU A 38 7.40 -0.04 -0.50
N VAL A 39 8.15 0.06 0.56
CA VAL A 39 7.63 -0.22 1.89
C VAL A 39 8.05 0.91 2.83
N GLY A 40 7.24 1.19 3.84
CA GLY A 40 7.53 2.26 4.77
C GLY A 40 7.23 3.62 4.15
N GLU A 41 8.16 4.55 4.29
CA GLU A 41 8.03 5.90 3.73
C GLU A 41 8.31 5.86 2.22
N ASP A 42 8.92 4.78 1.80
CA ASP A 42 9.20 4.53 0.38
C ASP A 42 7.91 4.22 -0.32
N ALA A 43 6.99 3.66 0.44
CA ALA A 43 5.69 3.26 -0.04
C ALA A 43 4.83 4.48 -0.26
N PRO A 44 4.06 4.50 -1.35
CA PRO A 44 3.18 5.62 -1.64
C PRO A 44 2.12 5.76 -0.56
N LYS A 45 1.77 6.98 -0.26
CA LYS A 45 0.73 7.27 0.69
C LYS A 45 -0.59 6.87 0.09
N ASN A 46 -1.55 6.63 0.94
CA ASN A 46 -2.91 6.25 0.56
C ASN A 46 -3.50 7.24 -0.45
N LYS A 47 -3.21 8.51 -0.23
CA LYS A 47 -3.68 9.58 -1.11
C LYS A 47 -3.15 9.44 -2.55
N ASP A 48 -2.02 8.78 -2.70
CA ASP A 48 -1.41 8.58 -4.01
C ASP A 48 -1.53 7.16 -4.48
N LEU A 49 -2.12 6.31 -3.66
CA LEU A 49 -2.22 4.89 -3.96
C LEU A 49 -3.00 4.68 -5.26
N VAL A 50 -4.16 5.28 -5.34
CA VAL A 50 -5.02 5.14 -6.52
C VAL A 50 -4.32 5.60 -7.80
N GLU A 51 -3.50 6.63 -7.68
CA GLU A 51 -2.76 7.20 -8.79
C GLU A 51 -1.69 6.22 -9.23
N TRP A 52 -0.95 5.69 -8.26
CA TRP A 52 0.14 4.75 -8.52
C TRP A 52 -0.44 3.49 -9.18
N LEU A 53 -1.63 3.13 -8.76
CA LEU A 53 -2.37 1.97 -9.31
C LEU A 53 -2.76 2.20 -10.75
N LYS A 54 -3.06 3.42 -11.10
CA LYS A 54 -3.38 3.75 -12.49
C LYS A 54 -2.19 3.47 -13.39
N LEU A 55 -0.99 3.70 -12.86
CA LEU A 55 0.23 3.40 -13.57
C LEU A 55 0.60 1.94 -13.47
N HIS A 56 0.27 1.32 -12.35
CA HIS A 56 0.60 -0.08 -12.14
C HIS A 56 -0.61 -0.94 -11.78
N PRO A 57 -1.43 -1.34 -12.76
CA PRO A 57 -2.54 -2.28 -12.50
C PRO A 57 -1.99 -3.70 -12.35
N THR A 58 -0.75 -3.81 -12.72
CA THR A 58 0.04 -4.99 -12.71
C THR A 58 0.81 -5.13 -11.39
N TYR A 59 0.46 -4.32 -10.42
CA TYR A 59 1.20 -4.29 -9.18
C TYR A 59 0.67 -5.38 -8.24
N THR A 60 1.30 -5.52 -7.12
CA THR A 60 0.86 -6.44 -6.11
C THR A 60 1.07 -5.77 -4.74
N VAL A 61 0.10 -5.90 -3.87
CA VAL A 61 0.24 -5.36 -2.54
C VAL A 61 1.19 -6.26 -1.75
N ASP A 62 2.18 -5.66 -1.14
CA ASP A 62 3.23 -6.39 -0.43
C ASP A 62 2.69 -6.96 0.87
N MET A 63 1.68 -6.31 1.39
CA MET A 63 1.03 -6.73 2.61
C MET A 63 0.04 -7.85 2.31
N PRO A 64 0.07 -8.95 3.09
CA PRO A 64 -0.96 -10.00 3.01
C PRO A 64 -2.20 -9.61 3.83
N SER A 65 -2.04 -8.59 4.62
CA SER A 65 -3.07 -8.04 5.46
C SER A 65 -3.24 -6.58 5.04
N TYR A 66 -4.01 -5.81 5.76
CA TYR A 66 -4.07 -4.40 5.47
C TYR A 66 -3.23 -3.66 6.51
N VAL A 67 -3.36 -2.36 6.57
CA VAL A 67 -2.59 -1.59 7.51
C VAL A 67 -3.10 -1.85 8.95
N PRO A 68 -2.22 -1.84 9.94
CA PRO A 68 -2.62 -2.06 11.30
C PRO A 68 -3.32 -0.83 11.88
N LYS A 69 -4.61 -0.80 11.72
CA LYS A 69 -5.43 0.25 12.22
C LYS A 69 -6.58 -0.32 13.01
N ASN A 70 -6.43 -0.38 14.28
CA ASN A 70 -7.51 -0.78 15.11
C ASN A 70 -7.86 0.39 15.96
N ALA A 71 -8.60 1.28 15.36
CA ALA A 71 -8.95 2.52 15.98
C ALA A 71 -10.23 2.38 16.74
N ASP A 72 -10.12 1.74 17.86
CA ASP A 72 -11.24 1.50 18.72
C ASP A 72 -10.77 1.43 20.15
N VAL A 73 -11.17 2.41 20.93
CA VAL A 73 -10.82 2.45 22.34
C VAL A 73 -11.70 3.42 23.11
N LEU A 74 -11.80 4.66 22.65
CA LEU A 74 -12.62 5.62 23.35
C LEU A 74 -13.23 6.60 22.36
N PHE A 75 -12.43 7.51 21.82
CA PHE A 75 -12.93 8.51 20.87
C PHE A 75 -13.18 7.84 19.54
N SER A 76 -12.21 7.06 19.13
CA SER A 76 -12.35 6.23 17.99
C SER A 76 -13.16 5.02 18.44
N SER A 77 -14.34 4.87 17.91
CA SER A 77 -15.23 3.84 18.35
C SER A 77 -15.71 3.00 17.19
N PHE A 78 -15.43 1.74 17.26
CA PHE A 78 -15.89 0.81 16.29
C PHE A 78 -16.74 -0.23 16.99
N GLN A 79 -16.38 -0.56 18.22
CA GLN A 79 -17.14 -1.49 19.01
C GLN A 79 -18.07 -0.71 19.93
N LYS A 80 -19.01 -0.07 19.34
CA LYS A 80 -19.99 0.68 20.07
C LYS A 80 -21.23 -0.17 20.11
N LEU A 21 -8.41 4.99 6.40
CA LEU A 21 -7.08 5.13 6.93
C LEU A 21 -6.72 6.59 6.78
N ASP A 22 -5.54 6.97 7.15
CA ASP A 22 -5.11 8.33 6.92
C ASP A 22 -4.72 8.44 5.48
N PRO A 23 -4.80 9.62 4.88
CA PRO A 23 -4.36 9.80 3.50
C PRO A 23 -2.83 9.67 3.39
N ASP A 24 -2.17 9.84 4.53
CA ASP A 24 -0.72 9.76 4.63
C ASP A 24 -0.27 8.32 4.96
N THR A 25 -1.23 7.44 5.28
CA THR A 25 -0.92 6.04 5.56
C THR A 25 -0.20 5.42 4.37
N ARG A 26 0.87 4.73 4.64
CA ARG A 26 1.70 4.20 3.61
C ARG A 26 1.28 2.78 3.26
N ILE A 27 1.19 2.53 1.99
CA ILE A 27 0.73 1.26 1.49
C ILE A 27 1.90 0.55 0.81
N PRO A 28 2.48 -0.47 1.46
CA PRO A 28 3.60 -1.23 0.91
C PRO A 28 3.22 -2.07 -0.32
N VAL A 29 3.68 -1.66 -1.47
CA VAL A 29 3.34 -2.30 -2.72
C VAL A 29 4.60 -2.60 -3.53
N ILE A 30 4.48 -3.54 -4.44
CA ILE A 30 5.56 -3.96 -5.30
C ILE A 30 5.05 -4.12 -6.74
N ASN A 31 5.82 -3.69 -7.71
CA ASN A 31 5.46 -3.90 -9.11
C ASN A 31 6.12 -5.17 -9.52
N LEU A 32 5.35 -6.19 -9.82
CA LEU A 32 5.91 -7.50 -10.15
C LEU A 32 6.70 -7.51 -11.45
N GLU A 33 6.45 -6.54 -12.30
CA GLU A 33 7.18 -6.48 -13.56
C GLU A 33 8.58 -5.89 -13.37
N ASP A 34 8.67 -4.77 -12.67
CA ASP A 34 9.98 -4.13 -12.46
C ASP A 34 10.73 -4.75 -11.32
N GLY A 35 9.99 -5.10 -10.29
CA GLY A 35 10.60 -5.58 -9.09
C GLY A 35 10.78 -4.45 -8.10
N THR A 36 10.26 -3.28 -8.46
CA THR A 36 10.33 -2.12 -7.61
C THR A 36 9.36 -2.34 -6.46
N ARG A 37 9.73 -1.94 -5.30
CA ARG A 37 8.91 -2.12 -4.16
C ARG A 37 9.05 -0.96 -3.26
N LEU A 38 7.93 -0.50 -2.82
CA LEU A 38 7.85 0.65 -2.00
C LEU A 38 7.17 0.27 -0.73
N VAL A 39 7.95 0.16 0.30
CA VAL A 39 7.48 -0.24 1.59
C VAL A 39 7.95 0.77 2.63
N GLY A 40 7.36 0.74 3.80
CA GLY A 40 7.80 1.59 4.88
C GLY A 40 7.45 3.03 4.65
N GLU A 41 8.45 3.87 4.66
CA GLU A 41 8.26 5.29 4.46
C GLU A 41 8.30 5.61 2.96
N ASP A 42 8.84 4.67 2.20
CA ASP A 42 9.00 4.82 0.76
C ASP A 42 7.75 4.40 0.04
N ALA A 43 6.86 3.78 0.78
CA ALA A 43 5.60 3.34 0.26
C ALA A 43 4.71 4.54 -0.08
N PRO A 44 3.89 4.42 -1.12
CA PRO A 44 3.00 5.49 -1.53
C PRO A 44 1.95 5.83 -0.46
N LYS A 45 1.56 7.08 -0.45
CA LYS A 45 0.54 7.57 0.44
C LYS A 45 -0.80 7.08 -0.04
N ASN A 46 -1.66 6.74 0.89
CA ASN A 46 -3.02 6.24 0.65
C ASN A 46 -3.83 7.16 -0.27
N LYS A 47 -3.60 8.46 -0.15
CA LYS A 47 -4.27 9.43 -1.01
C LYS A 47 -3.81 9.32 -2.47
N ASP A 48 -2.55 9.08 -2.65
CA ASP A 48 -1.95 8.99 -3.99
C ASP A 48 -1.80 7.54 -4.42
N LEU A 49 -2.40 6.63 -3.64
CA LEU A 49 -2.35 5.21 -3.90
C LEU A 49 -3.02 4.92 -5.22
N VAL A 50 -4.21 5.49 -5.40
CA VAL A 50 -4.99 5.29 -6.61
C VAL A 50 -4.20 5.69 -7.86
N GLU A 51 -3.43 6.75 -7.73
CA GLU A 51 -2.60 7.28 -8.80
C GLU A 51 -1.53 6.29 -9.20
N TRP A 52 -0.89 5.70 -8.21
CA TRP A 52 0.18 4.74 -8.45
C TRP A 52 -0.41 3.49 -9.10
N LEU A 53 -1.61 3.15 -8.68
CA LEU A 53 -2.36 2.00 -9.22
C LEU A 53 -2.77 2.22 -10.66
N LYS A 54 -3.05 3.47 -11.01
CA LYS A 54 -3.35 3.84 -12.40
C LYS A 54 -2.13 3.65 -13.28
N LEU A 55 -0.98 3.75 -12.67
CA LEU A 55 0.26 3.63 -13.38
C LEU A 55 0.74 2.20 -13.40
N HIS A 56 0.41 1.43 -12.38
CA HIS A 56 0.88 0.07 -12.27
C HIS A 56 -0.25 -0.91 -12.06
N PRO A 57 -0.91 -1.35 -13.14
CA PRO A 57 -1.98 -2.35 -13.04
C PRO A 57 -1.42 -3.75 -12.75
N THR A 58 -0.11 -3.87 -12.88
CA THR A 58 0.61 -5.11 -12.67
C THR A 58 1.25 -5.12 -11.28
N TYR A 59 0.76 -4.28 -10.40
CA TYR A 59 1.35 -4.18 -9.10
C TYR A 59 0.72 -5.23 -8.18
N THR A 60 1.27 -5.39 -7.03
CA THR A 60 0.75 -6.25 -6.02
C THR A 60 1.08 -5.64 -4.65
N VAL A 61 0.18 -5.77 -3.72
CA VAL A 61 0.42 -5.28 -2.38
C VAL A 61 1.39 -6.25 -1.70
N ASP A 62 2.50 -5.73 -1.22
CA ASP A 62 3.52 -6.57 -0.62
C ASP A 62 3.05 -7.04 0.74
N MET A 63 2.65 -6.10 1.56
CA MET A 63 2.11 -6.39 2.87
C MET A 63 0.75 -5.80 2.99
N PRO A 64 -0.28 -6.62 3.28
CA PRO A 64 -1.65 -6.14 3.51
C PRO A 64 -1.67 -5.05 4.60
N SER A 65 -0.76 -5.20 5.58
CA SER A 65 -0.53 -4.25 6.68
C SER A 65 -1.74 -4.03 7.61
N TYR A 66 -2.78 -3.43 7.10
CA TYR A 66 -3.94 -3.12 7.88
C TYR A 66 -4.95 -4.27 7.83
N VAL A 67 -5.70 -4.33 6.77
CA VAL A 67 -6.66 -5.36 6.51
C VAL A 67 -6.56 -5.61 5.02
N PRO A 68 -6.42 -6.85 4.60
CA PRO A 68 -6.39 -7.17 3.19
C PRO A 68 -7.78 -7.00 2.56
N LYS A 69 -7.96 -5.94 1.83
CA LYS A 69 -9.24 -5.65 1.24
C LYS A 69 -9.26 -5.96 -0.23
N ASN A 70 -10.37 -6.50 -0.66
CA ASN A 70 -10.58 -6.95 -2.02
C ASN A 70 -11.55 -6.01 -2.72
N ALA A 71 -12.75 -6.08 -2.29
CA ALA A 71 -13.83 -5.23 -2.72
C ALA A 71 -14.65 -4.94 -1.52
N ASP A 72 -14.82 -6.00 -0.74
CA ASP A 72 -15.44 -5.99 0.58
C ASP A 72 -16.89 -5.58 0.57
N VAL A 73 -17.48 -5.70 -0.58
CA VAL A 73 -18.88 -5.53 -0.75
C VAL A 73 -19.44 -6.91 -1.01
N LEU A 74 -20.65 -7.15 -0.59
CA LEU A 74 -21.24 -8.46 -0.77
C LEU A 74 -21.74 -8.61 -2.21
N PHE A 75 -20.82 -8.88 -3.10
CA PHE A 75 -21.12 -9.10 -4.48
C PHE A 75 -21.07 -10.60 -4.74
N SER A 76 -19.88 -11.14 -4.82
CA SER A 76 -19.70 -12.54 -5.00
C SER A 76 -19.36 -13.15 -3.63
N SER A 77 -20.25 -14.01 -3.16
CA SER A 77 -20.05 -14.68 -1.89
C SER A 77 -18.80 -15.56 -1.97
N PHE A 78 -18.70 -16.29 -3.05
CA PHE A 78 -17.58 -17.15 -3.30
C PHE A 78 -16.85 -16.57 -4.51
N GLN A 79 -15.52 -16.65 -4.48
CA GLN A 79 -14.64 -16.10 -5.51
C GLN A 79 -14.68 -14.60 -5.58
N LYS A 80 -13.92 -14.00 -4.74
CA LYS A 80 -13.76 -12.58 -4.71
C LYS A 80 -12.28 -12.28 -4.85
N LEU A 21 -8.79 4.80 6.62
CA LEU A 21 -7.35 4.76 6.70
C LEU A 21 -6.89 6.15 6.37
N ASP A 22 -5.95 6.68 7.12
CA ASP A 22 -5.54 8.06 6.91
C ASP A 22 -4.77 8.20 5.62
N PRO A 23 -5.01 9.28 4.86
CA PRO A 23 -4.28 9.59 3.63
C PRO A 23 -2.75 9.59 3.81
N ASP A 24 -2.27 9.78 5.04
CA ASP A 24 -0.82 9.81 5.31
C ASP A 24 -0.26 8.41 5.39
N THR A 25 -1.11 7.48 5.80
CA THR A 25 -0.72 6.10 6.01
C THR A 25 -0.21 5.50 4.71
N ARG A 26 0.88 4.78 4.81
CA ARG A 26 1.55 4.25 3.65
C ARG A 26 1.05 2.87 3.31
N ILE A 27 1.03 2.57 2.04
CA ILE A 27 0.60 1.28 1.55
C ILE A 27 1.80 0.58 0.92
N PRO A 28 2.38 -0.41 1.62
CA PRO A 28 3.51 -1.15 1.10
C PRO A 28 3.17 -2.03 -0.11
N VAL A 29 3.41 -1.51 -1.29
CA VAL A 29 3.10 -2.19 -2.53
C VAL A 29 4.37 -2.51 -3.31
N ILE A 30 4.23 -3.31 -4.34
CA ILE A 30 5.34 -3.69 -5.14
C ILE A 30 4.90 -3.89 -6.60
N ASN A 31 5.78 -3.59 -7.53
CA ASN A 31 5.56 -3.83 -8.94
C ASN A 31 6.17 -5.17 -9.26
N LEU A 32 5.37 -6.08 -9.74
CA LEU A 32 5.81 -7.46 -9.97
C LEU A 32 6.69 -7.59 -11.20
N GLU A 33 6.49 -6.70 -12.14
CA GLU A 33 7.24 -6.74 -13.37
C GLU A 33 8.63 -6.18 -13.16
N ASP A 34 8.69 -5.01 -12.57
CA ASP A 34 9.96 -4.34 -12.39
C ASP A 34 10.70 -4.86 -11.19
N GLY A 35 9.98 -5.09 -10.12
CA GLY A 35 10.60 -5.53 -8.90
C GLY A 35 10.71 -4.41 -7.89
N THR A 36 10.20 -3.25 -8.27
CA THR A 36 10.16 -2.10 -7.48
C THR A 36 9.28 -2.31 -6.24
N ARG A 37 9.86 -2.26 -5.09
CA ARG A 37 9.11 -2.47 -3.87
C ARG A 37 9.14 -1.25 -3.04
N LEU A 38 7.99 -0.83 -2.63
CA LEU A 38 7.84 0.37 -1.92
C LEU A 38 7.17 0.11 -0.61
N VAL A 39 7.96 0.07 0.42
CA VAL A 39 7.48 -0.19 1.75
C VAL A 39 7.95 0.92 2.67
N GLY A 40 7.23 1.17 3.74
CA GLY A 40 7.61 2.22 4.67
C GLY A 40 7.45 3.61 4.05
N GLU A 41 8.48 4.41 4.13
CA GLU A 41 8.47 5.77 3.59
C GLU A 41 8.60 5.72 2.07
N ASP A 42 9.11 4.61 1.57
CA ASP A 42 9.24 4.38 0.13
C ASP A 42 7.88 4.12 -0.48
N ALA A 43 6.95 3.72 0.37
CA ALA A 43 5.61 3.37 -0.05
C ALA A 43 4.76 4.59 -0.34
N PRO A 44 3.84 4.49 -1.31
CA PRO A 44 2.90 5.55 -1.61
C PRO A 44 1.90 5.69 -0.46
N LYS A 45 1.40 6.87 -0.27
CA LYS A 45 0.45 7.12 0.77
C LYS A 45 -0.91 6.62 0.30
N ASN A 46 -1.83 6.47 1.23
CA ASN A 46 -3.18 5.97 0.95
C ASN A 46 -3.91 6.85 -0.08
N LYS A 47 -3.54 8.12 -0.10
CA LYS A 47 -4.11 9.04 -1.05
C LYS A 47 -3.44 8.91 -2.43
N ASP A 48 -2.16 8.55 -2.44
CA ASP A 48 -1.40 8.47 -3.69
C ASP A 48 -1.60 7.15 -4.34
N LEU A 49 -1.98 6.18 -3.53
CA LEU A 49 -2.16 4.80 -3.91
C LEU A 49 -2.97 4.68 -5.18
N VAL A 50 -4.10 5.33 -5.20
CA VAL A 50 -5.01 5.27 -6.32
C VAL A 50 -4.37 5.76 -7.62
N GLU A 51 -3.51 6.74 -7.52
CA GLU A 51 -2.85 7.30 -8.67
C GLU A 51 -1.79 6.34 -9.17
N TRP A 52 -1.05 5.79 -8.22
CA TRP A 52 0.04 4.87 -8.50
C TRP A 52 -0.52 3.61 -9.18
N LEU A 53 -1.69 3.20 -8.73
CA LEU A 53 -2.40 2.03 -9.27
C LEU A 53 -2.79 2.20 -10.71
N LYS A 54 -3.13 3.42 -11.07
CA LYS A 54 -3.52 3.75 -12.45
C LYS A 54 -2.30 3.66 -13.35
N LEU A 55 -1.14 3.84 -12.78
CA LEU A 55 0.09 3.81 -13.52
C LEU A 55 0.68 2.39 -13.53
N HIS A 56 0.40 1.62 -12.51
CA HIS A 56 0.98 0.29 -12.38
C HIS A 56 -0.08 -0.79 -12.17
N PRO A 57 -0.73 -1.28 -13.23
CA PRO A 57 -1.68 -2.39 -13.11
C PRO A 57 -0.95 -3.72 -12.87
N THR A 58 0.35 -3.66 -13.05
CA THR A 58 1.24 -4.77 -12.89
C THR A 58 1.80 -4.82 -11.46
N TYR A 59 1.09 -4.19 -10.54
CA TYR A 59 1.52 -4.17 -9.19
C TYR A 59 0.74 -5.21 -8.37
N THR A 60 1.08 -5.31 -7.13
CA THR A 60 0.33 -6.02 -6.16
C THR A 60 0.75 -5.43 -4.82
N VAL A 61 -0.10 -5.46 -3.86
CA VAL A 61 0.29 -4.99 -2.56
C VAL A 61 1.17 -6.03 -1.89
N ASP A 62 2.36 -5.61 -1.52
CA ASP A 62 3.36 -6.49 -0.96
C ASP A 62 2.93 -6.92 0.40
N MET A 63 2.62 -5.98 1.23
CA MET A 63 2.16 -6.27 2.56
C MET A 63 0.80 -5.63 2.81
N PRO A 64 -0.30 -6.34 2.57
CA PRO A 64 -1.64 -5.83 2.86
C PRO A 64 -1.99 -6.06 4.33
N SER A 65 -1.09 -6.68 5.02
CA SER A 65 -1.22 -7.03 6.39
C SER A 65 -0.90 -5.83 7.27
N TYR A 66 -1.92 -5.20 7.80
CA TYR A 66 -1.73 -4.15 8.75
C TYR A 66 -2.56 -4.40 10.00
N VAL A 67 -3.70 -3.81 10.08
CA VAL A 67 -4.64 -4.08 11.12
C VAL A 67 -6.01 -4.03 10.46
N PRO A 68 -6.91 -4.98 10.76
CA PRO A 68 -8.27 -4.95 10.19
C PRO A 68 -8.96 -3.64 10.54
N LYS A 69 -9.36 -2.92 9.51
CA LYS A 69 -9.95 -1.61 9.67
C LYS A 69 -11.40 -1.71 10.13
N ASN A 70 -11.54 -2.05 11.37
CA ASN A 70 -12.83 -2.19 12.01
C ASN A 70 -12.71 -1.70 13.40
N ALA A 71 -11.58 -2.07 14.04
CA ALA A 71 -11.29 -1.79 15.44
C ALA A 71 -12.25 -2.60 16.32
N ASP A 72 -12.26 -2.36 17.59
CA ASP A 72 -13.13 -3.13 18.49
C ASP A 72 -14.43 -2.41 18.76
N VAL A 73 -14.76 -1.47 17.91
CA VAL A 73 -16.00 -0.73 18.05
C VAL A 73 -16.91 -1.04 16.86
N LEU A 74 -16.64 -0.38 15.72
CA LEU A 74 -17.36 -0.57 14.46
C LEU A 74 -18.88 -0.44 14.65
N PHE A 75 -19.28 0.68 15.18
CA PHE A 75 -20.67 0.93 15.43
C PHE A 75 -21.22 1.82 14.32
N SER A 76 -22.19 1.32 13.59
CA SER A 76 -22.79 2.08 12.52
C SER A 76 -23.55 3.27 13.11
N SER A 77 -23.04 4.46 12.89
CA SER A 77 -23.61 5.64 13.48
C SER A 77 -24.26 6.51 12.41
N PHE A 78 -23.43 7.07 11.54
CA PHE A 78 -23.89 7.94 10.48
C PHE A 78 -22.82 7.97 9.40
N GLN A 79 -23.21 7.56 8.19
CA GLN A 79 -22.33 7.40 7.00
C GLN A 79 -21.41 6.17 7.16
N LYS A 80 -20.92 6.00 8.37
CA LYS A 80 -20.21 4.84 8.79
C LYS A 80 -21.03 4.27 9.91
N LEU A 21 -7.48 4.88 6.14
CA LEU A 21 -6.27 5.17 6.86
C LEU A 21 -6.00 6.65 6.65
N ASP A 22 -4.91 7.15 7.15
CA ASP A 22 -4.57 8.53 6.88
C ASP A 22 -4.16 8.62 5.44
N PRO A 23 -4.42 9.75 4.78
CA PRO A 23 -4.00 9.95 3.39
C PRO A 23 -2.47 9.88 3.28
N ASP A 24 -1.83 10.14 4.40
CA ASP A 24 -0.39 10.14 4.54
C ASP A 24 0.16 8.73 4.74
N THR A 25 -0.67 7.84 5.32
CA THR A 25 -0.29 6.48 5.63
C THR A 25 0.20 5.78 4.36
N ARG A 26 1.32 5.14 4.47
CA ARG A 26 1.94 4.53 3.33
C ARG A 26 1.42 3.13 3.13
N ILE A 27 1.25 2.76 1.89
CA ILE A 27 0.74 1.47 1.52
C ILE A 27 1.86 0.63 0.88
N PRO A 28 2.35 -0.37 1.61
CA PRO A 28 3.44 -1.25 1.14
C PRO A 28 3.02 -2.16 -0.04
N VAL A 29 3.44 -1.78 -1.21
CA VAL A 29 3.12 -2.48 -2.45
C VAL A 29 4.38 -2.73 -3.26
N ILE A 30 4.30 -3.60 -4.23
CA ILE A 30 5.42 -3.92 -5.08
C ILE A 30 4.96 -4.10 -6.53
N ASN A 31 5.73 -3.61 -7.47
CA ASN A 31 5.45 -3.84 -8.87
C ASN A 31 6.32 -4.98 -9.30
N LEU A 32 5.71 -6.10 -9.63
CA LEU A 32 6.47 -7.30 -9.98
C LEU A 32 7.20 -7.15 -11.32
N GLU A 33 6.73 -6.23 -12.15
CA GLU A 33 7.35 -5.99 -13.44
C GLU A 33 8.68 -5.24 -13.31
N ASP A 34 8.72 -4.28 -12.42
CA ASP A 34 9.95 -3.51 -12.22
C ASP A 34 10.80 -4.11 -11.16
N GLY A 35 10.16 -4.76 -10.22
CA GLY A 35 10.84 -5.28 -9.08
C GLY A 35 10.97 -4.21 -8.03
N THR A 36 10.14 -3.19 -8.15
CA THR A 36 10.13 -2.09 -7.31
C THR A 36 9.19 -2.34 -6.15
N ARG A 37 9.73 -2.43 -4.99
CA ARG A 37 8.93 -2.61 -3.81
C ARG A 37 9.06 -1.43 -2.95
N LEU A 38 7.95 -0.92 -2.57
CA LEU A 38 7.90 0.26 -1.82
C LEU A 38 7.20 -0.02 -0.53
N VAL A 39 7.97 -0.08 0.53
CA VAL A 39 7.44 -0.31 1.85
C VAL A 39 7.98 0.78 2.76
N GLY A 40 7.29 1.05 3.85
CA GLY A 40 7.73 2.09 4.76
C GLY A 40 7.55 3.46 4.13
N GLU A 41 8.57 4.28 4.16
CA GLU A 41 8.49 5.61 3.60
C GLU A 41 8.66 5.60 2.08
N ASP A 42 9.18 4.50 1.55
CA ASP A 42 9.32 4.36 0.09
C ASP A 42 7.96 4.11 -0.53
N ALA A 43 7.05 3.61 0.30
CA ALA A 43 5.71 3.25 -0.12
C ALA A 43 4.89 4.49 -0.48
N PRO A 44 3.96 4.34 -1.44
CA PRO A 44 3.06 5.42 -1.83
C PRO A 44 2.07 5.73 -0.71
N LYS A 45 1.65 6.97 -0.63
CA LYS A 45 0.72 7.37 0.38
C LYS A 45 -0.68 6.92 -0.02
N ASN A 46 -1.51 6.66 0.96
CA ASN A 46 -2.90 6.21 0.78
C ASN A 46 -3.68 7.12 -0.18
N LYS A 47 -3.41 8.41 -0.12
CA LYS A 47 -4.07 9.36 -1.01
C LYS A 47 -3.62 9.17 -2.47
N ASP A 48 -2.37 8.81 -2.66
CA ASP A 48 -1.76 8.66 -3.98
C ASP A 48 -1.84 7.22 -4.46
N LEU A 49 -2.36 6.35 -3.60
CA LEU A 49 -2.47 4.92 -3.87
C LEU A 49 -3.27 4.69 -5.15
N VAL A 50 -4.44 5.29 -5.22
CA VAL A 50 -5.33 5.16 -6.38
C VAL A 50 -4.61 5.57 -7.68
N GLU A 51 -3.79 6.59 -7.57
CA GLU A 51 -3.04 7.11 -8.69
C GLU A 51 -1.94 6.15 -9.08
N TRP A 52 -1.26 5.62 -8.08
CA TRP A 52 -0.15 4.69 -8.27
C TRP A 52 -0.68 3.41 -8.92
N LEU A 53 -1.89 3.04 -8.55
CA LEU A 53 -2.57 1.85 -9.09
C LEU A 53 -2.90 2.01 -10.56
N LYS A 54 -3.19 3.23 -10.95
CA LYS A 54 -3.47 3.54 -12.34
C LYS A 54 -2.17 3.50 -13.13
N LEU A 55 -1.08 3.83 -12.46
CA LEU A 55 0.23 3.89 -13.09
C LEU A 55 0.90 2.51 -13.12
N HIS A 56 0.46 1.61 -12.27
CA HIS A 56 1.01 0.26 -12.20
C HIS A 56 -0.10 -0.78 -12.16
N PRO A 57 -0.61 -1.17 -13.33
CA PRO A 57 -1.67 -2.18 -13.41
C PRO A 57 -1.16 -3.57 -13.05
N THR A 58 0.13 -3.72 -13.11
CA THR A 58 0.80 -4.96 -12.85
C THR A 58 1.38 -5.00 -11.44
N TYR A 59 0.82 -4.21 -10.54
CA TYR A 59 1.36 -4.15 -9.22
C TYR A 59 0.72 -5.25 -8.35
N THR A 60 1.30 -5.48 -7.23
CA THR A 60 0.82 -6.44 -6.29
C THR A 60 1.02 -5.86 -4.88
N VAL A 61 0.08 -6.10 -3.99
CA VAL A 61 0.16 -5.61 -2.64
C VAL A 61 1.04 -6.56 -1.82
N ASP A 62 2.09 -6.03 -1.22
CA ASP A 62 3.04 -6.86 -0.48
C ASP A 62 2.47 -7.22 0.88
N MET A 63 1.91 -6.24 1.54
CA MET A 63 1.27 -6.41 2.82
C MET A 63 -0.17 -5.95 2.68
N PRO A 64 -1.16 -6.82 2.96
CA PRO A 64 -2.59 -6.55 2.72
C PRO A 64 -3.19 -5.45 3.63
N SER A 65 -2.39 -4.93 4.50
CA SER A 65 -2.78 -3.90 5.42
C SER A 65 -1.60 -2.93 5.57
N TYR A 66 -1.75 -1.93 6.39
CA TYR A 66 -0.67 -1.00 6.65
C TYR A 66 0.15 -1.56 7.81
N VAL A 67 1.17 -0.83 8.24
CA VAL A 67 1.96 -1.22 9.39
C VAL A 67 1.07 -1.21 10.65
N PRO A 68 0.87 -2.37 11.30
CA PRO A 68 -0.02 -2.50 12.45
C PRO A 68 0.36 -1.56 13.60
N LYS A 69 -0.55 -0.71 13.97
CA LYS A 69 -0.31 0.23 15.03
C LYS A 69 -1.01 -0.22 16.28
N ASN A 70 -0.35 -1.01 17.07
CA ASN A 70 -0.89 -1.44 18.34
C ASN A 70 -0.13 -0.72 19.42
N ALA A 71 -0.82 0.20 20.07
CA ALA A 71 -0.27 1.08 21.11
C ALA A 71 0.70 2.10 20.50
N ASP A 72 1.27 2.93 21.33
CA ASP A 72 2.14 3.99 20.87
C ASP A 72 3.53 3.46 20.82
N VAL A 73 3.92 3.05 19.66
CA VAL A 73 5.24 2.50 19.45
C VAL A 73 5.82 3.00 18.13
N LEU A 74 7.02 3.55 18.19
CA LEU A 74 7.72 3.90 16.98
C LEU A 74 8.64 2.75 16.62
N PHE A 75 8.60 2.34 15.38
CA PHE A 75 9.32 1.14 14.96
C PHE A 75 10.78 1.45 14.62
N SER A 76 11.51 1.85 15.66
CA SER A 76 12.94 2.17 15.57
C SER A 76 13.22 3.29 14.55
N SER A 77 12.24 4.16 14.36
CA SER A 77 12.37 5.27 13.48
C SER A 77 13.13 6.41 14.18
N PHE A 78 14.44 6.43 14.00
CA PHE A 78 15.26 7.42 14.66
C PHE A 78 15.77 8.46 13.68
N GLN A 79 15.44 8.28 12.43
CA GLN A 79 15.85 9.21 11.40
C GLN A 79 14.73 10.22 11.20
N LYS A 80 13.55 9.71 10.98
CA LYS A 80 12.34 10.46 10.78
C LYS A 80 11.20 9.46 10.79
N LEU A 21 -7.94 3.29 6.76
CA LEU A 21 -6.73 3.85 6.22
C LEU A 21 -6.86 5.36 6.10
N ASP A 22 -5.84 6.06 6.55
CA ASP A 22 -5.78 7.52 6.44
C ASP A 22 -5.14 7.82 5.10
N PRO A 23 -5.43 8.98 4.48
CA PRO A 23 -4.78 9.34 3.22
C PRO A 23 -3.24 9.41 3.33
N ASP A 24 -2.72 9.59 4.55
CA ASP A 24 -1.28 9.71 4.73
C ASP A 24 -0.65 8.35 5.01
N THR A 25 -1.48 7.38 5.39
CA THR A 25 -1.03 6.03 5.68
C THR A 25 -0.27 5.46 4.46
N ARG A 26 0.86 4.86 4.71
CA ARG A 26 1.70 4.35 3.65
C ARG A 26 1.24 2.98 3.21
N ILE A 27 1.19 2.78 1.93
CA ILE A 27 0.75 1.52 1.40
C ILE A 27 1.94 0.78 0.78
N PRO A 28 2.47 -0.24 1.47
CA PRO A 28 3.58 -1.01 0.96
C PRO A 28 3.17 -1.86 -0.25
N VAL A 29 3.71 -1.55 -1.38
CA VAL A 29 3.39 -2.22 -2.62
C VAL A 29 4.65 -2.61 -3.37
N ILE A 30 4.51 -3.56 -4.25
CA ILE A 30 5.59 -4.05 -5.05
C ILE A 30 5.12 -4.27 -6.49
N ASN A 31 5.89 -3.84 -7.46
CA ASN A 31 5.51 -4.03 -8.86
C ASN A 31 6.20 -5.23 -9.39
N LEU A 32 5.45 -6.18 -9.93
CA LEU A 32 6.04 -7.42 -10.40
C LEU A 32 6.67 -7.28 -11.77
N GLU A 33 6.36 -6.23 -12.49
CA GLU A 33 6.99 -6.02 -13.78
C GLU A 33 8.39 -5.44 -13.61
N ASP A 34 8.51 -4.42 -12.77
CA ASP A 34 9.82 -3.80 -12.53
C ASP A 34 10.59 -4.63 -11.55
N GLY A 35 9.98 -4.84 -10.42
CA GLY A 35 10.64 -5.44 -9.30
C GLY A 35 10.79 -4.41 -8.20
N THR A 36 10.21 -3.23 -8.42
CA THR A 36 10.28 -2.15 -7.48
C THR A 36 9.43 -2.50 -6.27
N ARG A 37 9.92 -2.18 -5.11
CA ARG A 37 9.24 -2.48 -3.90
C ARG A 37 9.32 -1.29 -3.00
N LEU A 38 8.20 -0.84 -2.56
CA LEU A 38 8.09 0.35 -1.80
C LEU A 38 7.36 0.06 -0.51
N VAL A 39 8.08 0.01 0.59
CA VAL A 39 7.49 -0.27 1.87
C VAL A 39 7.90 0.80 2.87
N GLY A 40 7.11 0.98 3.91
CA GLY A 40 7.44 1.94 4.93
C GLY A 40 7.26 3.34 4.46
N GLU A 41 8.20 4.19 4.74
CA GLU A 41 8.12 5.57 4.35
C GLU A 41 8.40 5.72 2.87
N ASP A 42 9.01 4.69 2.29
CA ASP A 42 9.27 4.68 0.84
C ASP A 42 8.06 4.24 0.08
N ALA A 43 7.03 3.87 0.79
CA ALA A 43 5.79 3.47 0.18
C ALA A 43 4.94 4.71 -0.07
N PRO A 44 4.18 4.73 -1.16
CA PRO A 44 3.31 5.86 -1.49
C PRO A 44 2.18 5.98 -0.46
N LYS A 45 1.69 7.18 -0.26
CA LYS A 45 0.61 7.39 0.64
C LYS A 45 -0.69 6.89 0.05
N ASN A 46 -1.60 6.55 0.90
CA ASN A 46 -2.92 6.00 0.54
C ASN A 46 -3.69 6.92 -0.41
N LYS A 47 -3.51 8.23 -0.26
CA LYS A 47 -4.17 9.19 -1.13
C LYS A 47 -3.61 9.15 -2.55
N ASP A 48 -2.33 8.81 -2.67
CA ASP A 48 -1.66 8.78 -3.97
C ASP A 48 -1.67 7.40 -4.54
N LEU A 49 -2.06 6.42 -3.72
CA LEU A 49 -2.10 5.02 -4.09
C LEU A 49 -2.88 4.82 -5.37
N VAL A 50 -4.07 5.39 -5.41
CA VAL A 50 -4.97 5.27 -6.56
C VAL A 50 -4.32 5.71 -7.86
N GLU A 51 -3.48 6.73 -7.80
CA GLU A 51 -2.82 7.24 -8.96
C GLU A 51 -1.73 6.30 -9.40
N TRP A 52 -0.97 5.81 -8.44
CA TRP A 52 0.12 4.86 -8.70
C TRP A 52 -0.47 3.56 -9.30
N LEU A 53 -1.66 3.20 -8.85
CA LEU A 53 -2.39 2.03 -9.36
C LEU A 53 -2.78 2.23 -10.82
N LYS A 54 -3.08 3.46 -11.17
CA LYS A 54 -3.41 3.83 -12.54
C LYS A 54 -2.19 3.62 -13.45
N LEU A 55 -1.03 3.72 -12.87
CA LEU A 55 0.23 3.51 -13.56
C LEU A 55 0.62 2.03 -13.54
N HIS A 56 0.33 1.36 -12.45
CA HIS A 56 0.76 -0.02 -12.27
C HIS A 56 -0.39 -0.96 -11.93
N PRO A 57 -1.13 -1.44 -12.92
CA PRO A 57 -2.21 -2.41 -12.68
C PRO A 57 -1.62 -3.79 -12.33
N THR A 58 -0.40 -3.96 -12.72
CA THR A 58 0.36 -5.16 -12.56
C THR A 58 1.13 -5.15 -11.25
N TYR A 59 0.70 -4.29 -10.35
CA TYR A 59 1.35 -4.18 -9.08
C TYR A 59 0.75 -5.22 -8.15
N THR A 60 1.34 -5.39 -7.02
CA THR A 60 0.87 -6.27 -6.02
C THR A 60 1.06 -5.58 -4.67
N VAL A 61 0.16 -5.80 -3.74
CA VAL A 61 0.31 -5.23 -2.42
C VAL A 61 1.35 -6.08 -1.70
N ASP A 62 2.34 -5.43 -1.13
CA ASP A 62 3.45 -6.15 -0.51
C ASP A 62 3.02 -6.89 0.74
N MET A 63 2.19 -6.26 1.53
CA MET A 63 1.69 -6.93 2.72
C MET A 63 0.35 -7.56 2.40
N PRO A 64 0.06 -8.75 2.96
CA PRO A 64 -1.26 -9.38 2.81
C PRO A 64 -2.35 -8.56 3.54
N SER A 65 -1.86 -7.65 4.40
CA SER A 65 -2.65 -6.76 5.21
C SER A 65 -3.35 -7.53 6.32
N TYR A 66 -4.47 -8.11 6.01
CA TYR A 66 -5.25 -8.91 6.90
C TYR A 66 -6.47 -9.31 6.10
N VAL A 67 -7.40 -10.00 6.69
CA VAL A 67 -8.65 -10.25 6.02
C VAL A 67 -9.48 -8.95 6.04
N PRO A 68 -9.80 -8.36 4.86
CA PRO A 68 -10.51 -7.08 4.75
C PRO A 68 -11.79 -7.05 5.58
N LYS A 69 -11.76 -6.27 6.62
CA LYS A 69 -12.88 -6.14 7.51
C LYS A 69 -13.60 -4.85 7.21
N ASN A 70 -12.81 -3.80 7.12
CA ASN A 70 -13.31 -2.47 6.82
C ASN A 70 -12.32 -1.72 6.01
N ALA A 71 -12.79 -1.12 4.97
CA ALA A 71 -12.00 -0.28 4.08
C ALA A 71 -12.83 0.94 3.78
N ASP A 72 -13.83 1.06 4.58
CA ASP A 72 -14.85 2.02 4.48
C ASP A 72 -14.86 2.89 5.70
N VAL A 73 -14.60 4.12 5.47
CA VAL A 73 -14.59 5.14 6.50
C VAL A 73 -15.99 5.70 6.61
N LEU A 74 -16.64 5.78 5.47
CA LEU A 74 -17.98 6.30 5.34
C LEU A 74 -18.71 5.49 4.27
N PHE A 75 -18.08 5.38 3.12
CA PHE A 75 -18.62 4.66 1.98
C PHE A 75 -17.48 4.37 1.00
N SER A 76 -17.14 3.12 0.82
CA SER A 76 -16.09 2.77 -0.14
C SER A 76 -16.58 1.73 -1.15
N SER A 77 -17.64 1.06 -0.81
CA SER A 77 -18.12 0.01 -1.64
C SER A 77 -19.15 0.54 -2.62
N PHE A 78 -18.68 0.88 -3.79
CA PHE A 78 -19.56 1.27 -4.88
C PHE A 78 -19.59 0.12 -5.89
N GLN A 79 -18.99 -0.99 -5.47
CA GLN A 79 -18.90 -2.17 -6.28
C GLN A 79 -19.99 -3.15 -5.88
N LYS A 80 -20.87 -2.67 -5.04
CA LYS A 80 -21.99 -3.42 -4.52
C LYS A 80 -23.19 -3.19 -5.41
N LEU A 21 -7.94 3.79 6.63
CA LEU A 21 -6.58 4.21 6.48
C LEU A 21 -6.58 5.67 6.08
N ASP A 22 -5.75 6.43 6.71
CA ASP A 22 -5.69 7.87 6.51
C ASP A 22 -4.97 8.15 5.19
N PRO A 23 -5.13 9.35 4.61
CA PRO A 23 -4.50 9.72 3.32
C PRO A 23 -2.98 9.62 3.35
N ASP A 24 -2.43 9.84 4.52
CA ASP A 24 -1.00 9.84 4.72
C ASP A 24 -0.48 8.45 5.09
N THR A 25 -1.38 7.53 5.39
CA THR A 25 -0.98 6.17 5.72
C THR A 25 -0.25 5.57 4.51
N ARG A 26 0.93 5.04 4.75
CA ARG A 26 1.72 4.49 3.69
C ARG A 26 1.21 3.10 3.33
N ILE A 27 1.23 2.79 2.06
CA ILE A 27 0.75 1.53 1.59
C ILE A 27 1.91 0.79 0.91
N PRO A 28 2.52 -0.16 1.64
CA PRO A 28 3.61 -0.98 1.10
C PRO A 28 3.13 -1.87 -0.06
N VAL A 29 3.60 -1.56 -1.24
CA VAL A 29 3.24 -2.25 -2.46
C VAL A 29 4.47 -2.55 -3.29
N ILE A 30 4.30 -3.35 -4.32
CA ILE A 30 5.40 -3.70 -5.19
C ILE A 30 4.89 -3.92 -6.63
N ASN A 31 5.70 -3.52 -7.58
CA ASN A 31 5.45 -3.74 -8.99
C ASN A 31 6.16 -5.01 -9.34
N LEU A 32 5.44 -5.96 -9.87
CA LEU A 32 6.01 -7.27 -10.14
C LEU A 32 6.87 -7.29 -11.39
N GLU A 33 6.48 -6.53 -12.37
CA GLU A 33 7.16 -6.52 -13.66
C GLU A 33 8.50 -5.82 -13.56
N ASP A 34 8.49 -4.71 -12.85
CA ASP A 34 9.71 -3.92 -12.68
C ASP A 34 10.53 -4.45 -11.53
N GLY A 35 9.89 -4.61 -10.41
CA GLY A 35 10.59 -5.01 -9.22
C GLY A 35 10.63 -3.88 -8.21
N THR A 36 9.98 -2.77 -8.53
CA THR A 36 9.87 -1.66 -7.68
C THR A 36 9.13 -2.06 -6.39
N ARG A 37 9.81 -2.01 -5.30
CA ARG A 37 9.21 -2.36 -4.04
C ARG A 37 9.32 -1.18 -3.13
N LEU A 38 8.21 -0.83 -2.55
CA LEU A 38 8.13 0.35 -1.73
C LEU A 38 7.40 0.00 -0.45
N VAL A 39 8.15 -0.16 0.61
CA VAL A 39 7.56 -0.50 1.91
C VAL A 39 8.03 0.48 2.99
N GLY A 40 7.23 0.64 4.03
CA GLY A 40 7.60 1.50 5.13
C GLY A 40 7.32 2.94 4.80
N GLU A 41 8.33 3.77 4.97
CA GLU A 41 8.23 5.20 4.66
C GLU A 41 8.38 5.41 3.17
N ASP A 42 9.05 4.47 2.51
CA ASP A 42 9.31 4.54 1.07
C ASP A 42 8.08 4.16 0.28
N ALA A 43 7.11 3.64 0.99
CA ALA A 43 5.86 3.24 0.41
C ALA A 43 5.04 4.47 0.05
N PRO A 44 4.23 4.41 -1.01
CA PRO A 44 3.39 5.52 -1.42
C PRO A 44 2.29 5.83 -0.39
N LYS A 45 1.78 7.02 -0.47
CA LYS A 45 0.73 7.49 0.42
C LYS A 45 -0.60 6.96 -0.07
N ASN A 46 -1.53 6.77 0.83
CA ASN A 46 -2.88 6.25 0.52
C ASN A 46 -3.55 7.07 -0.59
N LYS A 47 -3.44 8.38 -0.48
CA LYS A 47 -4.02 9.30 -1.47
C LYS A 47 -3.39 9.10 -2.86
N ASP A 48 -2.15 8.68 -2.89
CA ASP A 48 -1.41 8.53 -4.14
C ASP A 48 -1.51 7.12 -4.65
N LEU A 49 -1.86 6.22 -3.74
CA LEU A 49 -2.00 4.80 -4.01
C LEU A 49 -2.89 4.60 -5.22
N VAL A 50 -4.03 5.25 -5.22
CA VAL A 50 -4.98 5.13 -6.29
C VAL A 50 -4.38 5.54 -7.66
N GLU A 51 -3.60 6.61 -7.67
CA GLU A 51 -3.00 7.10 -8.90
C GLU A 51 -1.96 6.13 -9.39
N TRP A 52 -1.19 5.63 -8.45
CA TRP A 52 -0.10 4.69 -8.69
C TRP A 52 -0.67 3.40 -9.31
N LEU A 53 -1.89 3.07 -8.95
CA LEU A 53 -2.58 1.88 -9.46
C LEU A 53 -2.99 2.04 -10.91
N LYS A 54 -3.35 3.25 -11.31
CA LYS A 54 -3.63 3.50 -12.73
C LYS A 54 -2.36 3.39 -13.55
N LEU A 55 -1.25 3.71 -12.92
CA LEU A 55 0.05 3.62 -13.56
C LEU A 55 0.57 2.19 -13.58
N HIS A 56 0.29 1.44 -12.54
CA HIS A 56 0.84 0.10 -12.43
C HIS A 56 -0.25 -0.92 -12.16
N PRO A 57 -0.95 -1.40 -13.19
CA PRO A 57 -1.98 -2.44 -13.03
C PRO A 57 -1.32 -3.80 -12.71
N THR A 58 -0.04 -3.86 -12.96
CA THR A 58 0.77 -5.03 -12.78
C THR A 58 1.44 -5.03 -11.39
N TYR A 59 0.89 -4.26 -10.50
CA TYR A 59 1.43 -4.19 -9.17
C TYR A 59 0.72 -5.22 -8.30
N THR A 60 1.19 -5.39 -7.10
CA THR A 60 0.53 -6.20 -6.16
C THR A 60 0.79 -5.59 -4.77
N VAL A 61 -0.02 -5.94 -3.81
CA VAL A 61 0.11 -5.41 -2.47
C VAL A 61 1.17 -6.20 -1.73
N ASP A 62 2.21 -5.52 -1.28
CA ASP A 62 3.32 -6.20 -0.63
C ASP A 62 3.00 -6.48 0.82
N MET A 63 2.36 -5.52 1.46
CA MET A 63 2.00 -5.68 2.86
C MET A 63 0.99 -6.82 3.02
N PRO A 64 1.10 -7.62 4.09
CA PRO A 64 0.15 -8.71 4.37
C PRO A 64 -1.15 -8.17 4.97
N SER A 65 -1.15 -6.87 5.26
CA SER A 65 -2.30 -6.19 5.79
C SER A 65 -3.44 -6.19 4.76
N TYR A 66 -4.65 -5.95 5.20
CA TYR A 66 -5.78 -6.04 4.33
C TYR A 66 -5.83 -4.81 3.39
N VAL A 67 -6.55 -4.95 2.30
CA VAL A 67 -6.70 -3.88 1.33
C VAL A 67 -7.68 -2.84 1.83
N PRO A 68 -7.27 -1.54 1.88
CA PRO A 68 -8.13 -0.44 2.36
C PRO A 68 -9.51 -0.47 1.69
N LYS A 69 -10.53 -0.07 2.41
CA LYS A 69 -11.89 -0.14 1.93
C LYS A 69 -12.22 0.97 0.92
N ASN A 70 -11.61 0.82 -0.22
CA ASN A 70 -11.77 1.67 -1.36
C ASN A 70 -11.68 0.78 -2.56
N ALA A 71 -12.55 0.94 -3.49
CA ALA A 71 -12.49 0.13 -4.69
C ALA A 71 -11.87 0.93 -5.80
N ASP A 72 -10.57 0.81 -5.97
CA ASP A 72 -9.90 1.55 -7.03
C ASP A 72 -9.74 0.69 -8.25
N VAL A 73 -9.48 -0.56 -8.02
CA VAL A 73 -9.44 -1.51 -9.11
C VAL A 73 -10.87 -2.00 -9.40
N LEU A 74 -11.59 -1.13 -10.03
CA LEU A 74 -12.98 -1.33 -10.28
C LEU A 74 -13.25 -1.26 -11.77
N PHE A 75 -13.71 -2.37 -12.31
CA PHE A 75 -14.02 -2.45 -13.73
C PHE A 75 -15.46 -2.04 -13.96
N SER A 76 -16.19 -1.85 -12.88
CA SER A 76 -17.55 -1.39 -12.95
C SER A 76 -17.61 0.07 -13.41
N SER A 77 -17.71 0.22 -14.68
CA SER A 77 -17.83 1.47 -15.35
C SER A 77 -18.83 1.25 -16.45
N PHE A 78 -18.48 0.37 -17.35
CA PHE A 78 -19.37 -0.06 -18.38
C PHE A 78 -20.14 -1.22 -17.80
N GLN A 79 -21.45 -1.08 -17.71
CA GLN A 79 -22.33 -2.07 -17.13
C GLN A 79 -22.02 -2.23 -15.64
N LYS A 80 -22.46 -1.29 -14.87
CA LYS A 80 -22.23 -1.29 -13.45
C LYS A 80 -23.54 -1.28 -12.68
N LEU A 21 -8.62 4.96 6.89
CA LEU A 21 -7.19 5.08 6.95
C LEU A 21 -6.87 6.53 6.78
N ASP A 22 -5.68 6.92 7.07
CA ASP A 22 -5.31 8.30 6.93
C ASP A 22 -4.72 8.46 5.56
N PRO A 23 -4.87 9.62 4.91
CA PRO A 23 -4.28 9.85 3.57
C PRO A 23 -2.76 9.72 3.60
N ASP A 24 -2.21 9.87 4.79
CA ASP A 24 -0.79 9.80 5.01
C ASP A 24 -0.32 8.36 5.25
N THR A 25 -1.26 7.47 5.62
CA THR A 25 -0.94 6.05 5.88
C THR A 25 -0.22 5.45 4.66
N ARG A 26 0.90 4.81 4.89
CA ARG A 26 1.69 4.28 3.79
C ARG A 26 1.16 2.95 3.38
N ILE A 27 1.12 2.72 2.11
CA ILE A 27 0.62 1.50 1.57
C ILE A 27 1.76 0.77 0.87
N PRO A 28 2.36 -0.23 1.51
CA PRO A 28 3.46 -0.99 0.94
C PRO A 28 3.03 -1.88 -0.23
N VAL A 29 3.48 -1.52 -1.40
CA VAL A 29 3.14 -2.21 -2.63
C VAL A 29 4.42 -2.58 -3.38
N ILE A 30 4.29 -3.41 -4.39
CA ILE A 30 5.44 -3.81 -5.16
C ILE A 30 5.06 -4.03 -6.64
N ASN A 31 5.96 -3.70 -7.54
CA ASN A 31 5.75 -3.85 -8.97
C ASN A 31 6.35 -5.19 -9.39
N LEU A 32 5.54 -6.06 -9.97
CA LEU A 32 5.99 -7.39 -10.35
C LEU A 32 6.76 -7.39 -11.67
N GLU A 33 6.53 -6.40 -12.50
CA GLU A 33 7.17 -6.30 -13.80
C GLU A 33 8.49 -5.57 -13.70
N ASP A 34 8.73 -4.97 -12.57
CA ASP A 34 9.94 -4.20 -12.37
C ASP A 34 10.79 -4.77 -11.25
N GLY A 35 10.19 -4.97 -10.10
CA GLY A 35 10.93 -5.48 -8.97
C GLY A 35 10.98 -4.50 -7.82
N THR A 36 10.62 -3.25 -8.09
CA THR A 36 10.61 -2.24 -7.11
C THR A 36 9.52 -2.49 -6.08
N ARG A 37 9.90 -2.46 -4.85
CA ARG A 37 9.02 -2.63 -3.75
C ARG A 37 9.09 -1.39 -2.95
N LEU A 38 7.97 -0.93 -2.52
CA LEU A 38 7.90 0.29 -1.82
C LEU A 38 7.27 0.05 -0.49
N VAL A 39 8.09 0.05 0.52
CA VAL A 39 7.65 -0.16 1.88
C VAL A 39 8.21 0.95 2.75
N GLY A 40 7.52 1.26 3.82
CA GLY A 40 7.96 2.32 4.70
C GLY A 40 7.57 3.67 4.14
N GLU A 41 8.48 4.60 4.17
CA GLU A 41 8.24 5.94 3.65
C GLU A 41 8.37 5.94 2.15
N ASP A 42 9.01 4.92 1.64
CA ASP A 42 9.15 4.71 0.20
C ASP A 42 7.83 4.24 -0.39
N ALA A 43 6.96 3.74 0.49
CA ALA A 43 5.65 3.28 0.09
C ALA A 43 4.76 4.47 -0.18
N PRO A 44 3.93 4.41 -1.23
CA PRO A 44 3.03 5.49 -1.57
C PRO A 44 2.01 5.76 -0.45
N LYS A 45 1.71 7.02 -0.27
CA LYS A 45 0.72 7.45 0.68
C LYS A 45 -0.64 6.95 0.23
N ASN A 46 -1.51 6.71 1.18
CA ASN A 46 -2.89 6.21 0.94
C ASN A 46 -3.63 7.07 -0.09
N LYS A 47 -3.40 8.38 -0.04
CA LYS A 47 -4.01 9.31 -0.98
C LYS A 47 -3.45 9.14 -2.41
N ASP A 48 -2.18 8.79 -2.52
CA ASP A 48 -1.51 8.64 -3.82
C ASP A 48 -1.64 7.24 -4.35
N LEU A 49 -1.99 6.33 -3.46
CA LEU A 49 -2.18 4.91 -3.72
C LEU A 49 -3.03 4.68 -4.96
N VAL A 50 -4.14 5.37 -5.04
CA VAL A 50 -5.07 5.20 -6.15
C VAL A 50 -4.43 5.57 -7.50
N GLU A 51 -3.59 6.59 -7.50
CA GLU A 51 -2.94 7.04 -8.70
C GLU A 51 -1.87 6.08 -9.12
N TRP A 52 -1.12 5.60 -8.15
CA TRP A 52 -0.03 4.67 -8.38
C TRP A 52 -0.56 3.39 -9.05
N LEU A 53 -1.76 3.00 -8.65
CA LEU A 53 -2.45 1.81 -9.17
C LEU A 53 -2.88 1.99 -10.61
N LYS A 54 -3.21 3.21 -10.96
CA LYS A 54 -3.62 3.54 -12.32
C LYS A 54 -2.41 3.42 -13.26
N LEU A 55 -1.25 3.78 -12.74
CA LEU A 55 -0.03 3.71 -13.50
C LEU A 55 0.59 2.32 -13.50
N HIS A 56 0.35 1.55 -12.45
CA HIS A 56 0.94 0.22 -12.36
C HIS A 56 -0.13 -0.85 -12.14
N PRO A 57 -0.84 -1.27 -13.21
CA PRO A 57 -1.87 -2.30 -13.09
C PRO A 57 -1.26 -3.69 -12.86
N THR A 58 0.01 -3.79 -13.14
CA THR A 58 0.77 -5.01 -13.03
C THR A 58 1.49 -5.08 -11.68
N TYR A 59 0.99 -4.33 -10.73
CA TYR A 59 1.57 -4.32 -9.41
C TYR A 59 0.87 -5.38 -8.55
N THR A 60 1.31 -5.52 -7.33
CA THR A 60 0.60 -6.26 -6.35
C THR A 60 0.93 -5.62 -5.00
N VAL A 61 0.17 -5.90 -3.99
CA VAL A 61 0.40 -5.26 -2.72
C VAL A 61 1.33 -6.14 -1.89
N ASP A 62 2.32 -5.54 -1.26
CA ASP A 62 3.28 -6.28 -0.43
C ASP A 62 2.61 -6.64 0.89
N MET A 63 1.68 -5.82 1.25
CA MET A 63 0.89 -5.99 2.43
C MET A 63 -0.42 -6.74 2.13
N PRO A 64 -0.63 -7.90 2.77
CA PRO A 64 -1.87 -8.66 2.63
C PRO A 64 -3.01 -7.99 3.44
N SER A 65 -2.66 -7.52 4.60
CA SER A 65 -3.53 -6.79 5.47
C SER A 65 -2.64 -5.92 6.31
N TYR A 66 -2.98 -4.68 6.46
CA TYR A 66 -2.13 -3.74 7.14
C TYR A 66 -2.32 -3.83 8.63
N VAL A 67 -1.37 -3.27 9.35
CA VAL A 67 -1.46 -3.14 10.78
C VAL A 67 -2.72 -2.34 11.14
N PRO A 68 -3.67 -2.96 11.85
CA PRO A 68 -4.93 -2.31 12.20
C PRO A 68 -4.69 -1.03 12.97
N LYS A 69 -5.49 -0.04 12.70
CA LYS A 69 -5.36 1.26 13.34
C LYS A 69 -6.08 1.26 14.70
N ASN A 70 -5.79 0.22 15.45
CA ASN A 70 -6.31 0.02 16.79
C ASN A 70 -5.46 0.83 17.74
N ALA A 71 -4.18 0.55 17.71
CA ALA A 71 -3.20 1.33 18.41
C ALA A 71 -2.42 2.09 17.36
N ASP A 72 -2.96 3.21 16.98
CA ASP A 72 -2.45 4.01 15.90
C ASP A 72 -1.84 5.24 16.48
N VAL A 73 -0.56 5.26 16.52
CA VAL A 73 0.16 6.37 17.04
C VAL A 73 0.47 7.32 15.90
N LEU A 74 0.73 8.54 16.22
CA LEU A 74 0.84 9.60 15.21
C LEU A 74 2.22 9.71 14.57
N PHE A 75 3.05 8.67 14.71
CA PHE A 75 4.39 8.61 14.09
C PHE A 75 5.31 9.75 14.54
N SER A 76 5.00 10.35 15.65
CA SER A 76 5.77 11.46 16.13
C SER A 76 6.97 10.94 16.90
N SER A 77 8.05 10.67 16.14
CA SER A 77 9.35 10.21 16.65
C SER A 77 9.33 8.73 17.15
N PHE A 78 8.15 8.15 17.23
CA PHE A 78 8.00 6.80 17.72
C PHE A 78 7.09 6.01 16.81
N GLN A 79 7.38 4.75 16.67
CA GLN A 79 6.53 3.83 15.95
C GLN A 79 6.35 2.62 16.83
N LYS A 80 7.43 1.94 17.07
CA LYS A 80 7.49 0.86 17.99
C LYS A 80 8.94 0.50 18.14
N LEU A 21 -7.44 3.66 7.26
CA LEU A 21 -6.13 4.15 7.65
C LEU A 21 -6.16 5.66 7.50
N ASP A 22 -5.06 6.27 7.29
CA ASP A 22 -5.05 7.66 7.02
C ASP A 22 -4.56 7.83 5.63
N PRO A 23 -5.02 8.86 4.92
CA PRO A 23 -4.52 9.17 3.57
C PRO A 23 -2.99 9.31 3.54
N ASP A 24 -2.42 9.70 4.69
CA ASP A 24 -0.98 9.85 4.85
C ASP A 24 -0.32 8.58 5.36
N THR A 25 -1.09 7.52 5.57
CA THR A 25 -0.53 6.24 5.94
C THR A 25 0.04 5.60 4.69
N ARG A 26 1.17 4.95 4.82
CA ARG A 26 1.83 4.35 3.69
C ARG A 26 1.24 3.00 3.36
N ILE A 27 1.20 2.69 2.10
CA ILE A 27 0.68 1.42 1.64
C ILE A 27 1.81 0.66 0.95
N PRO A 28 2.44 -0.32 1.63
CA PRO A 28 3.51 -1.10 1.05
C PRO A 28 3.03 -1.97 -0.12
N VAL A 29 3.54 -1.68 -1.28
CA VAL A 29 3.17 -2.36 -2.51
C VAL A 29 4.43 -2.61 -3.33
N ILE A 30 4.32 -3.48 -4.29
CA ILE A 30 5.44 -3.78 -5.13
C ILE A 30 4.99 -3.88 -6.59
N ASN A 31 5.79 -3.36 -7.48
CA ASN A 31 5.58 -3.45 -8.89
C ASN A 31 6.21 -4.72 -9.36
N LEU A 32 5.42 -5.64 -9.79
CA LEU A 32 5.88 -6.98 -10.11
C LEU A 32 6.62 -7.06 -11.42
N GLU A 33 6.44 -6.10 -12.29
CA GLU A 33 7.16 -6.15 -13.54
C GLU A 33 8.62 -5.74 -13.36
N ASP A 34 8.86 -4.69 -12.60
CA ASP A 34 10.23 -4.20 -12.42
C ASP A 34 10.85 -4.76 -11.15
N GLY A 35 10.02 -5.12 -10.21
CA GLY A 35 10.51 -5.61 -8.94
C GLY A 35 10.68 -4.48 -7.95
N THR A 36 10.17 -3.30 -8.32
CA THR A 36 10.19 -2.14 -7.52
C THR A 36 9.36 -2.36 -6.26
N ARG A 37 10.00 -2.41 -5.14
CA ARG A 37 9.28 -2.68 -3.92
C ARG A 37 9.31 -1.47 -3.06
N LEU A 38 8.17 -1.06 -2.64
CA LEU A 38 8.02 0.13 -1.91
C LEU A 38 7.34 -0.16 -0.60
N VAL A 39 8.14 -0.24 0.43
CA VAL A 39 7.66 -0.49 1.76
C VAL A 39 8.18 0.62 2.67
N GLY A 40 7.46 0.92 3.72
CA GLY A 40 7.87 1.98 4.60
C GLY A 40 7.55 3.34 3.99
N GLU A 41 8.47 4.26 4.07
CA GLU A 41 8.30 5.60 3.53
C GLU A 41 8.47 5.58 2.02
N ASP A 42 9.07 4.51 1.56
CA ASP A 42 9.23 4.27 0.13
C ASP A 42 7.89 3.94 -0.50
N ALA A 43 6.98 3.50 0.32
CA ALA A 43 5.66 3.12 -0.13
C ALA A 43 4.82 4.35 -0.41
N PRO A 44 3.94 4.30 -1.39
CA PRO A 44 3.06 5.43 -1.70
C PRO A 44 2.06 5.68 -0.56
N LYS A 45 1.64 6.91 -0.43
CA LYS A 45 0.67 7.26 0.57
C LYS A 45 -0.69 6.81 0.11
N ASN A 46 -1.54 6.45 1.06
CA ASN A 46 -2.92 5.96 0.80
C ASN A 46 -3.71 6.89 -0.14
N LYS A 47 -3.49 8.18 0.00
CA LYS A 47 -4.13 9.20 -0.83
C LYS A 47 -3.71 9.10 -2.31
N ASP A 48 -2.46 8.71 -2.54
CA ASP A 48 -1.89 8.66 -3.89
C ASP A 48 -2.02 7.29 -4.46
N LEU A 49 -2.39 6.35 -3.61
CA LEU A 49 -2.48 4.93 -3.94
C LEU A 49 -3.28 4.71 -5.22
N VAL A 50 -4.45 5.31 -5.29
CA VAL A 50 -5.34 5.14 -6.45
C VAL A 50 -4.68 5.58 -7.77
N GLU A 51 -3.90 6.65 -7.71
CA GLU A 51 -3.23 7.18 -8.85
C GLU A 51 -2.08 6.28 -9.24
N TRP A 52 -1.34 5.83 -8.24
CA TRP A 52 -0.20 4.96 -8.42
C TRP A 52 -0.66 3.65 -9.06
N LEU A 53 -1.81 3.20 -8.65
CA LEU A 53 -2.44 1.97 -9.15
C LEU A 53 -2.74 2.05 -10.62
N LYS A 54 -3.15 3.20 -11.07
CA LYS A 54 -3.45 3.39 -12.48
C LYS A 54 -2.19 3.42 -13.31
N LEU A 55 -1.09 3.70 -12.66
CA LEU A 55 0.20 3.78 -13.33
C LEU A 55 0.89 2.43 -13.31
N HIS A 56 0.48 1.56 -12.41
CA HIS A 56 1.07 0.25 -12.27
C HIS A 56 0.02 -0.86 -12.24
N PRO A 57 -0.39 -1.34 -13.40
CA PRO A 57 -1.33 -2.46 -13.51
C PRO A 57 -0.66 -3.77 -13.10
N THR A 58 0.64 -3.70 -13.05
CA THR A 58 1.50 -4.78 -12.77
C THR A 58 1.93 -4.80 -11.29
N TYR A 59 1.23 -4.07 -10.45
CA TYR A 59 1.61 -4.05 -9.05
C TYR A 59 0.84 -5.13 -8.27
N THR A 60 1.15 -5.27 -7.00
CA THR A 60 0.39 -6.08 -6.10
C THR A 60 0.61 -5.52 -4.68
N VAL A 61 -0.30 -5.83 -3.78
CA VAL A 61 -0.22 -5.38 -2.41
C VAL A 61 0.83 -6.20 -1.66
N ASP A 62 1.87 -5.53 -1.20
CA ASP A 62 2.97 -6.20 -0.52
C ASP A 62 2.64 -6.36 0.94
N MET A 63 1.79 -5.45 1.45
CA MET A 63 1.32 -5.44 2.84
C MET A 63 0.89 -6.84 3.31
N PRO A 64 1.63 -7.44 4.24
CA PRO A 64 1.31 -8.76 4.77
C PRO A 64 0.30 -8.68 5.90
N SER A 65 0.08 -7.47 6.40
CA SER A 65 -0.83 -7.21 7.47
C SER A 65 -2.26 -7.64 7.08
N TYR A 66 -2.77 -7.06 5.99
CA TYR A 66 -4.08 -7.42 5.46
C TYR A 66 -4.27 -6.75 4.12
N VAL A 67 -5.48 -6.79 3.62
CA VAL A 67 -5.84 -6.25 2.31
C VAL A 67 -6.11 -4.74 2.42
N PRO A 68 -6.16 -4.01 1.29
CA PRO A 68 -6.59 -2.62 1.31
C PRO A 68 -8.04 -2.55 1.77
N LYS A 69 -8.28 -1.89 2.89
CA LYS A 69 -9.62 -1.78 3.46
C LYS A 69 -10.56 -1.00 2.53
N ASN A 70 -11.32 -1.73 1.77
CA ASN A 70 -12.31 -1.20 0.86
C ASN A 70 -13.37 -2.25 0.70
N ALA A 71 -14.61 -1.90 0.87
CA ALA A 71 -15.68 -2.84 0.67
C ALA A 71 -16.08 -2.84 -0.79
N ASP A 72 -15.66 -3.87 -1.51
CA ASP A 72 -15.94 -3.97 -2.95
C ASP A 72 -17.38 -4.41 -3.20
N VAL A 73 -17.96 -4.99 -2.18
CA VAL A 73 -19.37 -5.31 -2.17
C VAL A 73 -19.91 -4.84 -0.82
N LEU A 74 -19.62 -5.63 0.19
CA LEU A 74 -19.91 -5.38 1.60
C LEU A 74 -18.95 -6.24 2.33
N PHE A 75 -18.97 -7.49 1.96
CA PHE A 75 -18.02 -8.47 2.38
C PHE A 75 -17.30 -8.90 1.10
N SER A 76 -16.60 -10.02 1.14
CA SER A 76 -15.89 -10.58 -0.03
C SER A 76 -14.69 -9.73 -0.48
N SER A 77 -14.29 -8.80 0.34
CA SER A 77 -13.17 -7.97 0.02
C SER A 77 -11.89 -8.60 0.57
N PHE A 78 -11.96 -9.01 1.82
CA PHE A 78 -10.87 -9.68 2.47
C PHE A 78 -11.00 -11.17 2.18
N GLN A 79 -10.04 -11.69 1.43
CA GLN A 79 -9.99 -13.09 1.04
C GLN A 79 -11.04 -13.45 0.01
N LYS A 80 -10.79 -13.02 -1.20
CA LYS A 80 -11.64 -13.33 -2.33
C LYS A 80 -10.78 -14.00 -3.37
N LEU A 21 -8.75 3.51 5.00
CA LEU A 21 -7.59 3.90 5.84
C LEU A 21 -7.44 5.43 5.94
N ASP A 22 -6.32 5.87 6.48
CA ASP A 22 -6.03 7.29 6.58
C ASP A 22 -5.28 7.69 5.32
N PRO A 23 -5.52 8.87 4.76
CA PRO A 23 -4.82 9.32 3.54
C PRO A 23 -3.31 9.46 3.76
N ASP A 24 -2.93 9.63 5.01
CA ASP A 24 -1.54 9.82 5.43
C ASP A 24 -0.83 8.49 5.66
N THR A 25 -1.57 7.41 5.58
CA THR A 25 -1.01 6.09 5.77
C THR A 25 -0.22 5.68 4.52
N ARG A 26 0.84 4.95 4.70
CA ARG A 26 1.64 4.45 3.59
C ARG A 26 1.19 3.04 3.22
N ILE A 27 1.14 2.75 1.94
CA ILE A 27 0.68 1.45 1.46
C ILE A 27 1.87 0.70 0.81
N PRO A 28 2.44 -0.30 1.51
CA PRO A 28 3.59 -1.07 0.99
C PRO A 28 3.24 -1.97 -0.22
N VAL A 29 3.59 -1.50 -1.39
CA VAL A 29 3.25 -2.18 -2.62
C VAL A 29 4.48 -2.46 -3.46
N ILE A 30 4.35 -3.37 -4.41
CA ILE A 30 5.42 -3.70 -5.30
C ILE A 30 4.87 -3.97 -6.71
N ASN A 31 5.58 -3.53 -7.71
CA ASN A 31 5.23 -3.86 -9.07
C ASN A 31 6.04 -5.06 -9.44
N LEU A 32 5.41 -6.21 -9.41
CA LEU A 32 6.07 -7.50 -9.59
C LEU A 32 6.77 -7.64 -10.92
N GLU A 33 6.24 -7.01 -11.94
CA GLU A 33 6.81 -7.12 -13.27
C GLU A 33 8.06 -6.23 -13.42
N ASP A 34 8.31 -5.38 -12.44
CA ASP A 34 9.43 -4.44 -12.52
C ASP A 34 10.44 -4.64 -11.42
N GLY A 35 9.95 -4.75 -10.21
CA GLY A 35 10.84 -4.89 -9.09
C GLY A 35 10.83 -3.69 -8.19
N THR A 36 10.02 -2.68 -8.53
CA THR A 36 9.85 -1.55 -7.73
C THR A 36 9.01 -1.92 -6.52
N ARG A 37 9.61 -1.89 -5.40
CA ARG A 37 8.96 -2.20 -4.17
C ARG A 37 9.12 -1.05 -3.25
N LEU A 38 8.03 -0.60 -2.74
CA LEU A 38 7.98 0.54 -1.93
C LEU A 38 7.31 0.17 -0.63
N VAL A 39 8.09 0.09 0.42
CA VAL A 39 7.59 -0.31 1.71
C VAL A 39 7.97 0.73 2.76
N GLY A 40 7.21 0.77 3.83
CA GLY A 40 7.48 1.70 4.88
C GLY A 40 7.10 3.09 4.45
N GLU A 41 8.00 4.01 4.61
CA GLU A 41 7.75 5.38 4.20
C GLU A 41 8.06 5.55 2.72
N ASP A 42 8.80 4.59 2.16
CA ASP A 42 9.13 4.58 0.73
C ASP A 42 7.91 4.24 -0.08
N ALA A 43 6.91 3.71 0.60
CA ALA A 43 5.65 3.34 0.03
C ALA A 43 4.86 4.60 -0.30
N PRO A 44 3.99 4.56 -1.31
CA PRO A 44 3.14 5.69 -1.64
C PRO A 44 2.11 5.92 -0.53
N LYS A 45 1.61 7.15 -0.43
CA LYS A 45 0.61 7.45 0.56
C LYS A 45 -0.71 6.84 0.11
N ASN A 46 -1.59 6.58 1.02
CA ASN A 46 -2.90 6.00 0.72
C ASN A 46 -3.69 6.85 -0.27
N LYS A 47 -3.43 8.13 -0.26
CA LYS A 47 -4.03 9.04 -1.22
C LYS A 47 -3.35 8.95 -2.60
N ASP A 48 -2.06 8.58 -2.62
CA ASP A 48 -1.30 8.45 -3.89
C ASP A 48 -1.56 7.11 -4.49
N LEU A 49 -1.95 6.19 -3.64
CA LEU A 49 -2.20 4.80 -3.96
C LEU A 49 -3.05 4.67 -5.22
N VAL A 50 -4.13 5.41 -5.28
CA VAL A 50 -5.03 5.35 -6.41
C VAL A 50 -4.32 5.75 -7.74
N GLU A 51 -3.44 6.74 -7.65
CA GLU A 51 -2.70 7.23 -8.80
C GLU A 51 -1.64 6.23 -9.20
N TRP A 52 -0.99 5.67 -8.20
CA TRP A 52 0.08 4.71 -8.40
C TRP A 52 -0.47 3.46 -9.10
N LEU A 53 -1.71 3.12 -8.78
CA LEU A 53 -2.42 1.99 -9.40
C LEU A 53 -2.71 2.26 -10.86
N LYS A 54 -2.97 3.52 -11.18
CA LYS A 54 -3.20 3.94 -12.56
C LYS A 54 -1.91 3.84 -13.37
N LEU A 55 -0.80 3.84 -12.67
CA LEU A 55 0.50 3.75 -13.30
C LEU A 55 0.99 2.31 -13.31
N HIS A 56 0.58 1.53 -12.32
CA HIS A 56 1.03 0.15 -12.20
C HIS A 56 -0.15 -0.82 -12.04
N PRO A 57 -0.81 -1.21 -13.13
CA PRO A 57 -1.90 -2.19 -13.06
C PRO A 57 -1.33 -3.59 -12.81
N THR A 58 -0.04 -3.70 -12.99
CA THR A 58 0.72 -4.91 -12.81
C THR A 58 1.34 -4.97 -11.41
N TYR A 59 0.71 -4.31 -10.47
CA TYR A 59 1.26 -4.26 -9.14
C TYR A 59 0.62 -5.33 -8.25
N THR A 60 1.13 -5.44 -7.06
CA THR A 60 0.62 -6.26 -6.02
C THR A 60 1.02 -5.64 -4.69
N VAL A 61 0.15 -5.66 -3.71
CA VAL A 61 0.52 -5.17 -2.39
C VAL A 61 1.44 -6.22 -1.79
N ASP A 62 2.63 -5.80 -1.39
CA ASP A 62 3.60 -6.73 -0.83
C ASP A 62 3.13 -7.23 0.51
N MET A 63 2.84 -6.31 1.38
CA MET A 63 2.38 -6.64 2.70
C MET A 63 1.04 -5.97 2.96
N PRO A 64 -0.08 -6.68 2.70
CA PRO A 64 -1.43 -6.13 2.91
C PRO A 64 -1.73 -5.87 4.39
N SER A 65 -1.24 -6.74 5.23
CA SER A 65 -1.48 -6.62 6.65
C SER A 65 -0.16 -6.50 7.40
N TYR A 66 0.00 -5.42 8.14
CA TYR A 66 1.19 -5.23 8.94
C TYR A 66 0.80 -4.56 10.25
N VAL A 67 1.76 -4.30 11.11
CA VAL A 67 1.50 -3.65 12.37
C VAL A 67 1.24 -2.15 12.18
N PRO A 68 0.06 -1.66 12.56
CA PRO A 68 -0.27 -0.26 12.39
C PRO A 68 0.56 0.62 13.32
N LYS A 69 1.13 1.66 12.78
CA LYS A 69 1.90 2.56 13.58
C LYS A 69 0.98 3.68 13.98
N ASN A 70 0.30 3.48 15.08
CA ASN A 70 -0.67 4.45 15.52
C ASN A 70 -0.02 5.68 16.06
N ALA A 71 -0.06 6.72 15.28
CA ALA A 71 0.46 8.00 15.70
C ALA A 71 -0.60 8.67 16.55
N ASP A 72 -1.84 8.20 16.34
CA ASP A 72 -3.05 8.70 17.01
C ASP A 72 -3.11 8.31 18.49
N VAL A 73 -2.10 7.62 18.98
CA VAL A 73 -2.03 7.30 20.40
C VAL A 73 -1.28 8.41 21.13
N LEU A 74 -0.71 9.32 20.34
CA LEU A 74 0.10 10.44 20.81
C LEU A 74 1.40 9.96 21.44
N PHE A 75 2.42 9.85 20.64
CA PHE A 75 3.70 9.41 21.10
C PHE A 75 4.75 10.41 20.68
N SER A 76 5.25 11.16 21.63
CA SER A 76 6.23 12.17 21.38
C SER A 76 7.16 12.23 22.57
N SER A 77 8.32 11.68 22.41
CA SER A 77 9.31 11.63 23.47
C SER A 77 10.04 12.96 23.54
N PHE A 78 10.16 13.61 22.40
CA PHE A 78 10.87 14.84 22.32
C PHE A 78 9.88 15.94 22.01
N GLN A 79 9.38 16.54 23.05
CA GLN A 79 8.38 17.58 22.92
C GLN A 79 8.82 18.80 23.70
N LYS A 80 9.49 18.58 24.79
CA LYS A 80 9.92 19.64 25.65
C LYS A 80 11.27 20.12 25.15
N LEU A 21 -8.40 2.59 4.74
CA LEU A 21 -7.36 3.08 5.61
C LEU A 21 -7.28 4.59 5.48
N ASP A 22 -6.49 5.22 6.30
CA ASP A 22 -6.33 6.68 6.26
C ASP A 22 -5.54 7.05 5.03
N PRO A 23 -5.84 8.19 4.38
CA PRO A 23 -5.09 8.66 3.22
C PRO A 23 -3.59 8.87 3.49
N ASP A 24 -3.21 9.08 4.76
CA ASP A 24 -1.79 9.36 5.07
C ASP A 24 -1.01 8.07 5.27
N THR A 25 -1.74 7.00 5.54
CA THR A 25 -1.14 5.71 5.76
C THR A 25 -0.39 5.26 4.50
N ARG A 26 0.85 4.86 4.68
CA ARG A 26 1.66 4.38 3.58
C ARG A 26 1.23 2.98 3.23
N ILE A 27 1.22 2.67 1.96
CA ILE A 27 0.82 1.38 1.49
C ILE A 27 2.02 0.70 0.84
N PRO A 28 2.67 -0.19 1.57
CA PRO A 28 3.77 -0.98 1.04
C PRO A 28 3.33 -1.91 -0.10
N VAL A 29 3.73 -1.57 -1.30
CA VAL A 29 3.36 -2.29 -2.50
C VAL A 29 4.60 -2.61 -3.33
N ILE A 30 4.43 -3.46 -4.30
CA ILE A 30 5.49 -3.84 -5.19
C ILE A 30 4.95 -3.93 -6.63
N ASN A 31 5.77 -3.55 -7.57
CA ASN A 31 5.44 -3.64 -8.97
C ASN A 31 6.14 -4.86 -9.50
N LEU A 32 5.37 -5.87 -9.84
CA LEU A 32 5.92 -7.17 -10.20
C LEU A 32 6.72 -7.16 -11.49
N GLU A 33 6.32 -6.30 -12.42
CA GLU A 33 6.98 -6.24 -13.72
C GLU A 33 8.46 -5.85 -13.59
N ASP A 34 8.74 -4.95 -12.67
CA ASP A 34 10.10 -4.44 -12.51
C ASP A 34 10.77 -4.99 -11.26
N GLY A 35 9.97 -5.25 -10.26
CA GLY A 35 10.47 -5.73 -9.00
C GLY A 35 10.59 -4.61 -8.00
N THR A 36 10.09 -3.45 -8.36
CA THR A 36 10.14 -2.29 -7.56
C THR A 36 9.28 -2.49 -6.31
N ARG A 37 9.80 -2.23 -5.14
CA ARG A 37 9.05 -2.50 -3.95
C ARG A 37 9.21 -1.36 -3.04
N LEU A 38 8.13 -0.84 -2.62
CA LEU A 38 8.11 0.35 -1.88
C LEU A 38 7.39 0.09 -0.60
N VAL A 39 8.14 -0.07 0.46
CA VAL A 39 7.58 -0.34 1.75
C VAL A 39 8.09 0.70 2.73
N GLY A 40 7.39 0.88 3.83
CA GLY A 40 7.80 1.83 4.83
C GLY A 40 7.66 3.25 4.36
N GLU A 41 8.77 3.94 4.32
CA GLU A 41 8.80 5.34 3.94
C GLU A 41 8.86 5.49 2.43
N ASP A 42 9.23 4.42 1.74
CA ASP A 42 9.27 4.47 0.27
C ASP A 42 7.92 4.13 -0.29
N ALA A 43 7.04 3.69 0.56
CA ALA A 43 5.71 3.30 0.16
C ALA A 43 4.86 4.52 -0.12
N PRO A 44 4.04 4.49 -1.19
CA PRO A 44 3.15 5.59 -1.53
C PRO A 44 2.05 5.76 -0.47
N LYS A 45 1.50 6.95 -0.38
CA LYS A 45 0.45 7.23 0.58
C LYS A 45 -0.86 6.72 0.01
N ASN A 46 -1.74 6.26 0.87
CA ASN A 46 -3.05 5.71 0.48
C ASN A 46 -3.87 6.71 -0.35
N LYS A 47 -3.67 7.99 -0.12
CA LYS A 47 -4.33 9.03 -0.91
C LYS A 47 -3.89 9.02 -2.37
N ASP A 48 -2.64 8.75 -2.60
CA ASP A 48 -2.08 8.77 -3.95
C ASP A 48 -1.97 7.37 -4.49
N LEU A 49 -2.43 6.41 -3.69
CA LEU A 49 -2.38 5.01 -4.04
C LEU A 49 -3.14 4.78 -5.33
N VAL A 50 -4.31 5.37 -5.43
CA VAL A 50 -5.16 5.24 -6.61
C VAL A 50 -4.43 5.72 -7.88
N GLU A 51 -3.66 6.79 -7.75
CA GLU A 51 -2.91 7.37 -8.84
C GLU A 51 -1.80 6.44 -9.27
N TRP A 52 -1.13 5.89 -8.28
CA TRP A 52 -0.04 4.96 -8.47
C TRP A 52 -0.58 3.69 -9.15
N LEU A 53 -1.76 3.27 -8.72
CA LEU A 53 -2.47 2.11 -9.27
C LEU A 53 -2.85 2.31 -10.72
N LYS A 54 -3.16 3.54 -11.08
CA LYS A 54 -3.48 3.88 -12.46
C LYS A 54 -2.26 3.65 -13.35
N LEU A 55 -1.10 3.86 -12.78
CA LEU A 55 0.14 3.73 -13.52
C LEU A 55 0.72 2.31 -13.42
N HIS A 56 0.34 1.57 -12.38
CA HIS A 56 0.90 0.24 -12.20
C HIS A 56 -0.17 -0.85 -12.09
N PRO A 57 -0.69 -1.34 -13.24
CA PRO A 57 -1.65 -2.45 -13.26
C PRO A 57 -0.95 -3.77 -12.98
N THR A 58 0.35 -3.69 -12.98
CA THR A 58 1.26 -4.76 -12.78
C THR A 58 1.71 -4.83 -11.32
N TYR A 59 1.01 -4.15 -10.43
CA TYR A 59 1.44 -4.11 -9.07
C TYR A 59 0.82 -5.25 -8.25
N THR A 60 1.25 -5.35 -7.03
CA THR A 60 0.75 -6.26 -6.03
C THR A 60 1.07 -5.64 -4.67
N VAL A 61 0.17 -5.76 -3.72
CA VAL A 61 0.39 -5.15 -2.42
C VAL A 61 1.27 -6.07 -1.57
N ASP A 62 2.33 -5.52 -1.00
CA ASP A 62 3.29 -6.31 -0.22
C ASP A 62 2.82 -6.47 1.22
N MET A 63 2.18 -5.44 1.74
CA MET A 63 1.65 -5.48 3.09
C MET A 63 0.20 -5.97 3.05
N PRO A 64 -0.15 -7.01 3.85
CA PRO A 64 -1.53 -7.54 3.92
C PRO A 64 -2.57 -6.42 4.13
N SER A 65 -2.22 -5.48 5.02
CA SER A 65 -3.00 -4.27 5.33
C SER A 65 -4.21 -4.58 6.22
N TYR A 66 -5.08 -5.47 5.76
CA TYR A 66 -6.23 -5.89 6.52
C TYR A 66 -6.78 -7.13 5.86
N VAL A 67 -7.72 -7.80 6.49
CA VAL A 67 -8.30 -8.99 5.90
C VAL A 67 -9.43 -8.62 4.92
N PRO A 68 -9.40 -9.15 3.68
CA PRO A 68 -10.45 -8.90 2.69
C PRO A 68 -11.82 -9.36 3.21
N LYS A 69 -12.59 -8.40 3.68
CA LYS A 69 -13.92 -8.65 4.23
C LYS A 69 -14.88 -9.10 3.16
N ASN A 70 -14.93 -8.34 2.10
CA ASN A 70 -15.74 -8.70 0.97
C ASN A 70 -14.87 -9.39 -0.06
N ALA A 71 -14.96 -10.69 -0.11
CA ALA A 71 -14.14 -11.45 -1.03
C ALA A 71 -14.98 -12.39 -1.86
N ASP A 72 -15.48 -13.39 -1.23
CA ASP A 72 -16.29 -14.40 -1.86
C ASP A 72 -17.74 -14.08 -1.62
N VAL A 73 -18.34 -13.53 -2.63
CA VAL A 73 -19.71 -13.05 -2.56
C VAL A 73 -20.70 -14.01 -3.24
N LEU A 74 -20.30 -14.62 -4.32
CA LEU A 74 -21.22 -15.43 -5.11
C LEU A 74 -20.67 -16.86 -5.29
N PHE A 75 -19.65 -17.20 -4.56
CA PHE A 75 -19.05 -18.52 -4.67
C PHE A 75 -18.62 -18.99 -3.29
N SER A 76 -19.21 -20.04 -2.83
CA SER A 76 -18.88 -20.60 -1.55
C SER A 76 -18.57 -22.07 -1.70
N SER A 77 -17.82 -22.60 -0.78
CA SER A 77 -17.53 -24.01 -0.75
C SER A 77 -18.51 -24.70 0.20
N PHE A 78 -19.33 -23.90 0.86
CA PHE A 78 -20.27 -24.41 1.81
C PHE A 78 -21.65 -24.38 1.18
N GLN A 79 -22.12 -25.53 0.77
CA GLN A 79 -23.40 -25.64 0.11
C GLN A 79 -24.51 -25.57 1.15
N LYS A 80 -24.59 -26.56 1.98
CA LYS A 80 -25.57 -26.61 3.01
C LYS A 80 -24.91 -26.40 4.34
N LEU A 21 -7.79 3.10 6.84
CA LEU A 21 -6.53 3.67 6.54
C LEU A 21 -6.68 5.17 6.54
N ASP A 22 -5.60 5.85 6.79
CA ASP A 22 -5.60 7.29 6.79
C ASP A 22 -4.84 7.72 5.57
N PRO A 23 -5.14 8.87 4.96
CA PRO A 23 -4.39 9.39 3.80
C PRO A 23 -2.87 9.45 4.06
N ASP A 24 -2.48 9.51 5.34
CA ASP A 24 -1.08 9.60 5.75
C ASP A 24 -0.42 8.22 5.81
N THR A 25 -1.24 7.20 5.95
CA THR A 25 -0.77 5.83 6.06
C THR A 25 -0.13 5.40 4.72
N ARG A 26 0.92 4.63 4.79
CA ARG A 26 1.60 4.15 3.62
C ARG A 26 1.05 2.82 3.22
N ILE A 27 1.10 2.54 1.95
CA ILE A 27 0.67 1.28 1.45
C ILE A 27 1.88 0.61 0.83
N PRO A 28 2.52 -0.29 1.56
CA PRO A 28 3.66 -1.02 1.06
C PRO A 28 3.27 -1.98 -0.04
N VAL A 29 3.69 -1.67 -1.24
CA VAL A 29 3.35 -2.41 -2.43
C VAL A 29 4.60 -2.72 -3.24
N ILE A 30 4.45 -3.56 -4.22
CA ILE A 30 5.56 -3.94 -5.06
C ILE A 30 5.06 -4.13 -6.50
N ASN A 31 5.87 -3.71 -7.44
CA ASN A 31 5.57 -3.83 -8.85
C ASN A 31 6.10 -5.15 -9.35
N LEU A 32 5.26 -5.97 -9.93
CA LEU A 32 5.67 -7.28 -10.38
C LEU A 32 6.32 -7.25 -11.77
N GLU A 33 6.19 -6.15 -12.49
CA GLU A 33 6.81 -6.09 -13.82
C GLU A 33 8.32 -5.88 -13.67
N ASP A 34 8.68 -5.06 -12.70
CA ASP A 34 10.08 -4.74 -12.46
C ASP A 34 10.63 -5.48 -11.27
N GLY A 35 9.93 -5.41 -10.17
CA GLY A 35 10.40 -5.99 -8.93
C GLY A 35 10.58 -4.93 -7.86
N THR A 36 10.29 -3.69 -8.25
CA THR A 36 10.36 -2.54 -7.42
C THR A 36 9.45 -2.69 -6.21
N ARG A 37 9.94 -2.40 -5.03
CA ARG A 37 9.21 -2.67 -3.84
C ARG A 37 9.30 -1.46 -3.01
N LEU A 38 8.19 -0.94 -2.63
CA LEU A 38 8.16 0.29 -1.94
C LEU A 38 7.44 0.10 -0.65
N VAL A 39 8.19 0.09 0.41
CA VAL A 39 7.66 -0.11 1.73
C VAL A 39 8.15 1.02 2.63
N GLY A 40 7.46 1.26 3.73
CA GLY A 40 7.82 2.35 4.62
C GLY A 40 7.42 3.67 4.01
N GLU A 41 8.23 4.68 4.19
CA GLU A 41 7.97 5.99 3.62
C GLU A 41 8.18 6.00 2.13
N ASP A 42 8.93 5.02 1.67
CA ASP A 42 9.16 4.82 0.23
C ASP A 42 7.89 4.38 -0.45
N ALA A 43 6.96 3.85 0.34
CA ALA A 43 5.70 3.39 -0.16
C ALA A 43 4.79 4.56 -0.48
N PRO A 44 3.91 4.41 -1.46
CA PRO A 44 2.92 5.43 -1.77
C PRO A 44 1.92 5.58 -0.60
N LYS A 45 1.49 6.80 -0.35
CA LYS A 45 0.51 7.05 0.68
C LYS A 45 -0.84 6.57 0.22
N ASN A 46 -1.68 6.26 1.17
CA ASN A 46 -3.06 5.78 0.93
C ASN A 46 -3.81 6.70 -0.05
N LYS A 47 -3.59 7.97 0.06
CA LYS A 47 -4.25 8.96 -0.80
C LYS A 47 -3.75 8.88 -2.25
N ASP A 48 -2.47 8.62 -2.42
CA ASP A 48 -1.84 8.60 -3.75
C ASP A 48 -1.98 7.24 -4.39
N LEU A 49 -2.42 6.28 -3.60
CA LEU A 49 -2.53 4.88 -3.99
C LEU A 49 -3.26 4.72 -5.32
N VAL A 50 -4.42 5.33 -5.45
CA VAL A 50 -5.23 5.23 -6.67
C VAL A 50 -4.48 5.72 -7.92
N GLU A 51 -3.67 6.75 -7.75
CA GLU A 51 -2.89 7.32 -8.81
C GLU A 51 -1.74 6.39 -9.16
N TRP A 52 -1.12 5.85 -8.14
CA TRP A 52 -0.01 4.93 -8.31
C TRP A 52 -0.50 3.67 -9.04
N LEU A 53 -1.69 3.23 -8.67
CA LEU A 53 -2.33 2.05 -9.25
C LEU A 53 -2.66 2.22 -10.71
N LYS A 54 -3.03 3.43 -11.11
CA LYS A 54 -3.36 3.64 -12.50
C LYS A 54 -2.10 3.57 -13.36
N LEU A 55 -1.03 4.08 -12.83
CA LEU A 55 0.29 4.00 -13.47
C LEU A 55 0.86 2.58 -13.45
N HIS A 56 0.60 1.83 -12.38
CA HIS A 56 1.15 0.49 -12.24
C HIS A 56 0.08 -0.58 -12.04
N PRO A 57 -0.58 -1.03 -13.13
CA PRO A 57 -1.57 -2.13 -13.05
C PRO A 57 -0.87 -3.48 -12.90
N THR A 58 0.42 -3.42 -12.95
CA THR A 58 1.33 -4.51 -12.86
C THR A 58 1.77 -4.75 -11.42
N TYR A 59 1.19 -4.02 -10.49
CA TYR A 59 1.61 -4.07 -9.12
C TYR A 59 0.86 -5.16 -8.35
N THR A 60 1.27 -5.37 -7.13
CA THR A 60 0.58 -6.18 -6.20
C THR A 60 0.85 -5.60 -4.82
N VAL A 61 0.09 -5.99 -3.84
CA VAL A 61 0.25 -5.45 -2.51
C VAL A 61 1.27 -6.28 -1.75
N ASP A 62 2.21 -5.63 -1.12
CA ASP A 62 3.25 -6.32 -0.38
C ASP A 62 2.74 -6.64 1.00
N MET A 63 2.32 -5.63 1.71
CA MET A 63 1.79 -5.79 3.03
C MET A 63 0.31 -5.46 2.97
N PRO A 64 -0.56 -6.47 2.87
CA PRO A 64 -1.99 -6.26 2.80
C PRO A 64 -2.62 -5.99 4.15
N SER A 65 -2.09 -6.60 5.18
CA SER A 65 -2.60 -6.49 6.50
C SER A 65 -1.54 -7.01 7.46
N TYR A 66 -1.65 -6.59 8.69
CA TYR A 66 -0.74 -6.94 9.77
C TYR A 66 -1.45 -6.49 11.02
N VAL A 67 -0.90 -6.67 12.19
CA VAL A 67 -1.54 -6.14 13.37
C VAL A 67 -1.24 -4.63 13.46
N PRO A 68 -2.29 -3.76 13.35
CA PRO A 68 -2.13 -2.31 13.36
C PRO A 68 -1.38 -1.80 14.58
N LYS A 69 -0.16 -1.45 14.38
CA LYS A 69 0.66 -0.95 15.43
C LYS A 69 0.80 0.53 15.27
N ASN A 70 0.40 1.26 16.28
CA ASN A 70 0.49 2.70 16.27
C ASN A 70 1.93 3.06 16.52
N ALA A 71 2.55 2.27 17.36
CA ALA A 71 3.96 2.33 17.58
C ALA A 71 4.52 1.04 17.02
N ASP A 72 4.83 1.06 15.75
CA ASP A 72 5.23 -0.14 15.01
C ASP A 72 6.73 -0.38 15.04
N VAL A 73 7.39 0.25 16.00
CA VAL A 73 8.84 0.16 16.20
C VAL A 73 9.58 0.77 15.02
N LEU A 74 9.85 2.04 15.13
CA LEU A 74 10.61 2.71 14.13
C LEU A 74 12.07 2.45 14.34
N PHE A 75 12.57 1.47 13.63
CA PHE A 75 13.97 1.13 13.68
C PHE A 75 14.70 2.12 12.80
N SER A 76 14.02 2.55 11.77
CA SER A 76 14.50 3.58 10.92
C SER A 76 13.84 4.89 11.36
N SER A 77 14.56 5.70 12.09
CA SER A 77 14.07 6.96 12.54
C SER A 77 14.12 7.95 11.38
N PHE A 78 12.99 8.15 10.74
CA PHE A 78 12.89 9.02 9.61
C PHE A 78 12.83 10.47 10.05
N GLN A 79 13.95 11.11 10.04
CA GLN A 79 14.03 12.52 10.34
C GLN A 79 13.80 13.28 9.04
N LYS A 80 14.24 12.62 7.96
CA LYS A 80 14.18 13.10 6.59
C LYS A 80 15.12 14.26 6.39
N LEU A 21 -8.51 4.63 5.71
CA LEU A 21 -7.30 4.82 6.45
C LEU A 21 -6.89 6.28 6.27
N ASP A 22 -6.01 6.75 7.12
CA ASP A 22 -5.47 8.11 6.99
C ASP A 22 -4.83 8.25 5.63
N PRO A 23 -5.01 9.39 4.95
CA PRO A 23 -4.45 9.62 3.62
C PRO A 23 -2.92 9.57 3.62
N ASP A 24 -2.34 9.84 4.76
CA ASP A 24 -0.90 9.85 4.90
C ASP A 24 -0.34 8.44 5.04
N THR A 25 -1.12 7.51 5.60
CA THR A 25 -0.69 6.13 5.85
C THR A 25 -0.10 5.50 4.59
N ARG A 26 1.05 4.86 4.73
CA ARG A 26 1.76 4.30 3.60
C ARG A 26 1.21 2.95 3.28
N ILE A 27 1.16 2.66 2.02
CA ILE A 27 0.66 1.40 1.56
C ILE A 27 1.80 0.64 0.89
N PRO A 28 2.37 -0.36 1.58
CA PRO A 28 3.51 -1.12 1.07
C PRO A 28 3.15 -2.00 -0.13
N VAL A 29 3.57 -1.58 -1.31
CA VAL A 29 3.25 -2.30 -2.53
C VAL A 29 4.53 -2.68 -3.27
N ILE A 30 4.40 -3.59 -4.19
CA ILE A 30 5.52 -4.10 -4.96
C ILE A 30 5.10 -4.25 -6.44
N ASN A 31 6.00 -3.95 -7.34
CA ASN A 31 5.72 -4.02 -8.77
C ASN A 31 6.28 -5.32 -9.31
N LEU A 32 5.44 -6.14 -9.91
CA LEU A 32 5.88 -7.43 -10.43
C LEU A 32 6.61 -7.30 -11.77
N GLU A 33 6.44 -6.20 -12.44
CA GLU A 33 7.07 -5.99 -13.74
C GLU A 33 8.41 -5.28 -13.61
N ASP A 34 8.61 -4.64 -12.49
CA ASP A 34 9.86 -3.93 -12.28
C ASP A 34 10.71 -4.64 -11.25
N GLY A 35 10.07 -5.08 -10.19
CA GLY A 35 10.79 -5.70 -9.11
C GLY A 35 10.89 -4.77 -7.93
N THR A 36 10.53 -3.51 -8.15
CA THR A 36 10.58 -2.49 -7.13
C THR A 36 9.56 -2.81 -6.04
N ARG A 37 9.78 -2.28 -4.88
CA ARG A 37 8.96 -2.53 -3.77
C ARG A 37 9.08 -1.37 -2.88
N LEU A 38 7.99 -0.81 -2.57
CA LEU A 38 7.95 0.39 -1.85
C LEU A 38 7.26 0.13 -0.56
N VAL A 39 8.04 0.06 0.48
CA VAL A 39 7.58 -0.20 1.81
C VAL A 39 8.10 0.90 2.72
N GLY A 40 7.42 1.17 3.80
CA GLY A 40 7.84 2.23 4.69
C GLY A 40 7.51 3.58 4.10
N GLU A 41 8.45 4.50 4.18
CA GLU A 41 8.26 5.85 3.63
C GLU A 41 8.31 5.86 2.13
N ASP A 42 8.94 4.85 1.58
CA ASP A 42 9.00 4.66 0.13
C ASP A 42 7.65 4.29 -0.41
N ALA A 43 6.84 3.71 0.45
CA ALA A 43 5.52 3.27 0.08
C ALA A 43 4.62 4.46 -0.23
N PRO A 44 3.81 4.35 -1.29
CA PRO A 44 2.89 5.40 -1.67
C PRO A 44 1.89 5.68 -0.58
N LYS A 45 1.54 6.93 -0.43
CA LYS A 45 0.59 7.36 0.56
C LYS A 45 -0.78 6.90 0.15
N ASN A 46 -1.61 6.62 1.12
CA ASN A 46 -2.99 6.12 0.90
C ASN A 46 -3.78 7.04 -0.04
N LYS A 47 -3.50 8.34 0.05
CA LYS A 47 -4.12 9.34 -0.81
C LYS A 47 -3.69 9.18 -2.28
N ASP A 48 -2.41 8.92 -2.50
CA ASP A 48 -1.86 8.85 -3.87
C ASP A 48 -1.79 7.43 -4.37
N LEU A 49 -2.28 6.51 -3.57
CA LEU A 49 -2.30 5.09 -3.88
C LEU A 49 -3.01 4.86 -5.21
N VAL A 50 -4.16 5.50 -5.37
CA VAL A 50 -4.98 5.34 -6.56
C VAL A 50 -4.23 5.76 -7.83
N GLU A 51 -3.46 6.84 -7.74
CA GLU A 51 -2.70 7.37 -8.85
C GLU A 51 -1.66 6.35 -9.30
N TRP A 52 -0.99 5.75 -8.33
CA TRP A 52 0.06 4.78 -8.56
C TRP A 52 -0.55 3.52 -9.21
N LEU A 53 -1.74 3.18 -8.76
CA LEU A 53 -2.48 2.01 -9.26
C LEU A 53 -2.90 2.17 -10.70
N LYS A 54 -3.21 3.39 -11.08
CA LYS A 54 -3.57 3.70 -12.45
C LYS A 54 -2.38 3.46 -13.37
N LEU A 55 -1.21 3.81 -12.88
CA LEU A 55 0.01 3.74 -13.65
C LEU A 55 0.65 2.34 -13.61
N HIS A 56 0.38 1.59 -12.56
CA HIS A 56 0.96 0.26 -12.41
C HIS A 56 -0.12 -0.78 -12.13
N PRO A 57 -0.80 -1.27 -13.16
CA PRO A 57 -1.86 -2.27 -12.99
C PRO A 57 -1.28 -3.63 -12.59
N THR A 58 -0.02 -3.80 -12.90
CA THR A 58 0.70 -5.02 -12.69
C THR A 58 1.43 -4.99 -11.35
N TYR A 59 0.93 -4.18 -10.47
CA TYR A 59 1.50 -4.09 -9.17
C TYR A 59 0.80 -5.11 -8.28
N THR A 60 1.30 -5.28 -7.13
CA THR A 60 0.64 -6.04 -6.15
C THR A 60 1.03 -5.45 -4.80
N VAL A 61 0.48 -5.93 -3.75
CA VAL A 61 0.73 -5.36 -2.47
C VAL A 61 1.70 -6.26 -1.72
N ASP A 62 2.66 -5.67 -1.00
CA ASP A 62 3.65 -6.46 -0.26
C ASP A 62 2.99 -7.10 0.94
N MET A 63 2.02 -6.40 1.46
CA MET A 63 1.19 -6.89 2.53
C MET A 63 -0.24 -6.99 1.97
N PRO A 64 -0.53 -8.10 1.23
CA PRO A 64 -1.79 -8.28 0.46
C PRO A 64 -3.07 -8.02 1.25
N SER A 65 -3.36 -8.85 2.20
CA SER A 65 -4.57 -8.71 2.98
C SER A 65 -4.40 -9.33 4.34
N TYR A 66 -4.03 -8.51 5.30
CA TYR A 66 -3.93 -8.91 6.71
C TYR A 66 -5.28 -9.50 7.13
N VAL A 67 -6.27 -8.65 7.11
CA VAL A 67 -7.64 -8.98 7.28
C VAL A 67 -8.35 -8.07 6.31
N PRO A 68 -9.15 -8.57 5.40
CA PRO A 68 -9.89 -7.71 4.50
C PRO A 68 -11.11 -7.16 5.24
N LYS A 69 -10.93 -5.96 5.77
CA LYS A 69 -11.94 -5.33 6.60
C LYS A 69 -13.21 -5.01 5.84
N ASN A 70 -13.09 -4.29 4.77
CA ASN A 70 -14.24 -3.98 3.97
C ASN A 70 -13.92 -4.12 2.51
N ALA A 71 -14.36 -5.19 1.94
CA ALA A 71 -14.24 -5.44 0.55
C ALA A 71 -15.63 -5.71 0.01
N ASP A 72 -16.36 -4.63 -0.21
CA ASP A 72 -17.74 -4.74 -0.65
C ASP A 72 -17.84 -4.58 -2.16
N VAL A 73 -16.72 -4.30 -2.78
CA VAL A 73 -16.66 -4.28 -4.21
C VAL A 73 -16.24 -5.66 -4.68
N LEU A 74 -17.04 -6.27 -5.49
CA LEU A 74 -16.78 -7.61 -5.91
C LEU A 74 -15.69 -7.69 -6.95
N PHE A 75 -14.88 -8.72 -6.82
CA PHE A 75 -13.69 -8.96 -7.63
C PHE A 75 -12.62 -7.97 -7.23
N SER A 76 -12.12 -8.18 -6.05
CA SER A 76 -11.11 -7.38 -5.43
C SER A 76 -10.31 -8.32 -4.56
N SER A 77 -9.49 -7.77 -3.66
CA SER A 77 -8.64 -8.55 -2.75
C SER A 77 -7.55 -9.26 -3.54
N PHE A 78 -6.41 -8.62 -3.63
CA PHE A 78 -5.29 -9.14 -4.35
C PHE A 78 -4.65 -10.26 -3.57
N GLN A 79 -4.59 -11.43 -4.16
CA GLN A 79 -3.90 -12.54 -3.53
C GLN A 79 -2.43 -12.21 -3.52
N LYS A 80 -1.98 -11.78 -4.69
CA LYS A 80 -0.67 -11.26 -4.96
C LYS A 80 -0.55 -11.14 -6.46
N LEU A 21 -7.68 3.92 7.12
CA LEU A 21 -6.42 4.26 6.52
C LEU A 21 -6.40 5.75 6.26
N ASP A 22 -5.58 6.44 6.99
CA ASP A 22 -5.44 7.89 6.88
C ASP A 22 -4.71 8.21 5.59
N PRO A 23 -4.97 9.36 4.94
CA PRO A 23 -4.22 9.79 3.75
C PRO A 23 -2.69 9.79 3.96
N ASP A 24 -2.23 9.91 5.22
CA ASP A 24 -0.79 9.92 5.51
C ASP A 24 -0.24 8.48 5.58
N THR A 25 -1.13 7.52 5.71
CA THR A 25 -0.78 6.13 5.85
C THR A 25 -0.07 5.60 4.60
N ARG A 26 1.05 4.96 4.80
CA ARG A 26 1.82 4.39 3.71
C ARG A 26 1.30 3.02 3.35
N ILE A 27 1.19 2.77 2.06
CA ILE A 27 0.70 1.49 1.58
C ILE A 27 1.85 0.71 0.93
N PRO A 28 2.40 -0.30 1.62
CA PRO A 28 3.49 -1.12 1.09
C PRO A 28 3.04 -2.01 -0.08
N VAL A 29 3.46 -1.63 -1.26
CA VAL A 29 3.12 -2.32 -2.49
C VAL A 29 4.40 -2.62 -3.27
N ILE A 30 4.28 -3.48 -4.25
CA ILE A 30 5.41 -3.83 -5.06
C ILE A 30 5.00 -3.98 -6.52
N ASN A 31 5.86 -3.54 -7.41
CA ASN A 31 5.68 -3.70 -8.85
C ASN A 31 6.36 -5.00 -9.19
N LEU A 32 5.59 -5.97 -9.58
CA LEU A 32 6.15 -7.31 -9.81
C LEU A 32 6.88 -7.42 -11.12
N GLU A 33 6.50 -6.63 -12.09
CA GLU A 33 7.12 -6.72 -13.40
C GLU A 33 8.49 -6.06 -13.40
N ASP A 34 8.63 -5.01 -12.62
CA ASP A 34 9.88 -4.30 -12.50
C ASP A 34 10.71 -4.86 -11.37
N GLY A 35 10.15 -4.83 -10.17
CA GLY A 35 10.87 -5.26 -9.02
C GLY A 35 10.84 -4.21 -7.92
N THR A 36 10.42 -2.99 -8.26
CA THR A 36 10.32 -1.92 -7.33
C THR A 36 9.39 -2.29 -6.16
N ARG A 37 9.93 -2.31 -5.00
CA ARG A 37 9.17 -2.61 -3.82
C ARG A 37 9.18 -1.39 -2.95
N LEU A 38 8.04 -0.99 -2.54
CA LEU A 38 7.90 0.21 -1.82
C LEU A 38 7.26 -0.06 -0.50
N VAL A 39 8.08 -0.14 0.50
CA VAL A 39 7.65 -0.37 1.86
C VAL A 39 8.27 0.71 2.71
N GLY A 40 7.61 1.11 3.77
CA GLY A 40 8.15 2.18 4.59
C GLY A 40 7.79 3.51 4.00
N GLU A 41 8.73 4.42 3.98
CA GLU A 41 8.51 5.73 3.43
C GLU A 41 8.62 5.69 1.91
N ASP A 42 9.22 4.60 1.43
CA ASP A 42 9.31 4.32 -0.01
C ASP A 42 7.91 4.06 -0.55
N ALA A 43 7.03 3.59 0.34
CA ALA A 43 5.68 3.26 0.00
C ALA A 43 4.88 4.53 -0.23
N PRO A 44 4.02 4.53 -1.25
CA PRO A 44 3.18 5.68 -1.56
C PRO A 44 2.13 5.92 -0.47
N LYS A 45 1.68 7.14 -0.38
CA LYS A 45 0.65 7.51 0.55
C LYS A 45 -0.69 6.96 0.07
N ASN A 46 -1.53 6.58 1.01
CA ASN A 46 -2.86 5.98 0.74
C ASN A 46 -3.68 6.82 -0.24
N LYS A 47 -3.54 8.13 -0.13
CA LYS A 47 -4.25 9.05 -1.00
C LYS A 47 -3.77 8.96 -2.45
N ASP A 48 -2.51 8.63 -2.64
CA ASP A 48 -1.90 8.59 -3.97
C ASP A 48 -1.98 7.22 -4.55
N LEU A 49 -2.24 6.24 -3.69
CA LEU A 49 -2.31 4.83 -4.02
C LEU A 49 -3.15 4.61 -5.27
N VAL A 50 -4.34 5.14 -5.25
CA VAL A 50 -5.29 4.98 -6.34
C VAL A 50 -4.72 5.44 -7.70
N GLU A 51 -3.98 6.54 -7.67
CA GLU A 51 -3.37 7.12 -8.85
C GLU A 51 -2.19 6.27 -9.29
N TRP A 52 -1.42 5.82 -8.31
CA TRP A 52 -0.25 4.99 -8.54
C TRP A 52 -0.69 3.69 -9.21
N LEU A 53 -1.85 3.22 -8.81
CA LEU A 53 -2.48 2.02 -9.37
C LEU A 53 -2.83 2.19 -10.85
N LYS A 54 -3.19 3.42 -11.24
CA LYS A 54 -3.46 3.68 -12.66
C LYS A 54 -2.18 3.55 -13.45
N LEU A 55 -1.10 3.97 -12.85
CA LEU A 55 0.20 3.94 -13.49
C LEU A 55 0.76 2.54 -13.49
N HIS A 56 0.54 1.81 -12.41
CA HIS A 56 1.10 0.48 -12.27
C HIS A 56 0.03 -0.57 -11.94
N PRO A 57 -0.70 -1.09 -12.94
CA PRO A 57 -1.66 -2.17 -12.72
C PRO A 57 -0.94 -3.50 -12.54
N THR A 58 0.35 -3.44 -12.80
CA THR A 58 1.27 -4.54 -12.72
C THR A 58 1.83 -4.66 -11.30
N TYR A 59 1.20 -3.98 -10.39
CA TYR A 59 1.62 -3.98 -9.03
C TYR A 59 0.86 -5.07 -8.26
N THR A 60 1.25 -5.29 -7.06
CA THR A 60 0.59 -6.13 -6.14
C THR A 60 0.83 -5.57 -4.75
N VAL A 61 -0.19 -5.59 -3.91
CA VAL A 61 -0.01 -5.16 -2.54
C VAL A 61 0.85 -6.20 -1.84
N ASP A 62 1.98 -5.76 -1.30
CA ASP A 62 2.95 -6.68 -0.72
C ASP A 62 2.48 -7.19 0.64
N MET A 63 1.83 -6.35 1.37
CA MET A 63 1.33 -6.71 2.69
C MET A 63 0.04 -7.54 2.59
N PRO A 64 -0.10 -8.62 3.38
CA PRO A 64 -1.38 -9.31 3.52
C PRO A 64 -2.25 -8.54 4.53
N SER A 65 -1.58 -7.96 5.50
CA SER A 65 -2.12 -7.16 6.55
C SER A 65 -0.93 -6.59 7.30
N TYR A 66 -1.13 -5.56 8.10
CA TYR A 66 -0.05 -4.95 8.87
C TYR A 66 -0.65 -3.98 9.89
N VAL A 67 0.15 -3.13 10.45
CA VAL A 67 -0.32 -2.06 11.31
C VAL A 67 -0.41 -0.76 10.48
N PRO A 68 -1.59 -0.08 10.44
CA PRO A 68 -1.78 1.16 9.66
C PRO A 68 -0.67 2.19 9.92
N LYS A 69 0.19 2.38 8.94
CA LYS A 69 1.35 3.23 9.10
C LYS A 69 1.06 4.70 8.89
N ASN A 70 0.47 5.31 9.87
CA ASN A 70 0.32 6.75 9.91
C ASN A 70 0.98 7.27 11.15
N ALA A 71 0.63 6.71 12.28
CA ALA A 71 1.33 7.02 13.49
C ALA A 71 2.51 6.08 13.60
N ASP A 72 3.57 6.44 12.90
CA ASP A 72 4.79 5.61 12.87
C ASP A 72 5.46 5.61 14.21
N VAL A 73 5.39 6.76 14.83
CA VAL A 73 5.95 7.02 16.14
C VAL A 73 7.46 6.89 16.09
N LEU A 74 8.10 7.89 15.56
CA LEU A 74 9.54 7.93 15.50
C LEU A 74 10.04 8.88 16.58
N PHE A 75 9.13 9.25 17.43
CA PHE A 75 9.38 10.21 18.47
C PHE A 75 9.87 9.49 19.69
N SER A 76 11.09 9.75 20.05
CA SER A 76 11.69 9.16 21.21
C SER A 76 11.42 10.05 22.43
N SER A 77 10.89 9.47 23.48
CA SER A 77 10.57 10.21 24.67
C SER A 77 11.84 10.47 25.48
N PHE A 78 12.78 9.56 25.41
CA PHE A 78 14.05 9.74 26.06
C PHE A 78 14.99 10.46 25.13
N GLN A 79 14.60 11.67 24.83
CA GLN A 79 15.29 12.60 23.96
C GLN A 79 15.45 13.90 24.76
N LYS A 80 14.94 13.86 25.96
CA LYS A 80 14.85 15.01 26.82
C LYS A 80 14.80 14.53 28.25
N LEU A 21 -8.22 2.98 5.91
CA LEU A 21 -7.00 3.63 6.36
C LEU A 21 -7.09 5.13 6.14
N ASP A 22 -6.10 5.83 6.60
CA ASP A 22 -6.03 7.27 6.43
C ASP A 22 -5.38 7.55 5.09
N PRO A 23 -5.64 8.69 4.46
CA PRO A 23 -4.98 9.07 3.21
C PRO A 23 -3.47 9.28 3.41
N ASP A 24 -3.11 9.49 4.67
CA ASP A 24 -1.73 9.71 5.09
C ASP A 24 -0.98 8.40 5.24
N THR A 25 -1.70 7.33 5.45
CA THR A 25 -1.12 6.02 5.67
C THR A 25 -0.33 5.55 4.43
N ARG A 26 0.83 4.99 4.67
CA ARG A 26 1.68 4.47 3.62
C ARG A 26 1.22 3.09 3.22
N ILE A 27 1.11 2.85 1.94
CA ILE A 27 0.63 1.59 1.43
C ILE A 27 1.78 0.81 0.78
N PRO A 28 2.31 -0.21 1.48
CA PRO A 28 3.44 -1.03 0.99
C PRO A 28 3.06 -1.92 -0.20
N VAL A 29 3.56 -1.55 -1.36
CA VAL A 29 3.24 -2.24 -2.60
C VAL A 29 4.51 -2.52 -3.40
N ILE A 30 4.40 -3.33 -4.42
CA ILE A 30 5.50 -3.67 -5.30
C ILE A 30 4.98 -3.88 -6.72
N ASN A 31 5.76 -3.48 -7.71
CA ASN A 31 5.39 -3.68 -9.09
C ASN A 31 6.02 -4.95 -9.58
N LEU A 32 5.24 -5.84 -10.15
CA LEU A 32 5.76 -7.13 -10.58
C LEU A 32 6.47 -7.03 -11.93
N GLU A 33 6.32 -5.92 -12.60
CA GLU A 33 6.97 -5.72 -13.89
C GLU A 33 8.44 -5.40 -13.73
N ASP A 34 8.77 -4.72 -12.68
CA ASP A 34 10.14 -4.29 -12.45
C ASP A 34 10.75 -4.92 -11.23
N GLY A 35 9.99 -5.03 -10.19
CA GLY A 35 10.50 -5.54 -8.96
C GLY A 35 10.80 -4.41 -8.02
N THR A 36 10.27 -3.25 -8.33
CA THR A 36 10.40 -2.12 -7.50
C THR A 36 9.37 -2.21 -6.39
N ARG A 37 9.86 -2.17 -5.19
CA ARG A 37 9.02 -2.29 -4.04
C ARG A 37 9.14 -1.09 -3.17
N LEU A 38 8.03 -0.67 -2.66
CA LEU A 38 7.92 0.49 -1.86
C LEU A 38 7.20 0.11 -0.59
N VAL A 39 7.93 -0.01 0.50
CA VAL A 39 7.36 -0.36 1.78
C VAL A 39 7.76 0.67 2.81
N GLY A 40 6.97 0.81 3.85
CA GLY A 40 7.24 1.75 4.90
C GLY A 40 7.24 3.18 4.42
N GLU A 41 8.32 3.87 4.68
CA GLU A 41 8.50 5.26 4.33
C GLU A 41 8.55 5.44 2.82
N ASP A 42 9.01 4.40 2.16
CA ASP A 42 9.18 4.39 0.71
C ASP A 42 7.87 4.15 0.00
N ALA A 43 6.91 3.66 0.75
CA ALA A 43 5.62 3.30 0.22
C ALA A 43 4.81 4.56 -0.10
N PRO A 44 4.02 4.54 -1.18
CA PRO A 44 3.19 5.66 -1.55
C PRO A 44 2.12 5.92 -0.49
N LYS A 45 1.65 7.13 -0.42
CA LYS A 45 0.63 7.46 0.52
C LYS A 45 -0.69 6.94 -0.01
N ASN A 46 -1.63 6.71 0.87
CA ASN A 46 -2.94 6.14 0.51
C ASN A 46 -3.68 7.08 -0.46
N LYS A 47 -3.34 8.35 -0.42
CA LYS A 47 -3.86 9.30 -1.38
C LYS A 47 -3.26 9.06 -2.77
N ASP A 48 -1.99 8.65 -2.83
CA ASP A 48 -1.28 8.48 -4.10
C ASP A 48 -1.54 7.12 -4.64
N LEU A 49 -1.96 6.24 -3.73
CA LEU A 49 -2.20 4.84 -3.99
C LEU A 49 -3.03 4.64 -5.26
N VAL A 50 -4.11 5.34 -5.37
CA VAL A 50 -4.99 5.19 -6.52
C VAL A 50 -4.33 5.64 -7.84
N GLU A 51 -3.51 6.68 -7.79
CA GLU A 51 -2.78 7.13 -8.95
C GLU A 51 -1.65 6.19 -9.28
N TRP A 52 -1.07 5.61 -8.28
CA TRP A 52 0.03 4.69 -8.47
C TRP A 52 -0.50 3.40 -9.13
N LEU A 53 -1.74 3.07 -8.81
CA LEU A 53 -2.40 1.87 -9.34
C LEU A 53 -2.80 2.02 -10.79
N LYS A 54 -3.16 3.22 -11.20
CA LYS A 54 -3.51 3.43 -12.61
C LYS A 54 -2.25 3.36 -13.46
N LEU A 55 -1.17 3.77 -12.86
CA LEU A 55 0.13 3.72 -13.48
C LEU A 55 0.71 2.31 -13.46
N HIS A 56 0.50 1.59 -12.37
CA HIS A 56 1.00 0.22 -12.24
C HIS A 56 -0.12 -0.74 -11.90
N PRO A 57 -0.96 -1.13 -12.88
CA PRO A 57 -2.03 -2.09 -12.61
C PRO A 57 -1.46 -3.51 -12.45
N THR A 58 -0.20 -3.63 -12.73
CA THR A 58 0.55 -4.86 -12.68
C THR A 58 1.25 -5.02 -11.34
N TYR A 59 0.80 -4.29 -10.36
CA TYR A 59 1.42 -4.29 -9.06
C TYR A 59 0.74 -5.34 -8.15
N THR A 60 1.23 -5.46 -6.95
CA THR A 60 0.59 -6.25 -5.92
C THR A 60 0.96 -5.61 -4.57
N VAL A 61 0.17 -5.89 -3.55
CA VAL A 61 0.43 -5.37 -2.22
C VAL A 61 1.44 -6.28 -1.54
N ASP A 62 2.48 -5.71 -0.95
CA ASP A 62 3.55 -6.52 -0.38
C ASP A 62 3.23 -6.96 1.03
N MET A 63 2.64 -6.06 1.79
CA MET A 63 2.28 -6.35 3.17
C MET A 63 1.01 -7.20 3.19
N PRO A 64 1.11 -8.45 3.71
CA PRO A 64 -0.03 -9.39 3.72
C PRO A 64 -1.30 -8.79 4.34
N SER A 65 -1.17 -8.28 5.53
CA SER A 65 -2.29 -7.67 6.18
C SER A 65 -1.94 -6.26 6.63
N TYR A 66 -2.37 -5.30 5.82
CA TYR A 66 -2.26 -3.89 6.14
C TYR A 66 -2.90 -3.60 7.51
N VAL A 67 -4.18 -3.74 7.56
CA VAL A 67 -4.94 -3.70 8.78
C VAL A 67 -6.03 -4.73 8.57
N PRO A 68 -6.42 -5.51 9.57
CA PRO A 68 -7.55 -6.41 9.42
C PRO A 68 -8.82 -5.59 9.29
N LYS A 69 -9.37 -5.58 8.09
CA LYS A 69 -10.51 -4.76 7.77
C LYS A 69 -11.75 -5.29 8.47
N ASN A 70 -11.88 -6.58 8.51
CA ASN A 70 -13.01 -7.20 9.15
C ASN A 70 -12.61 -7.76 10.48
N ALA A 71 -13.46 -7.53 11.45
CA ALA A 71 -13.23 -7.95 12.82
C ALA A 71 -13.21 -9.47 12.94
N ASP A 72 -12.54 -9.97 13.96
CA ASP A 72 -12.34 -11.41 14.16
C ASP A 72 -13.45 -11.98 15.03
N VAL A 73 -14.58 -11.32 14.97
CA VAL A 73 -15.73 -11.66 15.77
C VAL A 73 -16.55 -12.81 15.13
N LEU A 74 -16.34 -13.02 13.83
CA LEU A 74 -17.13 -13.98 13.03
C LEU A 74 -18.58 -13.55 13.02
N PHE A 75 -18.88 -12.59 12.18
CA PHE A 75 -20.22 -12.06 12.08
C PHE A 75 -20.98 -12.76 10.97
N SER A 76 -20.21 -13.38 10.07
CA SER A 76 -20.71 -14.19 8.97
C SER A 76 -21.82 -13.48 8.16
N SER A 77 -21.48 -12.40 7.53
CA SER A 77 -22.39 -11.69 6.67
C SER A 77 -21.59 -11.06 5.55
N PHE A 78 -21.55 -11.75 4.45
CA PHE A 78 -20.77 -11.34 3.33
C PHE A 78 -21.48 -11.80 2.07
N GLN A 79 -21.57 -10.93 1.10
CA GLN A 79 -22.22 -11.27 -0.14
C GLN A 79 -21.17 -11.40 -1.25
N LYS A 80 -20.57 -10.29 -1.64
CA LYS A 80 -19.59 -10.24 -2.71
C LYS A 80 -18.69 -9.03 -2.51
N LEU A 21 -8.90 5.44 5.57
CA LEU A 21 -7.52 5.58 6.00
C LEU A 21 -7.07 7.01 5.81
N ASP A 22 -6.00 7.37 6.49
CA ASP A 22 -5.41 8.69 6.39
C ASP A 22 -4.70 8.83 5.07
N PRO A 23 -4.55 10.06 4.54
CA PRO A 23 -3.72 10.31 3.35
C PRO A 23 -2.25 10.02 3.69
N ASP A 24 -1.99 10.12 4.99
CA ASP A 24 -0.69 9.93 5.64
C ASP A 24 -0.31 8.44 5.72
N THR A 25 -1.31 7.57 5.65
CA THR A 25 -1.09 6.14 5.72
C THR A 25 -0.27 5.67 4.51
N ARG A 26 0.72 4.85 4.78
CA ARG A 26 1.59 4.32 3.76
C ARG A 26 1.10 2.96 3.32
N ILE A 27 1.05 2.74 2.03
CA ILE A 27 0.58 1.49 1.49
C ILE A 27 1.75 0.73 0.86
N PRO A 28 2.23 -0.33 1.53
CA PRO A 28 3.37 -1.14 1.04
C PRO A 28 3.03 -1.95 -0.21
N VAL A 29 3.61 -1.58 -1.33
CA VAL A 29 3.33 -2.21 -2.61
C VAL A 29 4.60 -2.54 -3.37
N ILE A 30 4.48 -3.39 -4.37
CA ILE A 30 5.57 -3.79 -5.24
C ILE A 30 5.07 -3.91 -6.68
N ASN A 31 5.89 -3.53 -7.65
CA ASN A 31 5.52 -3.69 -9.05
C ASN A 31 6.17 -4.95 -9.55
N LEU A 32 5.39 -5.91 -9.99
CA LEU A 32 5.93 -7.20 -10.42
C LEU A 32 6.84 -7.07 -11.64
N GLU A 33 6.51 -6.15 -12.54
CA GLU A 33 7.28 -5.97 -13.76
C GLU A 33 8.63 -5.30 -13.52
N ASP A 34 8.69 -4.42 -12.56
CA ASP A 34 9.94 -3.71 -12.27
C ASP A 34 10.75 -4.36 -11.22
N GLY A 35 10.07 -4.87 -10.22
CA GLY A 35 10.77 -5.38 -9.07
C GLY A 35 11.00 -4.25 -8.09
N THR A 36 10.31 -3.15 -8.33
CA THR A 36 10.40 -2.00 -7.48
C THR A 36 9.45 -2.24 -6.32
N ARG A 37 9.87 -1.93 -5.15
CA ARG A 37 9.04 -2.14 -4.01
C ARG A 37 9.14 -1.00 -3.10
N LEU A 38 8.01 -0.59 -2.63
CA LEU A 38 7.90 0.55 -1.81
C LEU A 38 7.20 0.14 -0.54
N VAL A 39 7.95 -0.06 0.50
CA VAL A 39 7.42 -0.43 1.79
C VAL A 39 7.95 0.52 2.85
N GLY A 40 7.26 0.60 3.96
CA GLY A 40 7.69 1.47 5.03
C GLY A 40 7.49 2.92 4.70
N GLU A 41 8.57 3.66 4.72
CA GLU A 41 8.56 5.10 4.49
C GLU A 41 8.58 5.40 2.99
N ASP A 42 9.05 4.43 2.22
CA ASP A 42 9.13 4.56 0.76
C ASP A 42 7.81 4.27 0.13
N ALA A 43 6.94 3.64 0.88
CA ALA A 43 5.63 3.25 0.41
C ALA A 43 4.81 4.47 0.05
N PRO A 44 4.05 4.39 -1.04
CA PRO A 44 3.22 5.48 -1.47
C PRO A 44 2.16 5.84 -0.43
N LYS A 45 1.91 7.12 -0.31
CA LYS A 45 0.87 7.60 0.55
C LYS A 45 -0.47 7.18 -0.01
N ASN A 46 -1.39 6.92 0.89
CA ASN A 46 -2.76 6.45 0.57
C ASN A 46 -3.44 7.39 -0.43
N LYS A 47 -3.09 8.65 -0.35
CA LYS A 47 -3.67 9.65 -1.22
C LYS A 47 -3.17 9.47 -2.68
N ASP A 48 -1.94 9.01 -2.84
CA ASP A 48 -1.33 8.83 -4.17
C ASP A 48 -1.54 7.41 -4.66
N LEU A 49 -1.91 6.55 -3.73
CA LEU A 49 -2.14 5.12 -3.94
C LEU A 49 -3.02 4.86 -5.16
N VAL A 50 -4.14 5.54 -5.23
CA VAL A 50 -5.09 5.38 -6.32
C VAL A 50 -4.48 5.69 -7.70
N GLU A 51 -3.60 6.69 -7.76
CA GLU A 51 -2.97 7.10 -8.98
C GLU A 51 -1.95 6.07 -9.39
N TRP A 52 -1.19 5.63 -8.41
CA TRP A 52 -0.11 4.68 -8.58
C TRP A 52 -0.67 3.36 -9.13
N LEU A 53 -1.86 3.01 -8.66
CA LEU A 53 -2.55 1.78 -9.09
C LEU A 53 -2.98 1.84 -10.52
N LYS A 54 -3.36 3.02 -10.96
CA LYS A 54 -3.76 3.22 -12.35
C LYS A 54 -2.58 3.00 -13.29
N LEU A 55 -1.41 3.47 -12.89
CA LEU A 55 -0.22 3.33 -13.70
C LEU A 55 0.40 1.94 -13.59
N HIS A 56 0.07 1.22 -12.54
CA HIS A 56 0.62 -0.10 -12.36
C HIS A 56 -0.47 -1.16 -12.21
N PRO A 57 -1.00 -1.65 -13.34
CA PRO A 57 -2.01 -2.73 -13.33
C PRO A 57 -1.37 -4.08 -12.98
N THR A 58 -0.07 -4.09 -12.98
CA THR A 58 0.71 -5.25 -12.70
C THR A 58 1.39 -5.15 -11.33
N TYR A 59 0.83 -4.32 -10.46
CA TYR A 59 1.42 -4.20 -9.17
C TYR A 59 0.84 -5.27 -8.25
N THR A 60 1.38 -5.37 -7.09
CA THR A 60 0.92 -6.25 -6.09
C THR A 60 1.14 -5.58 -4.74
N VAL A 61 0.18 -5.67 -3.86
CA VAL A 61 0.34 -5.17 -2.52
C VAL A 61 1.27 -6.11 -1.79
N ASP A 62 2.34 -5.58 -1.23
CA ASP A 62 3.37 -6.40 -0.62
C ASP A 62 2.90 -6.91 0.72
N MET A 63 2.19 -6.08 1.44
CA MET A 63 1.64 -6.48 2.71
C MET A 63 0.12 -6.29 2.67
N PRO A 64 -0.64 -7.40 2.51
CA PRO A 64 -2.12 -7.36 2.34
C PRO A 64 -2.86 -6.88 3.59
N SER A 65 -2.20 -6.95 4.70
CA SER A 65 -2.75 -6.49 5.93
C SER A 65 -1.88 -5.32 6.38
N TYR A 66 -2.41 -4.11 6.30
CA TYR A 66 -1.63 -2.92 6.60
C TYR A 66 -1.26 -2.92 8.08
N VAL A 67 -0.12 -2.35 8.39
CA VAL A 67 0.31 -2.24 9.75
C VAL A 67 -0.57 -1.24 10.50
N PRO A 68 -1.22 -1.67 11.60
CA PRO A 68 -2.07 -0.79 12.39
C PRO A 68 -1.26 0.41 12.87
N LYS A 69 -1.87 1.58 12.80
CA LYS A 69 -1.19 2.83 13.08
C LYS A 69 -1.02 3.05 14.57
N ASN A 70 0.02 2.43 15.07
CA ASN A 70 0.41 2.40 16.47
C ASN A 70 1.59 1.46 16.54
N ALA A 71 1.33 0.30 15.98
CA ALA A 71 2.31 -0.76 15.71
C ALA A 71 2.91 -1.39 16.95
N ASP A 72 2.31 -1.14 18.09
CA ASP A 72 2.83 -1.64 19.35
C ASP A 72 2.58 -3.12 19.48
N VAL A 73 1.60 -3.58 18.77
CA VAL A 73 1.27 -4.98 18.71
C VAL A 73 2.15 -5.71 17.69
N LEU A 74 3.36 -5.97 18.09
CA LEU A 74 4.30 -6.68 17.26
C LEU A 74 4.23 -8.12 17.68
N PHE A 75 3.44 -8.87 16.97
CA PHE A 75 3.22 -10.24 17.33
C PHE A 75 4.27 -11.16 16.80
N SER A 76 4.61 -12.08 17.62
CA SER A 76 5.48 -13.15 17.29
C SER A 76 5.00 -14.37 18.05
N SER A 77 4.00 -15.01 17.47
CA SER A 77 3.34 -16.11 18.13
C SER A 77 3.23 -17.31 17.20
N PHE A 78 2.90 -17.07 15.95
CA PHE A 78 2.78 -18.12 14.97
C PHE A 78 3.84 -17.84 13.95
N GLN A 79 5.08 -18.21 14.30
CA GLN A 79 6.32 -17.86 13.58
C GLN A 79 6.60 -16.41 13.90
N LYS A 80 5.71 -15.57 13.46
CA LYS A 80 5.67 -14.19 13.78
C LYS A 80 4.20 -13.81 13.89
N LEU A 21 -8.90 5.45 7.10
CA LEU A 21 -7.47 5.33 7.04
C LEU A 21 -6.97 6.72 6.72
N ASP A 22 -5.79 7.04 7.20
CA ASP A 22 -5.22 8.36 6.98
C ASP A 22 -4.69 8.41 5.55
N PRO A 23 -4.85 9.51 4.84
CA PRO A 23 -4.30 9.65 3.51
C PRO A 23 -2.76 9.57 3.47
N ASP A 24 -2.12 9.76 4.63
CA ASP A 24 -0.66 9.70 4.70
C ASP A 24 -0.17 8.28 4.92
N THR A 25 -1.08 7.42 5.41
CA THR A 25 -0.78 6.02 5.64
C THR A 25 -0.18 5.41 4.39
N ARG A 26 0.99 4.88 4.53
CA ARG A 26 1.70 4.32 3.41
C ARG A 26 1.16 2.95 3.06
N ILE A 27 1.16 2.66 1.80
CA ILE A 27 0.68 1.41 1.31
C ILE A 27 1.88 0.65 0.72
N PRO A 28 2.38 -0.37 1.43
CA PRO A 28 3.56 -1.14 1.02
C PRO A 28 3.25 -2.08 -0.14
N VAL A 29 3.66 -1.67 -1.31
CA VAL A 29 3.37 -2.40 -2.52
C VAL A 29 4.64 -2.80 -3.25
N ILE A 30 4.50 -3.73 -4.15
CA ILE A 30 5.59 -4.22 -4.95
C ILE A 30 5.12 -4.30 -6.40
N ASN A 31 5.96 -3.89 -7.31
CA ASN A 31 5.61 -3.89 -8.71
C ASN A 31 6.18 -5.12 -9.35
N LEU A 32 5.35 -5.87 -10.02
CA LEU A 32 5.78 -7.08 -10.65
C LEU A 32 6.39 -6.83 -12.06
N GLU A 33 6.15 -5.64 -12.63
CA GLU A 33 6.70 -5.34 -13.96
C GLU A 33 8.18 -5.00 -13.82
N ASP A 34 8.52 -4.37 -12.72
CA ASP A 34 9.89 -3.94 -12.46
C ASP A 34 10.57 -4.83 -11.44
N GLY A 35 9.91 -5.04 -10.35
CA GLY A 35 10.49 -5.77 -9.25
C GLY A 35 10.70 -4.87 -8.06
N THR A 36 10.40 -3.59 -8.25
CA THR A 36 10.54 -2.59 -7.21
C THR A 36 9.55 -2.88 -6.07
N ARG A 37 9.85 -2.39 -4.90
CA ARG A 37 9.04 -2.63 -3.76
C ARG A 37 9.22 -1.47 -2.88
N LEU A 38 8.14 -0.89 -2.51
CA LEU A 38 8.16 0.29 -1.77
C LEU A 38 7.43 0.04 -0.49
N VAL A 39 8.18 -0.16 0.56
CA VAL A 39 7.63 -0.45 1.87
C VAL A 39 8.15 0.56 2.86
N GLY A 40 7.43 0.74 3.93
CA GLY A 40 7.83 1.69 4.94
C GLY A 40 7.37 3.06 4.57
N GLU A 41 8.24 4.03 4.70
CA GLU A 41 7.87 5.40 4.36
C GLU A 41 8.08 5.65 2.87
N ASP A 42 8.86 4.77 2.24
CA ASP A 42 9.18 4.84 0.79
C ASP A 42 7.97 4.47 -0.03
N ALA A 43 7.04 3.79 0.61
CA ALA A 43 5.80 3.36 0.01
C ALA A 43 4.94 4.59 -0.38
N PRO A 44 4.05 4.44 -1.38
CA PRO A 44 3.12 5.51 -1.75
C PRO A 44 2.10 5.74 -0.64
N LYS A 45 1.56 6.95 -0.55
CA LYS A 45 0.62 7.27 0.46
C LYS A 45 -0.76 6.87 0.00
N ASN A 46 -1.61 6.55 0.96
CA ASN A 46 -3.00 6.11 0.74
C ASN A 46 -3.77 7.06 -0.19
N LYS A 47 -3.44 8.33 -0.12
CA LYS A 47 -4.09 9.32 -0.94
C LYS A 47 -3.74 9.17 -2.43
N ASP A 48 -2.47 9.02 -2.74
CA ASP A 48 -2.01 8.98 -4.15
C ASP A 48 -1.93 7.56 -4.65
N LEU A 49 -2.26 6.65 -3.75
CA LEU A 49 -2.28 5.21 -3.99
C LEU A 49 -3.03 4.88 -5.28
N VAL A 50 -4.21 5.43 -5.43
CA VAL A 50 -5.05 5.15 -6.59
C VAL A 50 -4.38 5.50 -7.92
N GLU A 51 -3.63 6.59 -7.97
CA GLU A 51 -2.97 6.98 -9.19
C GLU A 51 -1.81 6.08 -9.49
N TRP A 52 -1.13 5.66 -8.46
CA TRP A 52 -0.02 4.73 -8.58
C TRP A 52 -0.54 3.42 -9.20
N LEU A 53 -1.75 3.05 -8.80
CA LEU A 53 -2.45 1.85 -9.30
C LEU A 53 -2.86 2.02 -10.75
N LYS A 54 -3.22 3.24 -11.12
CA LYS A 54 -3.55 3.55 -12.50
C LYS A 54 -2.33 3.34 -13.38
N LEU A 55 -1.21 3.83 -12.88
CA LEU A 55 0.05 3.73 -13.58
C LEU A 55 0.61 2.32 -13.55
N HIS A 56 0.34 1.60 -12.49
CA HIS A 56 0.89 0.27 -12.35
C HIS A 56 -0.19 -0.77 -12.06
N PRO A 57 -0.89 -1.27 -13.10
CA PRO A 57 -1.84 -2.38 -12.93
C PRO A 57 -1.09 -3.71 -12.78
N THR A 58 0.21 -3.57 -12.89
CA THR A 58 1.19 -4.59 -12.83
C THR A 58 1.64 -4.84 -11.38
N TYR A 59 1.10 -4.07 -10.46
CA TYR A 59 1.55 -4.12 -9.09
C TYR A 59 0.78 -5.19 -8.28
N THR A 60 1.18 -5.34 -7.05
CA THR A 60 0.46 -6.12 -6.07
C THR A 60 0.88 -5.58 -4.69
N VAL A 61 0.08 -5.80 -3.68
CA VAL A 61 0.40 -5.30 -2.35
C VAL A 61 1.28 -6.29 -1.62
N ASP A 62 2.33 -5.79 -1.00
CA ASP A 62 3.27 -6.67 -0.35
C ASP A 62 2.82 -6.91 1.08
N MET A 63 2.59 -5.85 1.80
CA MET A 63 2.22 -5.94 3.20
C MET A 63 0.90 -5.25 3.50
N PRO A 64 0.13 -5.74 4.50
CA PRO A 64 -1.09 -5.06 4.94
C PRO A 64 -0.77 -3.83 5.82
N SER A 65 0.48 -3.74 6.24
CA SER A 65 0.94 -2.66 7.07
C SER A 65 2.29 -2.17 6.55
N TYR A 66 2.37 -0.88 6.26
CA TYR A 66 3.61 -0.20 5.86
C TYR A 66 4.70 -0.49 6.89
N VAL A 67 4.48 0.01 8.04
CA VAL A 67 5.18 -0.30 9.21
C VAL A 67 4.10 -0.28 10.25
N PRO A 68 4.05 -1.21 11.19
CA PRO A 68 3.08 -1.13 12.24
C PRO A 68 3.39 0.09 13.10
N LYS A 69 2.63 1.12 12.88
CA LYS A 69 2.86 2.39 13.51
C LYS A 69 2.01 2.48 14.76
N ASN A 70 0.77 2.11 14.61
CA ASN A 70 -0.20 2.18 15.70
C ASN A 70 0.07 1.09 16.73
N ALA A 71 0.55 -0.03 16.24
CA ALA A 71 0.91 -1.14 17.09
C ALA A 71 2.40 -1.31 17.07
N ASP A 72 3.02 -1.46 18.22
CA ASP A 72 4.46 -1.62 18.24
C ASP A 72 4.80 -3.08 18.22
N VAL A 73 5.01 -3.56 17.05
CA VAL A 73 5.33 -4.95 16.84
C VAL A 73 6.83 -5.12 16.66
N LEU A 74 7.40 -4.29 15.83
CA LEU A 74 8.80 -4.39 15.52
C LEU A 74 9.42 -3.03 15.29
N PHE A 75 10.71 -3.01 15.25
CA PHE A 75 11.45 -1.83 14.98
C PHE A 75 12.53 -2.20 13.97
N SER A 76 13.57 -2.87 14.47
CA SER A 76 14.69 -3.41 13.69
C SER A 76 15.14 -2.56 12.47
N SER A 77 14.59 -2.86 11.31
CA SER A 77 14.96 -2.21 10.06
C SER A 77 14.38 -0.79 9.98
N PHE A 78 13.29 -0.58 10.66
CA PHE A 78 12.65 0.70 10.68
C PHE A 78 13.13 1.44 11.90
N GLN A 79 14.29 2.00 11.77
CA GLN A 79 14.98 2.62 12.87
C GLN A 79 15.18 4.12 12.66
N LYS A 80 15.44 4.51 11.45
CA LYS A 80 15.69 5.89 11.12
C LYS A 80 14.65 6.35 10.16
N LEU A 21 -8.22 3.37 5.73
CA LEU A 21 -7.10 4.01 6.45
C LEU A 21 -7.09 5.54 6.34
N ASP A 22 -6.07 6.13 6.89
CA ASP A 22 -5.85 7.55 6.80
C ASP A 22 -5.14 7.81 5.49
N PRO A 23 -5.48 8.91 4.80
CA PRO A 23 -4.82 9.28 3.54
C PRO A 23 -3.28 9.34 3.63
N ASP A 24 -2.74 9.52 4.83
CA ASP A 24 -1.29 9.66 4.93
C ASP A 24 -0.60 8.32 5.17
N THR A 25 -1.35 7.33 5.60
CA THR A 25 -0.78 6.01 5.86
C THR A 25 -0.18 5.44 4.57
N ARG A 26 1.07 5.00 4.65
CA ARG A 26 1.76 4.47 3.49
C ARG A 26 1.30 3.05 3.23
N ILE A 27 1.20 2.70 1.98
CA ILE A 27 0.72 1.39 1.59
C ILE A 27 1.88 0.62 0.97
N PRO A 28 2.45 -0.36 1.69
CA PRO A 28 3.56 -1.15 1.19
C PRO A 28 3.16 -2.05 0.01
N VAL A 29 3.63 -1.68 -1.16
CA VAL A 29 3.32 -2.39 -2.38
C VAL A 29 4.58 -2.77 -3.14
N ILE A 30 4.42 -3.61 -4.13
CA ILE A 30 5.51 -4.07 -4.94
C ILE A 30 5.04 -4.15 -6.41
N ASN A 31 5.88 -3.77 -7.33
CA ASN A 31 5.56 -3.83 -8.73
C ASN A 31 6.19 -5.06 -9.32
N LEU A 32 5.40 -5.97 -9.85
CA LEU A 32 5.92 -7.23 -10.33
C LEU A 32 6.67 -7.12 -11.66
N GLU A 33 6.23 -6.22 -12.53
CA GLU A 33 6.91 -6.08 -13.83
C GLU A 33 8.28 -5.42 -13.67
N ASP A 34 8.34 -4.42 -12.82
CA ASP A 34 9.54 -3.63 -12.61
C ASP A 34 10.45 -4.28 -11.59
N GLY A 35 9.87 -4.72 -10.49
CA GLY A 35 10.66 -5.34 -9.45
C GLY A 35 10.81 -4.43 -8.24
N THR A 36 10.34 -3.20 -8.37
CA THR A 36 10.44 -2.23 -7.29
C THR A 36 9.51 -2.62 -6.15
N ARG A 37 9.92 -2.33 -4.95
CA ARG A 37 9.15 -2.62 -3.79
C ARG A 37 9.21 -1.43 -2.90
N LEU A 38 8.08 -0.97 -2.55
CA LEU A 38 7.95 0.24 -1.85
C LEU A 38 7.26 -0.01 -0.55
N VAL A 39 8.04 -0.12 0.47
CA VAL A 39 7.58 -0.37 1.80
C VAL A 39 8.17 0.71 2.68
N GLY A 40 7.51 1.07 3.76
CA GLY A 40 8.03 2.10 4.62
C GLY A 40 7.66 3.45 4.07
N GLU A 41 8.61 4.36 3.99
CA GLU A 41 8.30 5.67 3.46
C GLU A 41 8.30 5.68 1.94
N ASP A 42 8.93 4.65 1.35
CA ASP A 42 8.96 4.49 -0.11
C ASP A 42 7.59 4.15 -0.61
N ALA A 43 6.80 3.59 0.28
CA ALA A 43 5.46 3.18 -0.01
C ALA A 43 4.59 4.40 -0.30
N PRO A 44 3.75 4.32 -1.33
CA PRO A 44 2.87 5.41 -1.69
C PRO A 44 1.85 5.70 -0.61
N LYS A 45 1.54 6.97 -0.44
CA LYS A 45 0.55 7.41 0.51
C LYS A 45 -0.80 6.87 0.09
N ASN A 46 -1.67 6.61 1.06
CA ASN A 46 -3.02 6.09 0.82
C ASN A 46 -3.79 6.97 -0.17
N LYS A 47 -3.58 8.27 -0.04
CA LYS A 47 -4.21 9.24 -0.92
C LYS A 47 -3.76 9.09 -2.39
N ASP A 48 -2.49 8.82 -2.58
CA ASP A 48 -1.91 8.71 -3.92
C ASP A 48 -1.86 7.27 -4.39
N LEU A 49 -2.41 6.37 -3.59
CA LEU A 49 -2.42 4.95 -3.87
C LEU A 49 -3.07 4.66 -5.23
N VAL A 50 -4.29 5.15 -5.40
CA VAL A 50 -5.02 4.95 -6.66
C VAL A 50 -4.26 5.49 -7.86
N GLU A 51 -3.56 6.58 -7.66
CA GLU A 51 -2.78 7.21 -8.70
C GLU A 51 -1.63 6.32 -9.12
N TRP A 52 -0.98 5.72 -8.13
CA TRP A 52 0.14 4.84 -8.37
C TRP A 52 -0.37 3.58 -9.07
N LEU A 53 -1.55 3.14 -8.67
CA LEU A 53 -2.22 1.97 -9.26
C LEU A 53 -2.53 2.19 -10.73
N LYS A 54 -2.92 3.41 -11.06
CA LYS A 54 -3.21 3.79 -12.44
C LYS A 54 -1.94 3.73 -13.29
N LEU A 55 -0.81 3.81 -12.64
CA LEU A 55 0.46 3.78 -13.31
C LEU A 55 1.05 2.37 -13.29
N HIS A 56 0.57 1.51 -12.38
CA HIS A 56 1.11 0.15 -12.24
C HIS A 56 -0.01 -0.88 -12.09
N PRO A 57 -0.58 -1.36 -13.20
CA PRO A 57 -1.62 -2.40 -13.15
C PRO A 57 -1.01 -3.76 -12.76
N THR A 58 0.29 -3.82 -12.91
CA THR A 58 1.09 -4.99 -12.66
C THR A 58 1.62 -5.00 -11.22
N TYR A 59 0.99 -4.25 -10.36
CA TYR A 59 1.47 -4.18 -9.03
C TYR A 59 0.81 -5.27 -8.19
N THR A 60 1.26 -5.38 -6.98
CA THR A 60 0.74 -6.26 -5.99
C THR A 60 1.00 -5.58 -4.66
N VAL A 61 0.08 -5.63 -3.75
CA VAL A 61 0.34 -5.06 -2.46
C VAL A 61 1.16 -6.05 -1.63
N ASP A 62 2.19 -5.55 -0.98
CA ASP A 62 3.14 -6.41 -0.28
C ASP A 62 2.54 -6.88 1.03
N MET A 63 1.87 -5.99 1.72
CA MET A 63 1.18 -6.37 2.93
C MET A 63 -0.30 -6.14 2.73
N PRO A 64 -1.10 -7.21 2.68
CA PRO A 64 -2.55 -7.07 2.55
C PRO A 64 -3.14 -6.43 3.81
N SER A 65 -2.42 -6.57 4.90
CA SER A 65 -2.75 -5.96 6.14
C SER A 65 -1.61 -5.00 6.45
N TYR A 66 -1.88 -3.70 6.38
CA TYR A 66 -0.90 -2.62 6.69
C TYR A 66 -0.03 -2.98 7.92
N VAL A 67 -0.65 -3.03 9.06
CA VAL A 67 -0.06 -3.52 10.26
C VAL A 67 -1.17 -4.26 10.98
N PRO A 68 -0.98 -5.51 11.38
CA PRO A 68 -2.03 -6.25 12.04
C PRO A 68 -2.26 -5.82 13.49
N LYS A 69 -3.02 -4.75 13.67
CA LYS A 69 -3.43 -4.35 15.01
C LYS A 69 -4.52 -5.32 15.43
N ASN A 70 -5.28 -5.72 14.44
CA ASN A 70 -6.24 -6.77 14.54
C ASN A 70 -5.66 -7.90 13.75
N ALA A 71 -5.11 -8.83 14.44
CA ALA A 71 -4.40 -9.89 13.80
C ALA A 71 -5.28 -11.04 13.39
N ASP A 72 -5.80 -10.92 12.20
CA ASP A 72 -6.50 -12.00 11.52
C ASP A 72 -6.06 -11.95 10.10
N VAL A 73 -4.97 -12.59 9.81
CA VAL A 73 -4.41 -12.52 8.48
C VAL A 73 -5.00 -13.56 7.54
N LEU A 74 -5.39 -14.72 8.09
CA LEU A 74 -5.93 -15.88 7.34
C LEU A 74 -4.85 -16.51 6.45
N PHE A 75 -4.35 -15.73 5.53
CA PHE A 75 -3.29 -16.12 4.66
C PHE A 75 -1.99 -15.84 5.38
N SER A 76 -1.47 -16.85 6.02
CA SER A 76 -0.25 -16.68 6.73
C SER A 76 0.84 -17.45 6.01
N SER A 77 1.78 -16.72 5.50
CA SER A 77 2.92 -17.28 4.86
C SER A 77 4.17 -16.72 5.52
N PHE A 78 4.01 -16.32 6.77
CA PHE A 78 5.12 -15.76 7.53
C PHE A 78 6.03 -16.87 8.02
N GLN A 79 5.42 -18.00 8.40
CA GLN A 79 6.16 -19.14 8.93
C GLN A 79 6.96 -19.84 7.85
N LYS A 80 6.45 -19.80 6.65
CA LYS A 80 7.09 -20.43 5.54
C LYS A 80 7.17 -19.44 4.41
N LEU A 21 -8.35 3.63 5.40
CA LEU A 21 -7.07 4.19 5.87
C LEU A 21 -7.11 5.71 5.86
N ASP A 22 -6.03 6.30 6.26
CA ASP A 22 -5.88 7.73 6.23
C ASP A 22 -5.17 8.05 4.95
N PRO A 23 -5.36 9.23 4.37
CA PRO A 23 -4.66 9.61 3.14
C PRO A 23 -3.14 9.68 3.36
N ASP A 24 -2.77 9.83 4.63
CA ASP A 24 -1.40 9.99 5.07
C ASP A 24 -0.73 8.64 5.29
N THR A 25 -1.54 7.59 5.34
CA THR A 25 -1.05 6.24 5.57
C THR A 25 -0.22 5.78 4.36
N ARG A 26 0.85 5.10 4.63
CA ARG A 26 1.69 4.54 3.59
C ARG A 26 1.22 3.14 3.27
N ILE A 27 1.20 2.81 2.01
CA ILE A 27 0.71 1.53 1.57
C ILE A 27 1.87 0.72 0.97
N PRO A 28 2.33 -0.32 1.67
CA PRO A 28 3.41 -1.18 1.21
C PRO A 28 3.04 -2.01 -0.03
N VAL A 29 3.54 -1.59 -1.18
CA VAL A 29 3.24 -2.22 -2.45
C VAL A 29 4.53 -2.55 -3.21
N ILE A 30 4.39 -3.34 -4.24
CA ILE A 30 5.52 -3.72 -5.06
C ILE A 30 5.05 -3.91 -6.50
N ASN A 31 5.87 -3.56 -7.46
CA ASN A 31 5.50 -3.73 -8.85
C ASN A 31 6.17 -4.97 -9.39
N LEU A 32 5.39 -5.86 -9.95
CA LEU A 32 5.91 -7.12 -10.46
C LEU A 32 6.66 -6.94 -11.77
N GLU A 33 6.40 -5.84 -12.46
CA GLU A 33 7.06 -5.55 -13.73
C GLU A 33 8.42 -4.89 -13.52
N ASP A 34 8.71 -4.49 -12.30
CA ASP A 34 9.98 -3.84 -12.02
C ASP A 34 10.75 -4.60 -10.98
N GLY A 35 10.06 -4.95 -9.93
CA GLY A 35 10.70 -5.51 -8.78
C GLY A 35 10.86 -4.43 -7.74
N THR A 36 10.28 -3.27 -8.03
CA THR A 36 10.32 -2.15 -7.21
C THR A 36 9.38 -2.35 -6.04
N ARG A 37 9.93 -2.31 -4.87
CA ARG A 37 9.18 -2.60 -3.67
C ARG A 37 9.23 -1.40 -2.77
N LEU A 38 8.10 -0.95 -2.39
CA LEU A 38 7.96 0.25 -1.66
C LEU A 38 7.18 -0.01 -0.39
N VAL A 39 7.89 -0.15 0.69
CA VAL A 39 7.31 -0.36 1.99
C VAL A 39 7.86 0.70 2.92
N GLY A 40 7.21 0.94 4.04
CA GLY A 40 7.73 1.90 4.99
C GLY A 40 7.63 3.31 4.49
N GLU A 41 8.76 3.98 4.42
CA GLU A 41 8.78 5.37 3.97
C GLU A 41 8.78 5.44 2.45
N ASP A 42 9.22 4.35 1.82
CA ASP A 42 9.28 4.31 0.35
C ASP A 42 7.92 4.05 -0.22
N ALA A 43 7.02 3.63 0.63
CA ALA A 43 5.68 3.32 0.22
C ALA A 43 4.93 4.61 -0.11
N PRO A 44 4.13 4.59 -1.17
CA PRO A 44 3.32 5.74 -1.54
C PRO A 44 2.22 5.95 -0.51
N LYS A 45 1.64 7.12 -0.49
CA LYS A 45 0.60 7.40 0.45
C LYS A 45 -0.69 6.82 -0.07
N ASN A 46 -1.61 6.58 0.81
CA ASN A 46 -2.93 6.02 0.48
C ASN A 46 -3.66 6.91 -0.51
N LYS A 47 -3.38 8.19 -0.45
CA LYS A 47 -3.98 9.12 -1.38
C LYS A 47 -3.31 9.03 -2.77
N ASP A 48 -2.04 8.62 -2.80
CA ASP A 48 -1.30 8.49 -4.09
C ASP A 48 -1.61 7.16 -4.69
N LEU A 49 -2.02 6.25 -3.83
CA LEU A 49 -2.27 4.86 -4.16
C LEU A 49 -3.12 4.73 -5.41
N VAL A 50 -4.19 5.48 -5.48
CA VAL A 50 -5.10 5.44 -6.63
C VAL A 50 -4.37 5.78 -7.95
N GLU A 51 -3.48 6.77 -7.91
CA GLU A 51 -2.74 7.16 -9.07
C GLU A 51 -1.68 6.13 -9.40
N TRP A 52 -1.05 5.62 -8.37
CA TRP A 52 0.01 4.63 -8.53
C TRP A 52 -0.57 3.33 -9.12
N LEU A 53 -1.79 3.00 -8.72
CA LEU A 53 -2.51 1.81 -9.19
C LEU A 53 -2.96 1.98 -10.62
N LYS A 54 -3.32 3.19 -10.95
CA LYS A 54 -3.73 3.58 -12.23
C LYS A 54 -2.53 3.45 -13.20
N LEU A 55 -1.36 3.78 -12.70
CA LEU A 55 -0.14 3.67 -13.48
C LEU A 55 0.37 2.22 -13.49
N HIS A 56 0.14 1.50 -12.41
CA HIS A 56 0.62 0.12 -12.30
C HIS A 56 -0.49 -0.87 -11.94
N PRO A 57 -1.27 -1.34 -12.92
CA PRO A 57 -2.28 -2.38 -12.66
C PRO A 57 -1.58 -3.74 -12.51
N THR A 58 -0.32 -3.74 -12.84
CA THR A 58 0.55 -4.87 -12.82
C THR A 58 1.28 -4.98 -11.47
N TYR A 59 0.84 -4.19 -10.52
CA TYR A 59 1.46 -4.20 -9.23
C TYR A 59 0.80 -5.28 -8.36
N THR A 60 1.31 -5.46 -7.19
CA THR A 60 0.67 -6.28 -6.23
C THR A 60 0.95 -5.67 -4.86
N VAL A 61 0.11 -5.92 -3.91
CA VAL A 61 0.33 -5.39 -2.59
C VAL A 61 1.39 -6.26 -1.91
N ASP A 62 2.45 -5.62 -1.46
CA ASP A 62 3.59 -6.32 -0.89
C ASP A 62 3.21 -6.95 0.43
N MET A 63 2.56 -6.17 1.24
CA MET A 63 2.08 -6.63 2.52
C MET A 63 0.55 -6.59 2.50
N PRO A 64 -0.11 -7.70 2.04
CA PRO A 64 -1.58 -7.76 1.93
C PRO A 64 -2.26 -7.51 3.25
N SER A 65 -1.66 -7.98 4.30
CA SER A 65 -2.17 -7.76 5.61
C SER A 65 -1.31 -6.74 6.34
N TYR A 66 -1.65 -5.49 6.15
CA TYR A 66 -0.99 -4.40 6.82
C TYR A 66 -1.66 -4.18 8.17
N VAL A 67 -2.82 -3.59 8.15
CA VAL A 67 -3.67 -3.41 9.29
C VAL A 67 -5.09 -3.62 8.79
N PRO A 68 -5.99 -4.14 9.59
CA PRO A 68 -7.36 -4.32 9.17
C PRO A 68 -8.09 -2.97 9.13
N LYS A 69 -8.79 -2.72 8.03
CA LYS A 69 -9.52 -1.47 7.86
C LYS A 69 -10.83 -1.57 8.59
N ASN A 70 -11.06 -0.70 9.54
CA ASN A 70 -12.34 -0.70 10.21
C ASN A 70 -13.25 0.30 9.55
N ALA A 71 -14.19 -0.19 8.81
CA ALA A 71 -15.17 0.64 8.18
C ALA A 71 -16.50 0.46 8.88
N ASP A 72 -16.45 -0.12 10.08
CA ASP A 72 -17.65 -0.37 10.88
C ASP A 72 -18.18 0.89 11.45
N VAL A 73 -17.30 1.77 11.78
CA VAL A 73 -17.65 3.03 12.34
C VAL A 73 -18.06 4.01 11.25
N LEU A 74 -19.33 4.05 10.99
CA LEU A 74 -19.86 4.98 10.03
C LEU A 74 -20.37 6.19 10.75
N PHE A 75 -19.72 7.29 10.55
CA PHE A 75 -20.11 8.50 11.25
C PHE A 75 -20.92 9.40 10.35
N SER A 76 -21.83 10.10 10.94
CA SER A 76 -22.65 11.03 10.25
C SER A 76 -21.96 12.39 10.27
N SER A 77 -21.80 12.99 9.11
CA SER A 77 -21.11 14.25 8.99
C SER A 77 -21.96 15.42 9.54
N PHE A 78 -23.29 15.20 9.60
CA PHE A 78 -24.26 16.19 10.11
C PHE A 78 -24.27 17.45 9.26
N GLN A 79 -24.10 17.25 7.96
CA GLN A 79 -24.12 18.35 6.99
C GLN A 79 -25.52 18.97 6.91
N LYS A 80 -26.49 18.21 7.35
CA LYS A 80 -27.86 18.61 7.45
C LYS A 80 -28.45 17.82 8.59
N LEU A 21 -6.14 4.91 9.09
CA LEU A 21 -5.22 5.47 8.16
C LEU A 21 -5.30 6.97 8.11
N ASP A 22 -4.21 7.54 7.75
CA ASP A 22 -4.07 8.93 7.50
C ASP A 22 -3.86 9.02 6.01
N PRO A 23 -4.13 10.15 5.35
CA PRO A 23 -3.87 10.27 3.90
C PRO A 23 -2.37 10.09 3.59
N ASP A 24 -1.56 10.28 4.63
CA ASP A 24 -0.14 10.13 4.55
C ASP A 24 0.34 8.74 4.91
N THR A 25 -0.55 7.85 5.35
CA THR A 25 -0.16 6.50 5.66
C THR A 25 0.31 5.82 4.38
N ARG A 26 1.55 5.41 4.39
CA ARG A 26 2.13 4.82 3.22
C ARG A 26 1.68 3.35 3.10
N ILE A 27 1.44 2.94 1.88
CA ILE A 27 0.90 1.63 1.57
C ILE A 27 2.00 0.75 0.95
N PRO A 28 2.45 -0.27 1.67
CA PRO A 28 3.50 -1.18 1.21
C PRO A 28 3.07 -2.05 0.00
N VAL A 29 3.60 -1.71 -1.16
CA VAL A 29 3.27 -2.39 -2.39
C VAL A 29 4.53 -2.77 -3.16
N ILE A 30 4.39 -3.66 -4.10
CA ILE A 30 5.48 -4.11 -4.91
C ILE A 30 5.06 -4.18 -6.37
N ASN A 31 5.93 -3.82 -7.26
CA ASN A 31 5.66 -3.92 -8.67
C ASN A 31 6.33 -5.15 -9.17
N LEU A 32 5.56 -6.12 -9.58
CA LEU A 32 6.10 -7.39 -10.02
C LEU A 32 6.89 -7.27 -11.31
N GLU A 33 6.47 -6.38 -12.20
CA GLU A 33 7.09 -6.27 -13.49
C GLU A 33 8.37 -5.44 -13.41
N ASP A 34 8.31 -4.33 -12.70
CA ASP A 34 9.48 -3.46 -12.56
C ASP A 34 10.47 -4.00 -11.57
N GLY A 35 9.97 -4.75 -10.63
CA GLY A 35 10.82 -5.35 -9.64
C GLY A 35 11.11 -4.38 -8.51
N THR A 36 10.30 -3.35 -8.43
CA THR A 36 10.46 -2.37 -7.40
C THR A 36 9.55 -2.74 -6.23
N ARG A 37 9.92 -2.35 -5.05
CA ARG A 37 9.20 -2.70 -3.87
C ARG A 37 9.29 -1.54 -2.94
N LEU A 38 8.19 -1.05 -2.52
CA LEU A 38 8.16 0.14 -1.73
C LEU A 38 7.37 -0.13 -0.47
N VAL A 39 8.04 -0.21 0.63
CA VAL A 39 7.42 -0.48 1.91
C VAL A 39 7.87 0.56 2.92
N GLY A 40 7.02 0.88 3.88
CA GLY A 40 7.39 1.84 4.90
C GLY A 40 7.14 3.23 4.40
N GLU A 41 7.96 4.19 4.81
CA GLU A 41 7.77 5.57 4.39
C GLU A 41 8.11 5.75 2.90
N ASP A 42 8.84 4.78 2.36
CA ASP A 42 9.23 4.77 0.97
C ASP A 42 8.10 4.28 0.08
N ALA A 43 7.02 3.83 0.71
CA ALA A 43 5.85 3.34 0.00
C ALA A 43 4.95 4.50 -0.40
N PRO A 44 4.12 4.35 -1.46
CA PRO A 44 3.20 5.41 -1.91
C PRO A 44 2.18 5.82 -0.83
N LYS A 45 1.67 7.03 -0.96
CA LYS A 45 0.72 7.61 -0.01
C LYS A 45 -0.66 6.94 -0.12
N ASN A 46 -1.44 7.03 0.93
CA ASN A 46 -2.79 6.48 0.96
C ASN A 46 -3.65 7.18 -0.08
N LYS A 47 -3.56 8.49 -0.12
CA LYS A 47 -4.34 9.28 -1.06
C LYS A 47 -3.90 9.07 -2.51
N ASP A 48 -2.61 8.96 -2.73
CA ASP A 48 -2.03 8.82 -4.08
C ASP A 48 -2.00 7.39 -4.54
N LEU A 49 -2.41 6.47 -3.67
CA LEU A 49 -2.41 5.04 -3.93
C LEU A 49 -3.14 4.71 -5.23
N VAL A 50 -4.35 5.23 -5.35
CA VAL A 50 -5.21 4.95 -6.51
C VAL A 50 -4.55 5.36 -7.84
N GLU A 51 -3.82 6.46 -7.81
CA GLU A 51 -3.13 6.96 -8.97
C GLU A 51 -1.97 6.05 -9.32
N TRP A 52 -1.24 5.64 -8.31
CA TRP A 52 -0.08 4.74 -8.46
C TRP A 52 -0.58 3.42 -9.08
N LEU A 53 -1.75 3.01 -8.66
CA LEU A 53 -2.42 1.78 -9.14
C LEU A 53 -2.82 1.89 -10.60
N LYS A 54 -3.17 3.08 -11.02
CA LYS A 54 -3.52 3.33 -12.41
C LYS A 54 -2.28 3.29 -13.28
N LEU A 55 -1.20 3.80 -12.73
CA LEU A 55 0.07 3.86 -13.42
C LEU A 55 0.71 2.48 -13.44
N HIS A 56 0.50 1.71 -12.40
CA HIS A 56 1.07 0.37 -12.28
C HIS A 56 0.00 -0.66 -11.98
N PRO A 57 -0.75 -1.10 -13.01
CA PRO A 57 -1.82 -2.09 -12.83
C PRO A 57 -1.24 -3.50 -12.59
N THR A 58 0.01 -3.63 -12.89
CA THR A 58 0.74 -4.86 -12.79
C THR A 58 1.45 -4.95 -11.44
N TYR A 59 1.00 -4.18 -10.49
CA TYR A 59 1.57 -4.17 -9.17
C TYR A 59 0.88 -5.26 -8.32
N THR A 60 1.32 -5.40 -7.11
CA THR A 60 0.70 -6.25 -6.15
C THR A 60 0.94 -5.63 -4.77
N VAL A 61 -0.05 -5.66 -3.90
CA VAL A 61 0.13 -5.18 -2.55
C VAL A 61 1.07 -6.15 -1.86
N ASP A 62 2.19 -5.64 -1.37
CA ASP A 62 3.25 -6.48 -0.84
C ASP A 62 2.84 -7.18 0.42
N MET A 63 2.09 -6.50 1.22
CA MET A 63 1.59 -7.07 2.43
C MET A 63 0.07 -7.12 2.34
N PRO A 64 -0.51 -8.29 1.99
CA PRO A 64 -1.98 -8.48 1.89
C PRO A 64 -2.72 -8.00 3.14
N SER A 65 -2.14 -8.27 4.30
CA SER A 65 -2.72 -7.86 5.56
C SER A 65 -1.98 -6.64 6.12
N TYR A 66 -1.69 -5.70 5.22
CA TYR A 66 -1.05 -4.40 5.55
C TYR A 66 -1.75 -3.72 6.73
N VAL A 67 -2.92 -3.21 6.47
CA VAL A 67 -3.80 -2.67 7.46
C VAL A 67 -5.20 -3.09 7.05
N PRO A 68 -5.92 -3.78 7.92
CA PRO A 68 -7.23 -4.29 7.59
C PRO A 68 -8.31 -3.19 7.48
N LYS A 69 -8.65 -2.84 6.27
CA LYS A 69 -9.72 -1.89 6.02
C LYS A 69 -11.04 -2.68 5.98
N ASN A 70 -10.88 -3.96 5.66
CA ASN A 70 -11.91 -5.01 5.63
C ASN A 70 -12.93 -4.80 4.52
N ALA A 71 -13.77 -3.81 4.66
CA ALA A 71 -14.83 -3.56 3.72
C ALA A 71 -15.16 -2.09 3.70
N ASP A 72 -15.50 -1.60 2.52
CA ASP A 72 -15.87 -0.21 2.32
C ASP A 72 -17.31 0.01 2.73
N VAL A 73 -18.09 -0.99 2.51
CA VAL A 73 -19.50 -0.93 2.77
C VAL A 73 -19.77 -1.16 4.24
N LEU A 74 -19.81 -0.09 4.98
CA LEU A 74 -20.18 -0.15 6.38
C LEU A 74 -21.62 0.27 6.49
N PHE A 75 -21.84 1.55 6.29
CA PHE A 75 -23.17 2.12 6.29
C PHE A 75 -23.50 2.62 4.89
N SER A 76 -22.48 3.20 4.23
CA SER A 76 -22.56 3.66 2.83
C SER A 76 -23.61 4.77 2.66
N SER A 77 -23.84 5.52 3.75
CA SER A 77 -24.81 6.62 3.80
C SER A 77 -26.23 6.14 3.49
N PHE A 78 -26.50 4.86 3.73
CA PHE A 78 -27.82 4.31 3.50
C PHE A 78 -28.72 4.62 4.70
N GLN A 79 -29.43 5.70 4.59
CA GLN A 79 -30.34 6.15 5.63
C GLN A 79 -31.76 6.11 5.10
N LYS A 80 -31.90 6.43 3.83
CA LYS A 80 -33.16 6.43 3.13
C LYS A 80 -32.88 6.15 1.67
N LEU A 21 -8.34 3.38 5.73
CA LEU A 21 -7.15 3.77 6.42
C LEU A 21 -6.91 5.24 6.17
N ASP A 22 -6.02 5.86 6.92
CA ASP A 22 -5.70 7.27 6.70
C ASP A 22 -5.08 7.45 5.34
N PRO A 23 -5.41 8.54 4.64
CA PRO A 23 -4.81 8.86 3.34
C PRO A 23 -3.30 9.11 3.47
N ASP A 24 -2.91 9.57 4.65
CA ASP A 24 -1.53 9.90 4.96
C ASP A 24 -0.68 8.64 5.15
N THR A 25 -1.33 7.57 5.58
CA THR A 25 -0.68 6.31 5.86
C THR A 25 -0.06 5.71 4.58
N ARG A 26 1.11 5.09 4.73
CA ARG A 26 1.86 4.52 3.62
C ARG A 26 1.37 3.12 3.30
N ILE A 27 1.18 2.84 2.03
CA ILE A 27 0.71 1.56 1.57
C ILE A 27 1.86 0.79 0.93
N PRO A 28 2.37 -0.22 1.61
CA PRO A 28 3.47 -1.04 1.12
C PRO A 28 3.09 -1.93 -0.08
N VAL A 29 3.47 -1.50 -1.25
CA VAL A 29 3.16 -2.22 -2.47
C VAL A 29 4.44 -2.64 -3.19
N ILE A 30 4.30 -3.54 -4.13
CA ILE A 30 5.41 -4.04 -4.88
C ILE A 30 5.05 -4.09 -6.37
N ASN A 31 5.99 -3.82 -7.22
CA ASN A 31 5.79 -3.89 -8.64
C ASN A 31 6.47 -5.15 -9.11
N LEU A 32 5.72 -6.08 -9.63
CA LEU A 32 6.31 -7.35 -10.07
C LEU A 32 7.10 -7.17 -11.36
N GLU A 33 6.69 -6.21 -12.15
CA GLU A 33 7.30 -5.98 -13.45
C GLU A 33 8.68 -5.38 -13.27
N ASP A 34 8.75 -4.33 -12.48
CA ASP A 34 10.01 -3.64 -12.20
C ASP A 34 10.84 -4.39 -11.20
N GLY A 35 10.16 -5.00 -10.25
CA GLY A 35 10.83 -5.70 -9.19
C GLY A 35 11.02 -4.79 -8.00
N THR A 36 10.57 -3.57 -8.15
CA THR A 36 10.68 -2.56 -7.12
C THR A 36 9.68 -2.90 -6.00
N ARG A 37 9.98 -2.50 -4.79
CA ARG A 37 9.18 -2.84 -3.67
C ARG A 37 9.22 -1.66 -2.77
N LEU A 38 8.09 -1.14 -2.46
CA LEU A 38 8.03 0.08 -1.75
C LEU A 38 7.29 -0.12 -0.46
N VAL A 39 8.02 -0.23 0.59
CA VAL A 39 7.45 -0.42 1.90
C VAL A 39 7.98 0.67 2.80
N GLY A 40 7.22 1.05 3.80
CA GLY A 40 7.67 2.07 4.71
C GLY A 40 7.54 3.45 4.10
N GLU A 41 8.57 4.25 4.24
CA GLU A 41 8.58 5.61 3.72
C GLU A 41 8.59 5.60 2.20
N ASP A 42 9.12 4.53 1.66
CA ASP A 42 9.26 4.36 0.22
C ASP A 42 7.93 4.06 -0.41
N ALA A 43 7.02 3.60 0.41
CA ALA A 43 5.70 3.23 -0.02
C ALA A 43 4.89 4.47 -0.33
N PRO A 44 4.04 4.42 -1.35
CA PRO A 44 3.17 5.54 -1.68
C PRO A 44 2.12 5.74 -0.58
N LYS A 45 1.65 6.96 -0.44
CA LYS A 45 0.65 7.26 0.55
C LYS A 45 -0.69 6.73 0.05
N ASN A 46 -1.56 6.36 0.96
CA ASN A 46 -2.89 5.80 0.63
C ASN A 46 -3.69 6.73 -0.28
N LYS A 47 -3.45 8.01 -0.16
CA LYS A 47 -4.09 9.00 -1.02
C LYS A 47 -3.53 8.96 -2.46
N ASP A 48 -2.27 8.58 -2.60
CA ASP A 48 -1.60 8.49 -3.91
C ASP A 48 -1.80 7.13 -4.51
N LEU A 49 -2.11 6.17 -3.66
CA LEU A 49 -2.29 4.76 -4.01
C LEU A 49 -3.18 4.59 -5.23
N VAL A 50 -4.31 5.25 -5.20
CA VAL A 50 -5.28 5.18 -6.28
C VAL A 50 -4.67 5.60 -7.64
N GLU A 51 -3.82 6.61 -7.62
CA GLU A 51 -3.18 7.10 -8.80
C GLU A 51 -2.08 6.14 -9.21
N TRP A 52 -1.33 5.67 -8.24
CA TRP A 52 -0.21 4.74 -8.45
C TRP A 52 -0.74 3.47 -9.15
N LEU A 53 -1.93 3.07 -8.76
CA LEU A 53 -2.62 1.90 -9.32
C LEU A 53 -3.02 2.12 -10.77
N LYS A 54 -3.36 3.34 -11.09
CA LYS A 54 -3.73 3.68 -12.46
C LYS A 54 -2.50 3.62 -13.37
N LEU A 55 -1.36 3.97 -12.84
CA LEU A 55 -0.12 3.92 -13.58
C LEU A 55 0.46 2.52 -13.62
N HIS A 56 0.27 1.75 -12.56
CA HIS A 56 0.82 0.40 -12.49
C HIS A 56 -0.27 -0.64 -12.24
N PRO A 57 -1.00 -1.05 -13.29
CA PRO A 57 -2.06 -2.06 -13.16
C PRO A 57 -1.48 -3.45 -12.88
N THR A 58 -0.20 -3.59 -13.16
CA THR A 58 0.52 -4.81 -13.05
C THR A 58 1.26 -4.90 -11.70
N TYR A 59 0.81 -4.13 -10.74
CA TYR A 59 1.44 -4.11 -9.44
C TYR A 59 0.82 -5.21 -8.55
N THR A 60 1.31 -5.33 -7.34
CA THR A 60 0.77 -6.21 -6.34
C THR A 60 1.01 -5.56 -4.98
N VAL A 61 0.17 -5.79 -4.00
CA VAL A 61 0.40 -5.20 -2.69
C VAL A 61 1.30 -6.13 -1.88
N ASP A 62 2.33 -5.56 -1.27
CA ASP A 62 3.28 -6.35 -0.49
C ASP A 62 2.64 -6.70 0.83
N MET A 63 2.27 -5.69 1.55
CA MET A 63 1.55 -5.85 2.78
C MET A 63 0.26 -5.08 2.66
N PRO A 64 -0.91 -5.73 2.83
CA PRO A 64 -2.24 -5.08 2.67
C PRO A 64 -2.50 -3.98 3.70
N SER A 65 -1.60 -3.82 4.64
CA SER A 65 -1.65 -2.82 5.64
C SER A 65 -0.22 -2.54 6.09
N TYR A 66 -0.02 -1.46 6.81
CA TYR A 66 1.30 -1.08 7.27
C TYR A 66 1.54 -1.73 8.64
N VAL A 67 2.65 -1.40 9.29
CA VAL A 67 2.97 -1.91 10.62
C VAL A 67 1.79 -1.65 11.62
N PRO A 68 1.28 -2.72 12.25
CA PRO A 68 0.16 -2.62 13.20
C PRO A 68 0.43 -1.67 14.36
N LYS A 69 -0.27 -0.58 14.36
CA LYS A 69 -0.18 0.40 15.39
C LYS A 69 -1.56 0.70 15.90
N ASN A 70 -1.87 0.20 17.07
CA ASN A 70 -3.13 0.53 17.69
C ASN A 70 -2.94 1.81 18.43
N ALA A 71 -3.59 2.86 17.93
CA ALA A 71 -3.41 4.24 18.38
C ALA A 71 -2.00 4.73 17.98
N ASP A 72 -1.73 5.99 18.15
CA ASP A 72 -0.43 6.52 17.82
C ASP A 72 0.11 7.28 18.99
N VAL A 73 0.90 6.59 19.78
CA VAL A 73 1.44 7.16 20.97
C VAL A 73 2.76 7.85 20.66
N LEU A 74 2.87 9.04 21.13
CA LEU A 74 4.06 9.81 20.91
C LEU A 74 5.05 9.51 22.03
N PHE A 75 6.25 9.15 21.66
CA PHE A 75 7.28 8.84 22.62
C PHE A 75 7.77 10.10 23.32
N SER A 76 8.64 9.92 24.30
CA SER A 76 9.17 11.03 25.04
C SER A 76 10.12 11.84 24.14
N SER A 77 9.60 12.92 23.62
CA SER A 77 10.27 13.73 22.63
C SER A 77 11.41 14.55 23.24
N PHE A 78 11.29 14.92 24.48
CA PHE A 78 12.32 15.73 25.11
C PHE A 78 13.37 14.86 25.77
N GLN A 79 13.19 13.56 25.63
CA GLN A 79 14.04 12.60 26.26
C GLN A 79 15.27 12.32 25.42
N LYS A 80 16.17 13.24 25.47
CA LYS A 80 17.50 13.09 24.94
C LYS A 80 18.42 14.08 25.62
N LEU A 21 -7.23 2.37 5.95
CA LEU A 21 -6.11 3.14 6.41
C LEU A 21 -6.44 4.61 6.38
N ASP A 22 -5.54 5.43 6.83
CA ASP A 22 -5.69 6.87 6.76
C ASP A 22 -5.13 7.30 5.41
N PRO A 23 -5.54 8.45 4.86
CA PRO A 23 -5.05 8.86 3.53
C PRO A 23 -3.54 9.13 3.53
N ASP A 24 -3.02 9.42 4.70
CA ASP A 24 -1.61 9.72 4.86
C ASP A 24 -0.80 8.45 5.15
N THR A 25 -1.48 7.36 5.43
CA THR A 25 -0.82 6.10 5.71
C THR A 25 -0.19 5.57 4.42
N ARG A 26 0.92 4.90 4.54
CA ARG A 26 1.59 4.36 3.40
C ARG A 26 1.04 2.99 3.08
N ILE A 27 1.08 2.62 1.83
CA ILE A 27 0.61 1.34 1.40
C ILE A 27 1.79 0.57 0.79
N PRO A 28 2.39 -0.37 1.55
CA PRO A 28 3.54 -1.15 1.09
C PRO A 28 3.20 -2.07 -0.10
N VAL A 29 3.63 -1.66 -1.27
CA VAL A 29 3.32 -2.37 -2.49
C VAL A 29 4.58 -2.61 -3.31
N ILE A 30 4.44 -3.45 -4.30
CA ILE A 30 5.53 -3.74 -5.21
C ILE A 30 4.97 -3.95 -6.62
N ASN A 31 5.70 -3.48 -7.60
CA ASN A 31 5.36 -3.70 -8.99
C ASN A 31 6.04 -4.96 -9.43
N LEU A 32 5.27 -5.96 -9.72
CA LEU A 32 5.80 -7.29 -10.04
C LEU A 32 6.62 -7.29 -11.31
N GLU A 33 6.18 -6.54 -12.31
CA GLU A 33 6.86 -6.47 -13.61
C GLU A 33 8.31 -6.02 -13.49
N ASP A 34 8.56 -5.04 -12.67
CA ASP A 34 9.94 -4.55 -12.53
C ASP A 34 10.60 -5.13 -11.32
N GLY A 35 9.88 -5.15 -10.24
CA GLY A 35 10.46 -5.53 -8.98
C GLY A 35 10.62 -4.30 -8.11
N THR A 36 9.95 -3.22 -8.48
CA THR A 36 9.94 -2.01 -7.77
C THR A 36 9.18 -2.20 -6.47
N ARG A 37 9.88 -2.22 -5.38
CA ARG A 37 9.27 -2.47 -4.11
C ARG A 37 9.34 -1.26 -3.24
N LEU A 38 8.21 -0.87 -2.75
CA LEU A 38 8.08 0.31 -1.98
C LEU A 38 7.34 -0.01 -0.69
N VAL A 39 8.08 -0.15 0.36
CA VAL A 39 7.53 -0.46 1.65
C VAL A 39 7.92 0.60 2.66
N GLY A 40 7.11 0.78 3.67
CA GLY A 40 7.38 1.73 4.70
C GLY A 40 7.29 3.15 4.22
N GLU A 41 8.34 3.91 4.47
CA GLU A 41 8.40 5.34 4.12
C GLU A 41 8.33 5.54 2.61
N ASP A 42 8.88 4.59 1.88
CA ASP A 42 8.96 4.68 0.42
C ASP A 42 7.70 4.20 -0.26
N ALA A 43 6.79 3.70 0.52
CA ALA A 43 5.54 3.22 -0.01
C ALA A 43 4.64 4.41 -0.34
N PRO A 44 3.81 4.30 -1.38
CA PRO A 44 2.88 5.37 -1.75
C PRO A 44 1.85 5.60 -0.67
N LYS A 45 1.39 6.82 -0.55
CA LYS A 45 0.39 7.16 0.44
C LYS A 45 -0.96 6.67 -0.01
N ASN A 46 -1.83 6.41 0.91
CA ASN A 46 -3.18 5.91 0.63
C ASN A 46 -3.96 6.89 -0.27
N LYS A 47 -3.67 8.17 -0.15
CA LYS A 47 -4.27 9.20 -1.00
C LYS A 47 -3.74 9.12 -2.45
N ASP A 48 -2.47 8.80 -2.58
CA ASP A 48 -1.80 8.75 -3.89
C ASP A 48 -1.87 7.35 -4.49
N LEU A 49 -2.39 6.43 -3.71
CA LEU A 49 -2.49 5.03 -4.07
C LEU A 49 -3.21 4.86 -5.41
N VAL A 50 -4.35 5.49 -5.53
CA VAL A 50 -5.19 5.42 -6.74
C VAL A 50 -4.43 5.88 -7.99
N GLU A 51 -3.56 6.84 -7.84
CA GLU A 51 -2.75 7.36 -8.91
C GLU A 51 -1.68 6.35 -9.26
N TRP A 52 -1.00 5.85 -8.23
CA TRP A 52 0.09 4.90 -8.38
C TRP A 52 -0.43 3.62 -9.06
N LEU A 53 -1.65 3.25 -8.72
CA LEU A 53 -2.33 2.07 -9.29
C LEU A 53 -2.59 2.24 -10.76
N LYS A 54 -2.87 3.46 -11.17
CA LYS A 54 -3.08 3.75 -12.57
C LYS A 54 -1.76 3.67 -13.33
N LEU A 55 -0.71 3.95 -12.64
CA LEU A 55 0.60 3.92 -13.22
C LEU A 55 1.13 2.50 -13.25
N HIS A 56 0.78 1.72 -12.23
CA HIS A 56 1.23 0.34 -12.10
C HIS A 56 0.07 -0.61 -11.86
N PRO A 57 -0.69 -1.02 -12.90
CA PRO A 57 -1.80 -1.96 -12.72
C PRO A 57 -1.27 -3.37 -12.42
N THR A 58 -0.01 -3.55 -12.73
CA THR A 58 0.71 -4.79 -12.59
C THR A 58 1.36 -4.89 -11.21
N TYR A 59 0.83 -4.16 -10.27
CA TYR A 59 1.39 -4.14 -8.95
C TYR A 59 0.72 -5.21 -8.07
N THR A 60 1.22 -5.37 -6.89
CA THR A 60 0.68 -6.23 -5.87
C THR A 60 1.08 -5.66 -4.52
N VAL A 61 0.21 -5.76 -3.53
CA VAL A 61 0.53 -5.29 -2.20
C VAL A 61 1.54 -6.24 -1.57
N ASP A 62 2.63 -5.70 -1.12
CA ASP A 62 3.72 -6.49 -0.59
C ASP A 62 3.38 -6.95 0.81
N MET A 63 3.01 -6.01 1.61
CA MET A 63 2.67 -6.26 2.98
C MET A 63 1.25 -5.78 3.21
N PRO A 64 0.33 -6.70 3.61
CA PRO A 64 -1.10 -6.38 3.84
C PRO A 64 -1.33 -5.07 4.60
N SER A 65 -0.63 -4.91 5.70
CA SER A 65 -0.69 -3.70 6.47
C SER A 65 0.60 -3.63 7.27
N TYR A 66 0.98 -2.47 7.73
CA TYR A 66 2.20 -2.32 8.48
C TYR A 66 1.88 -1.53 9.73
N VAL A 67 2.78 -1.55 10.68
CA VAL A 67 2.60 -0.79 11.90
C VAL A 67 2.72 0.72 11.63
N PRO A 68 1.68 1.52 11.99
CA PRO A 68 1.69 2.98 11.80
C PRO A 68 2.91 3.62 12.47
N LYS A 69 3.24 4.81 12.03
CA LYS A 69 4.41 5.49 12.55
C LYS A 69 4.15 6.05 13.93
N ASN A 70 2.88 6.17 14.27
CA ASN A 70 2.50 6.58 15.60
C ASN A 70 2.55 5.41 16.55
N ALA A 71 3.73 5.19 17.02
CA ALA A 71 4.06 4.15 17.95
C ALA A 71 5.37 4.54 18.55
N ASP A 72 5.36 4.88 19.79
CA ASP A 72 6.55 5.43 20.41
C ASP A 72 7.38 4.34 21.03
N VAL A 73 6.72 3.34 21.50
CA VAL A 73 7.40 2.21 22.07
C VAL A 73 7.73 1.20 20.97
N LEU A 74 8.97 1.23 20.55
CA LEU A 74 9.43 0.37 19.48
C LEU A 74 9.95 -0.93 20.04
N PHE A 75 9.53 -2.01 19.47
CA PHE A 75 9.94 -3.30 19.92
C PHE A 75 11.08 -3.80 19.07
N SER A 76 12.25 -3.54 19.54
CA SER A 76 13.45 -3.93 18.91
C SER A 76 14.50 -4.07 19.99
N SER A 77 14.86 -5.29 20.32
CA SER A 77 15.86 -5.56 21.32
C SER A 77 16.66 -6.80 20.95
N PHE A 78 16.62 -7.13 19.67
CA PHE A 78 17.37 -8.25 19.16
C PHE A 78 18.79 -7.79 18.90
N GLN A 79 18.91 -6.50 18.62
CA GLN A 79 20.19 -5.86 18.46
C GLN A 79 20.95 -5.85 19.79
N LYS A 80 20.27 -5.34 20.84
CA LYS A 80 20.77 -5.26 22.20
C LYS A 80 19.83 -4.37 22.98
N LEU A 21 -8.28 4.01 5.41
CA LEU A 21 -7.18 4.47 6.25
C LEU A 21 -6.90 5.93 5.94
N ASP A 22 -6.22 6.63 6.83
CA ASP A 22 -5.92 8.04 6.59
C ASP A 22 -5.06 8.21 5.38
N PRO A 23 -5.32 9.28 4.59
CA PRO A 23 -4.57 9.61 3.36
C PRO A 23 -3.06 9.65 3.55
N ASP A 24 -2.61 9.80 4.78
CA ASP A 24 -1.19 9.97 5.04
C ASP A 24 -0.49 8.62 5.31
N THR A 25 -1.26 7.62 5.65
CA THR A 25 -0.75 6.28 5.90
C THR A 25 -0.13 5.68 4.64
N ARG A 26 1.01 5.05 4.80
CA ARG A 26 1.73 4.44 3.69
C ARG A 26 1.15 3.09 3.36
N ILE A 27 1.12 2.75 2.09
CA ILE A 27 0.59 1.48 1.65
C ILE A 27 1.72 0.68 0.97
N PRO A 28 2.27 -0.34 1.66
CA PRO A 28 3.38 -1.14 1.13
C PRO A 28 2.98 -1.97 -0.10
N VAL A 29 3.54 -1.61 -1.24
CA VAL A 29 3.22 -2.26 -2.50
C VAL A 29 4.48 -2.67 -3.24
N ILE A 30 4.34 -3.57 -4.18
CA ILE A 30 5.44 -4.08 -4.95
C ILE A 30 5.05 -4.18 -6.44
N ASN A 31 5.97 -3.86 -7.31
CA ASN A 31 5.73 -4.00 -8.74
C ASN A 31 6.44 -5.25 -9.16
N LEU A 32 5.72 -6.21 -9.64
CA LEU A 32 6.31 -7.49 -9.99
C LEU A 32 7.06 -7.42 -11.31
N GLU A 33 6.64 -6.55 -12.19
CA GLU A 33 7.26 -6.43 -13.50
C GLU A 33 8.58 -5.65 -13.41
N ASP A 34 8.60 -4.67 -12.55
CA ASP A 34 9.82 -3.87 -12.32
C ASP A 34 10.72 -4.51 -11.31
N GLY A 35 10.12 -5.08 -10.30
CA GLY A 35 10.88 -5.65 -9.23
C GLY A 35 11.18 -4.60 -8.18
N THR A 36 10.39 -3.57 -8.16
CA THR A 36 10.54 -2.50 -7.21
C THR A 36 9.56 -2.78 -6.08
N ARG A 37 9.84 -2.30 -4.90
CA ARG A 37 9.01 -2.56 -3.79
C ARG A 37 9.10 -1.39 -2.91
N LEU A 38 8.00 -0.85 -2.61
CA LEU A 38 7.97 0.35 -1.88
C LEU A 38 7.23 0.09 -0.60
N VAL A 39 7.98 0.04 0.46
CA VAL A 39 7.43 -0.19 1.77
C VAL A 39 7.93 0.92 2.69
N GLY A 40 7.15 1.26 3.67
CA GLY A 40 7.52 2.35 4.56
C GLY A 40 7.26 3.67 3.87
N GLU A 41 8.15 4.61 4.03
CA GLU A 41 8.01 5.93 3.39
C GLU A 41 8.22 5.85 1.90
N ASP A 42 8.87 4.80 1.46
CA ASP A 42 9.06 4.53 0.03
C ASP A 42 7.73 4.25 -0.61
N ALA A 43 6.83 3.71 0.18
CA ALA A 43 5.52 3.35 -0.28
C ALA A 43 4.69 4.60 -0.52
N PRO A 44 3.90 4.60 -1.57
CA PRO A 44 3.00 5.70 -1.82
C PRO A 44 1.98 5.83 -0.69
N LYS A 45 1.63 7.05 -0.31
CA LYS A 45 0.63 7.24 0.71
C LYS A 45 -0.71 6.76 0.24
N ASN A 46 -1.59 6.57 1.17
CA ASN A 46 -2.95 6.09 0.94
C ASN A 46 -3.67 6.91 -0.14
N LYS A 47 -3.41 8.21 -0.16
CA LYS A 47 -4.00 9.12 -1.12
C LYS A 47 -3.37 8.99 -2.51
N ASP A 48 -2.16 8.51 -2.56
CA ASP A 48 -1.42 8.41 -3.81
C ASP A 48 -1.43 7.00 -4.31
N LEU A 49 -1.91 6.12 -3.46
CA LEU A 49 -2.07 4.72 -3.75
C LEU A 49 -2.90 4.57 -5.00
N VAL A 50 -4.04 5.20 -5.01
CA VAL A 50 -4.97 5.13 -6.13
C VAL A 50 -4.34 5.65 -7.43
N GLU A 51 -3.51 6.67 -7.30
CA GLU A 51 -2.82 7.26 -8.42
C GLU A 51 -1.80 6.30 -8.99
N TRP A 52 -1.00 5.75 -8.12
CA TRP A 52 0.08 4.84 -8.48
C TRP A 52 -0.49 3.58 -9.15
N LEU A 53 -1.68 3.20 -8.73
CA LEU A 53 -2.40 2.03 -9.29
C LEU A 53 -2.84 2.28 -10.72
N LYS A 54 -3.17 3.51 -11.02
CA LYS A 54 -3.56 3.90 -12.36
C LYS A 54 -2.36 3.77 -13.28
N LEU A 55 -1.20 4.00 -12.73
CA LEU A 55 0.05 3.88 -13.43
C LEU A 55 0.51 2.43 -13.50
N HIS A 56 0.20 1.65 -12.48
CA HIS A 56 0.71 0.28 -12.38
C HIS A 56 -0.36 -0.75 -12.11
N PRO A 57 -1.07 -1.22 -13.15
CA PRO A 57 -2.03 -2.31 -13.00
C PRO A 57 -1.28 -3.66 -12.86
N THR A 58 0.01 -3.57 -13.05
CA THR A 58 0.94 -4.65 -13.00
C THR A 58 1.56 -4.77 -11.59
N TYR A 59 0.97 -4.09 -10.62
CA TYR A 59 1.50 -4.10 -9.30
C TYR A 59 0.83 -5.20 -8.46
N THR A 60 1.28 -5.35 -7.26
CA THR A 60 0.72 -6.24 -6.28
C THR A 60 0.97 -5.62 -4.90
N VAL A 61 0.08 -5.81 -3.96
CA VAL A 61 0.27 -5.30 -2.62
C VAL A 61 1.26 -6.21 -1.90
N ASP A 62 2.28 -5.60 -1.29
CA ASP A 62 3.33 -6.36 -0.61
C ASP A 62 2.78 -7.06 0.59
N MET A 63 2.14 -6.32 1.44
CA MET A 63 1.53 -6.87 2.61
C MET A 63 0.05 -6.50 2.56
N PRO A 64 -0.83 -7.46 2.16
CA PRO A 64 -2.27 -7.21 2.00
C PRO A 64 -2.90 -6.69 3.29
N SER A 65 -2.58 -7.32 4.38
CA SER A 65 -3.04 -6.87 5.65
C SER A 65 -1.86 -6.83 6.61
N TYR A 66 -1.35 -5.65 6.85
CA TYR A 66 -0.26 -5.50 7.78
C TYR A 66 -0.90 -5.38 9.17
N VAL A 67 -0.22 -5.80 10.23
CA VAL A 67 -0.81 -5.72 11.57
C VAL A 67 0.17 -5.32 12.68
N PRO A 68 0.16 -4.05 13.11
CA PRO A 68 0.89 -3.62 14.25
C PRO A 68 -0.07 -3.41 15.42
N LYS A 69 -1.25 -3.90 15.17
CA LYS A 69 -2.42 -3.75 16.00
C LYS A 69 -3.14 -5.08 16.04
N ASN A 70 -4.15 -5.20 16.87
CA ASN A 70 -4.92 -6.42 16.92
C ASN A 70 -6.00 -6.43 15.88
N ALA A 71 -5.86 -7.31 14.93
CA ALA A 71 -6.86 -7.52 13.94
C ALA A 71 -7.14 -8.99 13.95
N ASP A 72 -8.37 -9.38 14.02
CA ASP A 72 -8.65 -10.78 14.11
C ASP A 72 -8.66 -11.42 12.75
N VAL A 73 -7.51 -11.88 12.38
CA VAL A 73 -7.30 -12.55 11.11
C VAL A 73 -6.96 -14.01 11.37
N LEU A 74 -7.50 -14.51 12.49
CA LEU A 74 -7.35 -15.88 12.99
C LEU A 74 -7.46 -16.91 11.87
N PHE A 75 -6.32 -17.47 11.50
CA PHE A 75 -6.27 -18.45 10.45
C PHE A 75 -6.70 -19.79 11.01
N SER A 76 -6.05 -20.18 12.09
CA SER A 76 -6.34 -21.42 12.74
C SER A 76 -5.58 -21.41 14.06
N SER A 77 -5.99 -22.23 14.98
CA SER A 77 -5.32 -22.32 16.24
C SER A 77 -4.14 -23.25 16.08
N PHE A 78 -2.97 -22.66 16.06
CA PHE A 78 -1.72 -23.40 15.89
C PHE A 78 -1.53 -24.41 17.01
N GLN A 79 -0.73 -25.43 16.76
CA GLN A 79 -0.47 -26.45 17.79
C GLN A 79 0.48 -25.97 18.91
N LYS A 80 1.02 -24.79 18.72
CA LYS A 80 1.85 -24.16 19.71
C LYS A 80 1.04 -23.06 20.38
N LEU A 21 -8.44 5.93 4.68
CA LEU A 21 -7.54 5.86 5.79
C LEU A 21 -7.04 7.27 5.94
N ASP A 22 -6.02 7.50 6.72
CA ASP A 22 -5.38 8.81 6.74
C ASP A 22 -4.68 8.94 5.41
N PRO A 23 -4.67 10.14 4.80
CA PRO A 23 -4.10 10.31 3.45
C PRO A 23 -2.61 10.02 3.42
N ASP A 24 -2.00 10.12 4.59
CA ASP A 24 -0.59 9.90 4.74
C ASP A 24 -0.26 8.46 5.12
N THR A 25 -1.26 7.64 5.38
CA THR A 25 -1.01 6.24 5.68
C THR A 25 -0.36 5.59 4.46
N ARG A 26 0.74 4.92 4.65
CA ARG A 26 1.47 4.36 3.55
C ARG A 26 0.93 3.01 3.20
N ILE A 27 1.02 2.66 1.95
CA ILE A 27 0.54 1.41 1.47
C ILE A 27 1.72 0.66 0.85
N PRO A 28 2.31 -0.29 1.59
CA PRO A 28 3.43 -1.11 1.12
C PRO A 28 3.04 -2.02 -0.05
N VAL A 29 3.56 -1.70 -1.22
CA VAL A 29 3.25 -2.41 -2.44
C VAL A 29 4.53 -2.73 -3.23
N ILE A 30 4.39 -3.50 -4.28
CA ILE A 30 5.51 -3.89 -5.14
C ILE A 30 5.00 -4.04 -6.59
N ASN A 31 5.81 -3.69 -7.58
CA ASN A 31 5.42 -3.91 -8.97
C ASN A 31 6.18 -5.09 -9.48
N LEU A 32 5.47 -6.12 -9.89
CA LEU A 32 6.11 -7.36 -10.36
C LEU A 32 6.91 -7.14 -11.65
N GLU A 33 6.46 -6.18 -12.44
CA GLU A 33 7.12 -5.85 -13.71
C GLU A 33 8.49 -5.19 -13.51
N ASP A 34 8.54 -4.17 -12.68
CA ASP A 34 9.81 -3.44 -12.44
C ASP A 34 10.66 -4.18 -11.47
N GLY A 35 10.02 -4.73 -10.47
CA GLY A 35 10.73 -5.28 -9.36
C GLY A 35 10.89 -4.20 -8.30
N THR A 36 10.17 -3.09 -8.51
CA THR A 36 10.21 -1.97 -7.61
C THR A 36 9.37 -2.34 -6.40
N ARG A 37 9.80 -1.94 -5.24
CA ARG A 37 9.13 -2.34 -4.05
C ARG A 37 9.11 -1.15 -3.17
N LEU A 38 7.97 -0.78 -2.75
CA LEU A 38 7.80 0.41 -2.02
C LEU A 38 7.07 0.07 -0.75
N VAL A 39 7.83 -0.20 0.27
CA VAL A 39 7.28 -0.53 1.55
C VAL A 39 7.85 0.43 2.57
N GLY A 40 7.13 0.64 3.64
CA GLY A 40 7.60 1.51 4.68
C GLY A 40 7.49 2.94 4.29
N GLU A 41 8.61 3.60 4.24
CA GLU A 41 8.66 5.02 3.96
C GLU A 41 8.59 5.28 2.46
N ASP A 42 9.05 4.32 1.67
CA ASP A 42 9.04 4.45 0.21
C ASP A 42 7.70 4.13 -0.35
N ALA A 43 6.85 3.60 0.50
CA ALA A 43 5.52 3.21 0.13
C ALA A 43 4.69 4.44 -0.20
N PRO A 44 3.86 4.37 -1.25
CA PRO A 44 2.99 5.47 -1.63
C PRO A 44 1.95 5.74 -0.55
N LYS A 45 1.52 6.97 -0.43
CA LYS A 45 0.57 7.32 0.59
C LYS A 45 -0.81 6.94 0.10
N ASN A 46 -1.75 6.86 1.01
CA ASN A 46 -3.14 6.51 0.72
C ASN A 46 -3.75 7.47 -0.32
N LYS A 47 -3.32 8.72 -0.29
CA LYS A 47 -3.79 9.71 -1.24
C LYS A 47 -3.28 9.43 -2.67
N ASP A 48 -2.02 9.06 -2.80
CA ASP A 48 -1.42 8.83 -4.14
C ASP A 48 -1.64 7.40 -4.60
N LEU A 49 -2.08 6.57 -3.67
CA LEU A 49 -2.31 5.13 -3.88
C LEU A 49 -3.11 4.85 -5.14
N VAL A 50 -4.25 5.48 -5.29
CA VAL A 50 -5.13 5.23 -6.43
C VAL A 50 -4.46 5.55 -7.77
N GLU A 51 -3.63 6.58 -7.78
CA GLU A 51 -2.95 6.99 -8.98
C GLU A 51 -1.86 6.02 -9.31
N TRP A 52 -1.10 5.63 -8.29
CA TRP A 52 0.00 4.69 -8.41
C TRP A 52 -0.52 3.35 -8.98
N LEU A 53 -1.74 3.03 -8.63
CA LEU A 53 -2.42 1.83 -9.10
C LEU A 53 -2.74 1.88 -10.57
N LYS A 54 -3.04 3.06 -11.06
CA LYS A 54 -3.27 3.25 -12.49
C LYS A 54 -1.94 3.21 -13.24
N LEU A 55 -0.91 3.76 -12.59
CA LEU A 55 0.44 3.75 -13.13
C LEU A 55 1.00 2.34 -13.18
N HIS A 56 0.72 1.55 -12.15
CA HIS A 56 1.20 0.18 -12.05
C HIS A 56 0.05 -0.81 -11.88
N PRO A 57 -0.61 -1.19 -12.99
CA PRO A 57 -1.73 -2.15 -12.94
C PRO A 57 -1.24 -3.56 -12.59
N THR A 58 0.02 -3.82 -12.80
CA THR A 58 0.62 -5.10 -12.57
C THR A 58 1.27 -5.16 -11.19
N TYR A 59 0.78 -4.35 -10.29
CA TYR A 59 1.38 -4.30 -9.00
C TYR A 59 0.77 -5.37 -8.10
N THR A 60 1.36 -5.55 -6.97
CA THR A 60 0.94 -6.47 -5.97
C THR A 60 1.11 -5.79 -4.61
N VAL A 61 0.26 -6.08 -3.67
CA VAL A 61 0.38 -5.51 -2.36
C VAL A 61 1.38 -6.36 -1.56
N ASP A 62 2.37 -5.71 -0.99
CA ASP A 62 3.42 -6.41 -0.24
C ASP A 62 2.96 -6.58 1.20
N MET A 63 2.14 -5.65 1.62
CA MET A 63 1.56 -5.65 2.95
C MET A 63 0.53 -6.80 3.07
N PRO A 64 0.61 -7.61 4.13
CA PRO A 64 -0.31 -8.75 4.32
C PRO A 64 -1.76 -8.30 4.52
N SER A 65 -1.93 -7.31 5.34
CA SER A 65 -3.21 -6.77 5.66
C SER A 65 -2.97 -5.40 6.26
N TYR A 66 -4.00 -4.67 6.52
CA TYR A 66 -3.89 -3.39 7.13
C TYR A 66 -4.99 -3.28 8.14
N VAL A 67 -4.95 -2.25 8.96
CA VAL A 67 -5.97 -2.05 9.97
C VAL A 67 -7.37 -1.92 9.33
N PRO A 68 -8.27 -2.89 9.61
CA PRO A 68 -9.59 -2.87 9.04
C PRO A 68 -10.42 -1.76 9.64
N LYS A 69 -10.53 -0.68 8.92
CA LYS A 69 -11.33 0.47 9.36
C LYS A 69 -12.82 0.23 9.19
N ASN A 70 -13.15 -0.88 8.62
CA ASN A 70 -14.50 -1.38 8.54
C ASN A 70 -14.39 -2.87 8.68
N ALA A 71 -14.58 -3.35 9.87
CA ALA A 71 -14.35 -4.74 10.15
C ALA A 71 -15.64 -5.48 10.28
N ASP A 72 -15.63 -6.73 9.80
CA ASP A 72 -16.75 -7.67 9.85
C ASP A 72 -17.85 -7.35 8.83
N VAL A 73 -17.73 -6.17 8.23
CA VAL A 73 -18.67 -5.62 7.25
C VAL A 73 -20.13 -5.79 7.65
N LEU A 74 -20.57 -4.89 8.51
CA LEU A 74 -21.90 -4.92 9.07
C LEU A 74 -22.93 -4.74 7.98
N PHE A 75 -23.75 -5.74 7.80
CA PHE A 75 -24.77 -5.67 6.80
C PHE A 75 -26.04 -5.12 7.41
N SER A 76 -26.35 -3.92 7.06
CA SER A 76 -27.51 -3.27 7.54
C SER A 76 -28.23 -2.64 6.36
N SER A 77 -29.50 -2.38 6.50
CA SER A 77 -30.29 -1.80 5.41
C SER A 77 -30.71 -0.35 5.73
N PHE A 78 -29.99 0.28 6.66
CA PHE A 78 -30.26 1.67 7.01
C PHE A 78 -29.75 2.56 5.89
N GLN A 79 -30.64 3.21 5.21
CA GLN A 79 -30.25 4.03 4.08
C GLN A 79 -29.91 5.45 4.51
N LYS A 80 -29.69 5.64 5.78
CA LYS A 80 -29.27 6.92 6.31
C LYS A 80 -27.75 6.90 6.41
N LEU A 21 -8.27 3.44 3.97
CA LEU A 21 -7.53 3.76 5.19
C LEU A 21 -7.38 5.28 5.31
N ASP A 22 -6.60 5.71 6.31
CA ASP A 22 -6.27 7.14 6.47
C ASP A 22 -5.44 7.55 5.26
N PRO A 23 -5.63 8.78 4.76
CA PRO A 23 -4.92 9.25 3.55
C PRO A 23 -3.39 9.24 3.71
N ASP A 24 -2.94 9.38 4.94
CA ASP A 24 -1.51 9.44 5.26
C ASP A 24 -0.90 8.08 5.38
N THR A 25 -1.72 7.07 5.63
CA THR A 25 -1.24 5.73 5.85
C THR A 25 -0.50 5.21 4.62
N ARG A 26 0.62 4.56 4.82
CA ARG A 26 1.39 4.03 3.74
C ARG A 26 0.85 2.69 3.32
N ILE A 27 0.96 2.42 2.05
CA ILE A 27 0.58 1.17 1.49
C ILE A 27 1.83 0.63 0.81
N PRO A 28 2.54 -0.27 1.47
CA PRO A 28 3.73 -0.90 0.92
C PRO A 28 3.39 -1.86 -0.23
N VAL A 29 3.57 -1.38 -1.42
CA VAL A 29 3.26 -2.14 -2.61
C VAL A 29 4.51 -2.48 -3.40
N ILE A 30 4.38 -3.40 -4.30
CA ILE A 30 5.47 -3.83 -5.11
C ILE A 30 4.97 -4.07 -6.53
N ASN A 31 5.84 -3.95 -7.47
CA ASN A 31 5.54 -4.27 -8.83
C ASN A 31 6.32 -5.51 -9.15
N LEU A 32 5.64 -6.60 -9.32
CA LEU A 32 6.28 -7.90 -9.53
C LEU A 32 6.93 -7.99 -10.88
N GLU A 33 6.37 -7.31 -11.86
CA GLU A 33 6.88 -7.36 -13.19
C GLU A 33 8.12 -6.51 -13.32
N ASP A 34 8.09 -5.35 -12.71
CA ASP A 34 9.21 -4.42 -12.80
C ASP A 34 10.31 -4.84 -11.85
N GLY A 35 9.95 -5.03 -10.60
CA GLY A 35 10.91 -5.38 -9.58
C GLY A 35 10.97 -4.33 -8.50
N THR A 36 10.33 -3.20 -8.74
CA THR A 36 10.29 -2.12 -7.82
C THR A 36 9.41 -2.49 -6.59
N ARG A 37 9.79 -2.04 -5.40
CA ARG A 37 9.11 -2.36 -4.18
C ARG A 37 9.20 -1.14 -3.33
N LEU A 38 8.10 -0.71 -2.83
CA LEU A 38 8.07 0.51 -2.08
C LEU A 38 7.44 0.23 -0.76
N VAL A 39 8.25 0.10 0.25
CA VAL A 39 7.78 -0.19 1.58
C VAL A 39 8.25 0.89 2.55
N GLY A 40 7.60 0.96 3.69
CA GLY A 40 7.96 1.91 4.71
C GLY A 40 7.54 3.29 4.35
N GLU A 41 8.46 4.21 4.46
CA GLU A 41 8.20 5.60 4.15
C GLU A 41 8.14 5.78 2.65
N ASP A 42 8.86 4.91 1.95
CA ASP A 42 9.01 4.97 0.51
C ASP A 42 7.78 4.47 -0.18
N ALA A 43 6.90 3.88 0.59
CA ALA A 43 5.64 3.41 0.11
C ALA A 43 4.72 4.59 -0.15
N PRO A 44 3.86 4.50 -1.16
CA PRO A 44 2.91 5.55 -1.45
C PRO A 44 1.85 5.67 -0.34
N LYS A 45 1.38 6.87 -0.12
CA LYS A 45 0.34 7.11 0.84
C LYS A 45 -0.98 6.64 0.27
N ASN A 46 -1.90 6.31 1.13
CA ASN A 46 -3.24 5.78 0.75
C ASN A 46 -3.98 6.74 -0.19
N LYS A 47 -3.75 8.03 -0.03
CA LYS A 47 -4.37 9.03 -0.88
C LYS A 47 -3.73 9.03 -2.30
N ASP A 48 -2.47 8.67 -2.37
CA ASP A 48 -1.74 8.64 -3.65
C ASP A 48 -1.76 7.26 -4.27
N LEU A 49 -2.25 6.30 -3.51
CA LEU A 49 -2.32 4.90 -3.92
C LEU A 49 -3.03 4.76 -5.25
N VAL A 50 -4.20 5.36 -5.34
CA VAL A 50 -5.04 5.32 -6.55
C VAL A 50 -4.30 5.82 -7.80
N GLU A 51 -3.44 6.80 -7.62
CA GLU A 51 -2.67 7.38 -8.68
C GLU A 51 -1.59 6.42 -9.13
N TRP A 52 -0.89 5.85 -8.16
CA TRP A 52 0.20 4.92 -8.42
C TRP A 52 -0.33 3.69 -9.14
N LEU A 53 -1.55 3.31 -8.79
CA LEU A 53 -2.24 2.16 -9.40
C LEU A 53 -2.55 2.41 -10.86
N LYS A 54 -2.83 3.66 -11.19
CA LYS A 54 -3.08 4.04 -12.58
C LYS A 54 -1.82 3.91 -13.42
N LEU A 55 -0.68 4.06 -12.78
CA LEU A 55 0.58 3.84 -13.46
C LEU A 55 0.93 2.37 -13.50
N HIS A 56 0.60 1.65 -12.44
CA HIS A 56 1.01 0.26 -12.32
C HIS A 56 -0.14 -0.69 -12.07
N PRO A 57 -0.86 -1.12 -13.14
CA PRO A 57 -1.93 -2.12 -12.99
C PRO A 57 -1.33 -3.50 -12.73
N THR A 58 -0.04 -3.60 -12.98
CA THR A 58 0.75 -4.79 -12.86
C THR A 58 1.37 -4.92 -11.46
N TYR A 59 0.84 -4.16 -10.53
CA TYR A 59 1.41 -4.14 -9.22
C TYR A 59 0.79 -5.26 -8.35
N THR A 60 1.29 -5.36 -7.16
CA THR A 60 0.83 -6.28 -6.15
C THR A 60 1.06 -5.62 -4.80
N VAL A 61 0.17 -5.82 -3.86
CA VAL A 61 0.33 -5.25 -2.55
C VAL A 61 1.28 -6.15 -1.76
N ASP A 62 2.37 -5.58 -1.28
CA ASP A 62 3.37 -6.36 -0.56
C ASP A 62 2.93 -6.50 0.88
N MET A 63 2.63 -5.39 1.48
CA MET A 63 2.04 -5.34 2.79
C MET A 63 0.76 -4.59 2.66
N PRO A 64 -0.32 -5.03 3.32
CA PRO A 64 -1.64 -4.36 3.23
C PRO A 64 -1.57 -2.89 3.66
N SER A 65 -0.62 -2.62 4.53
CA SER A 65 -0.42 -1.30 5.08
C SER A 65 0.78 -1.34 6.01
N TYR A 66 0.96 -2.46 6.68
CA TYR A 66 2.00 -2.63 7.63
C TYR A 66 2.31 -4.12 7.76
N VAL A 67 3.08 -4.48 8.77
CA VAL A 67 3.51 -5.85 9.03
C VAL A 67 2.32 -6.77 9.40
N PRO A 68 2.52 -8.11 9.40
CA PRO A 68 1.50 -9.04 9.84
C PRO A 68 1.33 -8.99 11.37
N LYS A 69 0.34 -8.25 11.80
CA LYS A 69 0.10 -8.04 13.20
C LYS A 69 -1.03 -8.93 13.69
N ASN A 70 -1.81 -9.48 12.77
CA ASN A 70 -2.83 -10.45 13.15
C ASN A 70 -2.10 -11.64 13.73
N ALA A 71 -2.60 -12.15 14.84
CA ALA A 71 -1.91 -13.18 15.62
C ALA A 71 -1.81 -14.54 14.92
N ASP A 72 -0.92 -14.58 13.96
CA ASP A 72 -0.55 -15.75 13.20
C ASP A 72 0.49 -15.28 12.22
N VAL A 73 1.73 -15.35 12.60
CA VAL A 73 2.79 -14.85 11.77
C VAL A 73 4.05 -15.70 11.92
N LEU A 74 4.57 -16.12 10.81
CA LEU A 74 5.73 -16.93 10.77
C LEU A 74 6.94 -16.02 10.59
N PHE A 75 8.12 -16.50 10.93
CA PHE A 75 9.34 -15.76 10.71
C PHE A 75 9.57 -15.61 9.21
N SER A 76 9.87 -14.42 8.79
CA SER A 76 10.08 -14.15 7.40
C SER A 76 11.52 -14.49 7.04
N SER A 77 11.87 -14.29 5.81
CA SER A 77 13.18 -14.56 5.36
C SER A 77 14.10 -13.43 5.80
N PHE A 78 14.90 -13.71 6.81
CA PHE A 78 15.87 -12.76 7.31
C PHE A 78 16.80 -12.36 6.18
N GLN A 79 17.24 -13.40 5.44
CA GLN A 79 18.07 -13.30 4.22
C GLN A 79 19.42 -12.63 4.50
N LYS A 80 19.73 -12.47 5.76
CA LYS A 80 20.91 -11.81 6.20
C LYS A 80 21.20 -12.33 7.58
#